data_4DBD
# 
_entry.id   4DBD 
# 
_audit_conform.dict_name       mmcif_pdbx.dic 
_audit_conform.dict_version    5.379 
_audit_conform.dict_location   http://mmcif.pdb.org/dictionaries/ascii/mmcif_pdbx.dic 
# 
loop_
_database_2.database_id 
_database_2.database_code 
_database_2.pdbx_database_accession 
_database_2.pdbx_DOI 
PDB   4DBD         pdb_00004dbd 10.2210/pdb4dbd/pdb 
RCSB  RCSB070117   ?            ?                   
WWPDB D_1000070117 ?            ?                   
# 
loop_
_pdbx_database_related.db_name 
_pdbx_database_related.db_id 
_pdbx_database_related.details 
_pdbx_database_related.content_type 
PDB 3VE7 . unspecified 
PDB 3VE9 . unspecified 
PDB 4DBE . unspecified 
# 
_pdbx_database_status.status_code                     REL 
_pdbx_database_status.entry_id                        4DBD 
_pdbx_database_status.recvd_initial_deposition_date   2012-01-14 
_pdbx_database_status.deposit_site                    RCSB 
_pdbx_database_status.process_site                    RCSB 
_pdbx_database_status.status_code_sf                  REL 
_pdbx_database_status.status_code_mr                  ? 
_pdbx_database_status.SG_entry                        ? 
_pdbx_database_status.status_code_cs                  ? 
_pdbx_database_status.methods_development_category    ? 
_pdbx_database_status.pdb_format_compatible           Y 
_pdbx_database_status.status_code_nmr_data            ? 
# 
loop_
_audit_author.name 
_audit_author.pdbx_ordinal 
'Fedorov, A.A.' 1 
'Fedorov, E.V.' 2 
'Desai, B.'     3 
'Gerlt, J.A.'   4 
'Almo, S.C.'    5 
# 
_citation.id                        primary 
_citation.title                     
;Crystal structure of orotidine 5'-monophosphate decarboxylase from Sulfolobus solfataricus
;
_citation.journal_abbrev            'To be Published' 
_citation.journal_volume            ? 
_citation.page_first                ? 
_citation.page_last                 ? 
_citation.year                      ? 
_citation.journal_id_ASTM           ? 
_citation.country                   ? 
_citation.journal_id_ISSN           ? 
_citation.journal_id_CSD            0353 
_citation.book_publisher            ? 
_citation.pdbx_database_id_PubMed   ? 
_citation.pdbx_database_id_DOI      ? 
# 
loop_
_citation_author.citation_id 
_citation_author.name 
_citation_author.ordinal 
_citation_author.identifier_ORCID 
primary 'Fedorov, A.A.' 1 ? 
primary 'Fedorov, E.V.' 2 ? 
primary 'Desai, B.'     3 ? 
primary 'Gerlt, J.A.'   4 ? 
primary 'Almo, S.C.'    5 ? 
# 
_cell.entry_id           4DBD 
_cell.length_a           40.367 
_cell.length_b           64.819 
_cell.length_c           73.237 
_cell.angle_alpha        90.00 
_cell.angle_beta         90.00 
_cell.angle_gamma        90.00 
_cell.Z_PDB              4 
_cell.pdbx_unique_axis   ? 
_cell.length_a_esd       ? 
_cell.length_b_esd       ? 
_cell.length_c_esd       ? 
_cell.angle_alpha_esd    ? 
_cell.angle_beta_esd     ? 
_cell.angle_gamma_esd    ? 
# 
_symmetry.entry_id                         4DBD 
_symmetry.space_group_name_H-M             'P 21 21 2' 
_symmetry.pdbx_full_space_group_name_H-M   ? 
_symmetry.cell_setting                     ? 
_symmetry.Int_Tables_number                18 
_symmetry.space_group_name_Hall            ? 
# 
loop_
_entity.id 
_entity.type 
_entity.src_method 
_entity.pdbx_description 
_entity.formula_weight 
_entity.pdbx_number_of_molecules 
_entity.pdbx_ec 
_entity.pdbx_mutation 
_entity.pdbx_fragment 
_entity.details 
1 polymer     man 
;Orotidine 5'-phosphate decarboxylase
;
24733.945 1  4.1.1.23 ? ? ? 
2 non-polymer syn 'SULFATE ION'                          96.063    3  ?        ? ? ? 
3 water       nat water                                  18.015    82 ?        ? ? ? 
# 
_entity_name_com.entity_id   1 
_entity_name_com.name        'OMP decarboxylase' 
# 
_entity_poly.entity_id                      1 
_entity_poly.type                           'polypeptide(L)' 
_entity_poly.nstd_linkage                   no 
_entity_poly.nstd_monomer                   no 
_entity_poly.pdbx_seq_one_letter_code       
;MLKSRVILAMDKPLSYQVLKEMENELYGIKVGLPLVLDLGVDKTRELLIGLDVEEIIVDFKLADIGYIMKSIVERLSFAN
SFIAHSFIGVKGSLDELKRYLDANSKNLYLVAVMSHEGWSTLFADYIKNVIREISPKGIVVGGTKLDHITQYRRDFEKMT
IVSPGMGSQGGSYGDAVCAGADYEIIGRSIYNAGNPLTALRTINKIIEDKVMKCKGAIFRKK
;
_entity_poly.pdbx_seq_one_letter_code_can   
;MLKSRVILAMDKPLSYQVLKEMENELYGIKVGLPLVLDLGVDKTRELLIGLDVEEIIVDFKLADIGYIMKSIVERLSFAN
SFIAHSFIGVKGSLDELKRYLDANSKNLYLVAVMSHEGWSTLFADYIKNVIREISPKGIVVGGTKLDHITQYRRDFEKMT
IVSPGMGSQGGSYGDAVCAGADYEIIGRSIYNAGNPLTALRTINKIIEDKVMKCKGAIFRKK
;
_entity_poly.pdbx_strand_id                 A 
_entity_poly.pdbx_target_identifier         ? 
# 
loop_
_entity_poly_seq.entity_id 
_entity_poly_seq.num 
_entity_poly_seq.mon_id 
_entity_poly_seq.hetero 
1 1   MET n 
1 2   LEU n 
1 3   LYS n 
1 4   SER n 
1 5   ARG n 
1 6   VAL n 
1 7   ILE n 
1 8   LEU n 
1 9   ALA n 
1 10  MET n 
1 11  ASP n 
1 12  LYS n 
1 13  PRO n 
1 14  LEU n 
1 15  SER n 
1 16  TYR n 
1 17  GLN n 
1 18  VAL n 
1 19  LEU n 
1 20  LYS n 
1 21  GLU n 
1 22  MET n 
1 23  GLU n 
1 24  ASN n 
1 25  GLU n 
1 26  LEU n 
1 27  TYR n 
1 28  GLY n 
1 29  ILE n 
1 30  LYS n 
1 31  VAL n 
1 32  GLY n 
1 33  LEU n 
1 34  PRO n 
1 35  LEU n 
1 36  VAL n 
1 37  LEU n 
1 38  ASP n 
1 39  LEU n 
1 40  GLY n 
1 41  VAL n 
1 42  ASP n 
1 43  LYS n 
1 44  THR n 
1 45  ARG n 
1 46  GLU n 
1 47  LEU n 
1 48  LEU n 
1 49  ILE n 
1 50  GLY n 
1 51  LEU n 
1 52  ASP n 
1 53  VAL n 
1 54  GLU n 
1 55  GLU n 
1 56  ILE n 
1 57  ILE n 
1 58  VAL n 
1 59  ASP n 
1 60  PHE n 
1 61  LYS n 
1 62  LEU n 
1 63  ALA n 
1 64  ASP n 
1 65  ILE n 
1 66  GLY n 
1 67  TYR n 
1 68  ILE n 
1 69  MET n 
1 70  LYS n 
1 71  SER n 
1 72  ILE n 
1 73  VAL n 
1 74  GLU n 
1 75  ARG n 
1 76  LEU n 
1 77  SER n 
1 78  PHE n 
1 79  ALA n 
1 80  ASN n 
1 81  SER n 
1 82  PHE n 
1 83  ILE n 
1 84  ALA n 
1 85  HIS n 
1 86  SER n 
1 87  PHE n 
1 88  ILE n 
1 89  GLY n 
1 90  VAL n 
1 91  LYS n 
1 92  GLY n 
1 93  SER n 
1 94  LEU n 
1 95  ASP n 
1 96  GLU n 
1 97  LEU n 
1 98  LYS n 
1 99  ARG n 
1 100 TYR n 
1 101 LEU n 
1 102 ASP n 
1 103 ALA n 
1 104 ASN n 
1 105 SER n 
1 106 LYS n 
1 107 ASN n 
1 108 LEU n 
1 109 TYR n 
1 110 LEU n 
1 111 VAL n 
1 112 ALA n 
1 113 VAL n 
1 114 MET n 
1 115 SER n 
1 116 HIS n 
1 117 GLU n 
1 118 GLY n 
1 119 TRP n 
1 120 SER n 
1 121 THR n 
1 122 LEU n 
1 123 PHE n 
1 124 ALA n 
1 125 ASP n 
1 126 TYR n 
1 127 ILE n 
1 128 LYS n 
1 129 ASN n 
1 130 VAL n 
1 131 ILE n 
1 132 ARG n 
1 133 GLU n 
1 134 ILE n 
1 135 SER n 
1 136 PRO n 
1 137 LYS n 
1 138 GLY n 
1 139 ILE n 
1 140 VAL n 
1 141 VAL n 
1 142 GLY n 
1 143 GLY n 
1 144 THR n 
1 145 LYS n 
1 146 LEU n 
1 147 ASP n 
1 148 HIS n 
1 149 ILE n 
1 150 THR n 
1 151 GLN n 
1 152 TYR n 
1 153 ARG n 
1 154 ARG n 
1 155 ASP n 
1 156 PHE n 
1 157 GLU n 
1 158 LYS n 
1 159 MET n 
1 160 THR n 
1 161 ILE n 
1 162 VAL n 
1 163 SER n 
1 164 PRO n 
1 165 GLY n 
1 166 MET n 
1 167 GLY n 
1 168 SER n 
1 169 GLN n 
1 170 GLY n 
1 171 GLY n 
1 172 SER n 
1 173 TYR n 
1 174 GLY n 
1 175 ASP n 
1 176 ALA n 
1 177 VAL n 
1 178 CYS n 
1 179 ALA n 
1 180 GLY n 
1 181 ALA n 
1 182 ASP n 
1 183 TYR n 
1 184 GLU n 
1 185 ILE n 
1 186 ILE n 
1 187 GLY n 
1 188 ARG n 
1 189 SER n 
1 190 ILE n 
1 191 TYR n 
1 192 ASN n 
1 193 ALA n 
1 194 GLY n 
1 195 ASN n 
1 196 PRO n 
1 197 LEU n 
1 198 THR n 
1 199 ALA n 
1 200 LEU n 
1 201 ARG n 
1 202 THR n 
1 203 ILE n 
1 204 ASN n 
1 205 LYS n 
1 206 ILE n 
1 207 ILE n 
1 208 GLU n 
1 209 ASP n 
1 210 LYS n 
1 211 VAL n 
1 212 MET n 
1 213 LYS n 
1 214 CYS n 
1 215 LYS n 
1 216 GLY n 
1 217 ALA n 
1 218 ILE n 
1 219 PHE n 
1 220 ARG n 
1 221 LYS n 
1 222 LYS n 
# 
_entity_src_gen.entity_id                          1 
_entity_src_gen.pdbx_src_id                        1 
_entity_src_gen.pdbx_alt_source_flag               sample 
_entity_src_gen.pdbx_seq_type                      ? 
_entity_src_gen.pdbx_beg_seq_num                   ? 
_entity_src_gen.pdbx_end_seq_num                   ? 
_entity_src_gen.gene_src_common_name               ? 
_entity_src_gen.gene_src_genus                     ? 
_entity_src_gen.pdbx_gene_src_gene                 'pyrF, Ssol_1680' 
_entity_src_gen.gene_src_species                   ? 
_entity_src_gen.gene_src_strain                    98/2 
_entity_src_gen.gene_src_tissue                    ? 
_entity_src_gen.gene_src_tissue_fraction           ? 
_entity_src_gen.gene_src_details                   ? 
_entity_src_gen.pdbx_gene_src_fragment             ? 
_entity_src_gen.pdbx_gene_src_scientific_name      'Sulfolobus solfataricus' 
_entity_src_gen.pdbx_gene_src_ncbi_taxonomy_id     555311 
_entity_src_gen.pdbx_gene_src_variant              ? 
_entity_src_gen.pdbx_gene_src_cell_line            ? 
_entity_src_gen.pdbx_gene_src_atcc                 ? 
_entity_src_gen.pdbx_gene_src_organ                ? 
_entity_src_gen.pdbx_gene_src_organelle            ? 
_entity_src_gen.pdbx_gene_src_cell                 ? 
_entity_src_gen.pdbx_gene_src_cellular_location    ? 
_entity_src_gen.host_org_common_name               ? 
_entity_src_gen.pdbx_host_org_scientific_name      'Escherichia coli' 
_entity_src_gen.pdbx_host_org_ncbi_taxonomy_id     562 
_entity_src_gen.host_org_genus                     ? 
_entity_src_gen.pdbx_host_org_gene                 ? 
_entity_src_gen.pdbx_host_org_organ                ? 
_entity_src_gen.host_org_species                   ? 
_entity_src_gen.pdbx_host_org_tissue               ? 
_entity_src_gen.pdbx_host_org_tissue_fraction      ? 
_entity_src_gen.pdbx_host_org_strain               ? 
_entity_src_gen.pdbx_host_org_variant              ? 
_entity_src_gen.pdbx_host_org_cell_line            ? 
_entity_src_gen.pdbx_host_org_atcc                 ? 
_entity_src_gen.pdbx_host_org_culture_collection   ? 
_entity_src_gen.pdbx_host_org_cell                 ? 
_entity_src_gen.pdbx_host_org_organelle            ? 
_entity_src_gen.pdbx_host_org_cellular_location    ? 
_entity_src_gen.pdbx_host_org_vector_type          ? 
_entity_src_gen.pdbx_host_org_vector               ? 
_entity_src_gen.host_org_details                   ? 
_entity_src_gen.expression_system_id               ? 
_entity_src_gen.plasmid_name                       ? 
_entity_src_gen.plasmid_details                    ? 
_entity_src_gen.pdbx_description                   ? 
# 
_struct_ref.id                         1 
_struct_ref.db_name                    UNP 
_struct_ref.db_code                    D0KT28_SULS9 
_struct_ref.pdbx_db_accession          D0KT28 
_struct_ref.entity_id                  1 
_struct_ref.pdbx_seq_one_letter_code   
;MLKSRVILAMDKPLSYQVLKEMENELYGIKVGLPLVLDLGVDKTRELLIGLDVEEIIVDFKLADIGYIMKSIVERLSFAN
SFIAHSFIGVKGSLDELKRYLDANSKNLYLVAVMSHEGWSTLFADYIKNVIREISPKGIVVGGTKLDHITQYRRDFEKMT
IVSPGMGSQGGSYGDAVCAGADYEIIGRSIYNAGNPLTALRTINKIIEDKVMKCKGAIFRKK
;
_struct_ref.pdbx_align_begin           1 
_struct_ref.pdbx_db_isoform            ? 
# 
_struct_ref_seq.align_id                      1 
_struct_ref_seq.ref_id                        1 
_struct_ref_seq.pdbx_PDB_id_code              4DBD 
_struct_ref_seq.pdbx_strand_id                A 
_struct_ref_seq.seq_align_beg                 1 
_struct_ref_seq.pdbx_seq_align_beg_ins_code   ? 
_struct_ref_seq.seq_align_end                 222 
_struct_ref_seq.pdbx_seq_align_end_ins_code   ? 
_struct_ref_seq.pdbx_db_accession             D0KT28 
_struct_ref_seq.db_align_beg                  1 
_struct_ref_seq.pdbx_db_align_beg_ins_code    ? 
_struct_ref_seq.db_align_end                  222 
_struct_ref_seq.pdbx_db_align_end_ins_code    ? 
_struct_ref_seq.pdbx_auth_seq_align_beg       1 
_struct_ref_seq.pdbx_auth_seq_align_end       222 
# 
loop_
_chem_comp.id 
_chem_comp.type 
_chem_comp.mon_nstd_flag 
_chem_comp.name 
_chem_comp.pdbx_synonyms 
_chem_comp.formula 
_chem_comp.formula_weight 
ALA 'L-peptide linking' y ALANINE         ? 'C3 H7 N O2'     89.093  
ARG 'L-peptide linking' y ARGININE        ? 'C6 H15 N4 O2 1' 175.209 
ASN 'L-peptide linking' y ASPARAGINE      ? 'C4 H8 N2 O3'    132.118 
ASP 'L-peptide linking' y 'ASPARTIC ACID' ? 'C4 H7 N O4'     133.103 
CYS 'L-peptide linking' y CYSTEINE        ? 'C3 H7 N O2 S'   121.158 
GLN 'L-peptide linking' y GLUTAMINE       ? 'C5 H10 N2 O3'   146.144 
GLU 'L-peptide linking' y 'GLUTAMIC ACID' ? 'C5 H9 N O4'     147.129 
GLY 'peptide linking'   y GLYCINE         ? 'C2 H5 N O2'     75.067  
HIS 'L-peptide linking' y HISTIDINE       ? 'C6 H10 N3 O2 1' 156.162 
HOH non-polymer         . WATER           ? 'H2 O'           18.015  
ILE 'L-peptide linking' y ISOLEUCINE      ? 'C6 H13 N O2'    131.173 
LEU 'L-peptide linking' y LEUCINE         ? 'C6 H13 N O2'    131.173 
LYS 'L-peptide linking' y LYSINE          ? 'C6 H15 N2 O2 1' 147.195 
MET 'L-peptide linking' y METHIONINE      ? 'C5 H11 N O2 S'  149.211 
PHE 'L-peptide linking' y PHENYLALANINE   ? 'C9 H11 N O2'    165.189 
PRO 'L-peptide linking' y PROLINE         ? 'C5 H9 N O2'     115.130 
SER 'L-peptide linking' y SERINE          ? 'C3 H7 N O3'     105.093 
SO4 non-polymer         . 'SULFATE ION'   ? 'O4 S -2'        96.063  
THR 'L-peptide linking' y THREONINE       ? 'C4 H9 N O3'     119.119 
TRP 'L-peptide linking' y TRYPTOPHAN      ? 'C11 H12 N2 O2'  204.225 
TYR 'L-peptide linking' y TYROSINE        ? 'C9 H11 N O3'    181.189 
VAL 'L-peptide linking' y VALINE          ? 'C5 H11 N O2'    117.146 
# 
_exptl.entry_id          4DBD 
_exptl.method            'X-RAY DIFFRACTION' 
_exptl.crystals_number   1 
# 
_exptl_crystal.id                    1 
_exptl_crystal.density_meas          ? 
_exptl_crystal.density_Matthews      1.94 
_exptl_crystal.density_percent_sol   36.50 
_exptl_crystal.description           ? 
_exptl_crystal.F_000                 ? 
_exptl_crystal.preparation           ? 
# 
_exptl_crystal_grow.crystal_id      1 
_exptl_crystal_grow.method          'VAPOR DIFFUSION, HANGING DROP' 
_exptl_crystal_grow.temp            293.0 
_exptl_crystal_grow.temp_details    ? 
_exptl_crystal_grow.pH              5.6 
_exptl_crystal_grow.pdbx_details    
'1.0M lithium sulfate, 0.1M sodium citrate, 0.5M ammonium sulfate, pH 5.6, VAPOR DIFFUSION, HANGING DROP, temperature 293.0K' 
_exptl_crystal_grow.pdbx_pH_range   ? 
# 
_diffrn.id                     1 
_diffrn.ambient_temp           100 
_diffrn.ambient_temp_details   ? 
_diffrn.crystal_id             1 
# 
_diffrn_detector.diffrn_id              1 
_diffrn_detector.detector               CCD 
_diffrn_detector.type                   'ADSC QUANTUM 315r' 
_diffrn_detector.pdbx_collection_date   2010-11-05 
_diffrn_detector.details                ? 
# 
_diffrn_radiation.diffrn_id                        1 
_diffrn_radiation.wavelength_id                    1 
_diffrn_radiation.pdbx_monochromatic_or_laue_m_l   M 
_diffrn_radiation.monochromator                    MIRRORS 
_diffrn_radiation.pdbx_diffrn_protocol             'SINGLE WAVELENGTH' 
_diffrn_radiation.pdbx_scattering_type             x-ray 
# 
_diffrn_radiation_wavelength.id           1 
_diffrn_radiation_wavelength.wavelength   1.075 
_diffrn_radiation_wavelength.wt           1.0 
# 
_diffrn_source.diffrn_id                   1 
_diffrn_source.source                      SYNCHROTRON 
_diffrn_source.type                        'NSLS BEAMLINE X29A' 
_diffrn_source.pdbx_synchrotron_site       NSLS 
_diffrn_source.pdbx_synchrotron_beamline   X29A 
_diffrn_source.pdbx_wavelength             ? 
_diffrn_source.pdbx_wavelength_list        1.075 
# 
_reflns.entry_id                     4DBD 
_reflns.observed_criterion_sigma_I   0.0 
_reflns.observed_criterion_sigma_F   0.0 
_reflns.d_resolution_low             36.618 
_reflns.d_resolution_high            1.699 
_reflns.number_obs                   21586 
_reflns.number_all                   21586 
_reflns.percent_possible_obs         98.82 
_reflns.pdbx_Rmerge_I_obs            ? 
_reflns.pdbx_Rsym_value              ? 
_reflns.pdbx_netI_over_sigmaI        ? 
_reflns.B_iso_Wilson_estimate        ? 
_reflns.pdbx_redundancy              ? 
_reflns.R_free_details               ? 
_reflns.limit_h_max                  ? 
_reflns.limit_h_min                  ? 
_reflns.limit_k_max                  ? 
_reflns.limit_k_min                  ? 
_reflns.limit_l_max                  ? 
_reflns.limit_l_min                  ? 
_reflns.observed_criterion_F_max     ? 
_reflns.observed_criterion_F_min     ? 
_reflns.pdbx_chi_squared             ? 
_reflns.pdbx_scaling_rejects         ? 
_reflns.pdbx_ordinal                 1 
_reflns.pdbx_diffrn_id               1 
# 
_refine.entry_id                                 4DBD 
_refine.ls_number_reflns_obs                     21586 
_refine.ls_number_reflns_all                     21586 
_refine.pdbx_ls_sigma_I                          ? 
_refine.pdbx_ls_sigma_F                          0.0 
_refine.pdbx_data_cutoff_high_absF               ? 
_refine.pdbx_data_cutoff_low_absF                ? 
_refine.pdbx_data_cutoff_high_rms_absF           ? 
_refine.ls_d_res_low                             36.618 
_refine.ls_d_res_high                            1.699 
_refine.ls_percent_reflns_obs                    98.82 
_refine.ls_R_factor_obs                          0.2097 
_refine.ls_R_factor_all                          0.2097 
_refine.ls_R_factor_R_work                       0.2078 
_refine.ls_R_factor_R_free                       0.2450 
_refine.ls_R_factor_R_free_error                 ? 
_refine.ls_R_factor_R_free_error_details         ? 
_refine.ls_percent_reflns_R_free                 5.13 
_refine.ls_number_reflns_R_free                  1107 
_refine.ls_number_parameters                     ? 
_refine.ls_number_restraints                     ? 
_refine.occupancy_min                            ? 
_refine.occupancy_max                            ? 
_refine.correlation_coeff_Fo_to_Fc               ? 
_refine.correlation_coeff_Fo_to_Fc_free          ? 
_refine.B_iso_mean                               ? 
_refine.aniso_B[1][1]                            -4.7229 
_refine.aniso_B[2][2]                            10.7679 
_refine.aniso_B[3][3]                            -6.0450 
_refine.aniso_B[1][2]                            0.0000 
_refine.aniso_B[1][3]                            -0.0000 
_refine.aniso_B[2][3]                            -0.0000 
_refine.solvent_model_details                    'FLAT BULK SOLVENT MODEL' 
_refine.solvent_model_param_ksol                 0.360 
_refine.solvent_model_param_bsol                 29.097 
_refine.pdbx_solvent_vdw_probe_radii             1.40 
_refine.pdbx_solvent_ion_probe_radii             ? 
_refine.pdbx_solvent_shrinkage_radii             1.17 
_refine.pdbx_ls_cross_valid_method               ? 
_refine.details                                  ? 
_refine.pdbx_starting_model                      3VE9 
_refine.pdbx_method_to_determine_struct          'MOLECULAR REPLACEMENT' 
_refine.pdbx_isotropic_thermal_model             ? 
_refine.pdbx_stereochemistry_target_values       ML 
_refine.pdbx_stereochem_target_val_spec_case     ? 
_refine.pdbx_R_Free_selection_details            RANDOM 
_refine.pdbx_overall_ESU_R                       ? 
_refine.pdbx_overall_ESU_R_Free                  ? 
_refine.overall_SU_ML                            0.43 
_refine.pdbx_overall_phase_error                 25.41 
_refine.overall_SU_B                             ? 
_refine.overall_SU_R_Cruickshank_DPI             ? 
_refine.ls_redundancy_reflns_obs                 ? 
_refine.B_iso_min                                ? 
_refine.B_iso_max                                ? 
_refine.overall_SU_R_free                        ? 
_refine.ls_wR_factor_R_free                      ? 
_refine.ls_wR_factor_R_work                      ? 
_refine.overall_FOM_free_R_set                   ? 
_refine.overall_FOM_work_R_set                   ? 
_refine.pdbx_diffrn_id                           1 
_refine.pdbx_refine_id                           'X-RAY DIFFRACTION' 
_refine.pdbx_TLS_residual_ADP_flag               ? 
_refine.pdbx_overall_SU_R_free_Cruickshank_DPI   ? 
_refine.pdbx_overall_SU_R_Blow_DPI               ? 
_refine.pdbx_overall_SU_R_free_Blow_DPI          ? 
# 
_refine_hist.pdbx_refine_id                   'X-RAY DIFFRACTION' 
_refine_hist.cycle_id                         LAST 
_refine_hist.pdbx_number_atoms_protein        1636 
_refine_hist.pdbx_number_atoms_nucleic_acid   0 
_refine_hist.pdbx_number_atoms_ligand         15 
_refine_hist.number_atoms_solvent             82 
_refine_hist.number_atoms_total               1733 
_refine_hist.d_res_high                       1.699 
_refine_hist.d_res_low                        36.618 
# 
loop_
_refine_ls_restr.type 
_refine_ls_restr.dev_ideal 
_refine_ls_restr.dev_ideal_target 
_refine_ls_restr.weight 
_refine_ls_restr.number 
_refine_ls_restr.pdbx_restraint_function 
_refine_ls_restr.pdbx_refine_id 
f_bond_d           0.006  ? ? 1705 ? 'X-RAY DIFFRACTION' 
f_angle_d          0.992  ? ? 2303 ? 'X-RAY DIFFRACTION' 
f_dihedral_angle_d 13.397 ? ? 638  ? 'X-RAY DIFFRACTION' 
f_chiral_restr     0.071  ? ? 262  ? 'X-RAY DIFFRACTION' 
f_plane_restr      0.004  ? ? 289  ? 'X-RAY DIFFRACTION' 
# 
loop_
_refine_ls_shell.pdbx_total_number_of_bins_used 
_refine_ls_shell.d_res_high 
_refine_ls_shell.d_res_low 
_refine_ls_shell.number_reflns_R_work 
_refine_ls_shell.R_factor_R_work 
_refine_ls_shell.percent_reflns_obs 
_refine_ls_shell.R_factor_R_free 
_refine_ls_shell.R_factor_R_free_error 
_refine_ls_shell.percent_reflns_R_free 
_refine_ls_shell.number_reflns_R_free 
_refine_ls_shell.number_reflns_all 
_refine_ls_shell.R_factor_all 
_refine_ls_shell.number_reflns_obs 
_refine_ls_shell.redundancy_reflns_obs 
_refine_ls_shell.pdbx_refine_id 
. 1.6993 1.7767  2320 0.3067 91.00  0.3604 . . 122 . . . . 'X-RAY DIFFRACTION' 
. 1.7767 1.8703  2528 0.2612 100.00 0.3045 . . 128 . . . . 'X-RAY DIFFRACTION' 
. 1.8703 1.9875  2539 0.2147 100.00 0.2773 . . 157 . . . . 'X-RAY DIFFRACTION' 
. 1.9875 2.1410  2573 0.2141 100.00 0.2459 . . 132 . . . . 'X-RAY DIFFRACTION' 
. 2.1410 2.3564  2561 0.2114 100.00 0.2784 . . 141 . . . . 'X-RAY DIFFRACTION' 
. 2.3564 2.6973  2587 0.2129 100.00 0.3078 . . 154 . . . . 'X-RAY DIFFRACTION' 
. 2.6973 3.3979  2614 0.2122 100.00 0.2116 . . 135 . . . . 'X-RAY DIFFRACTION' 
. 3.3979 36.6270 2757 0.1832 100.00 0.2007 . . 138 . . . . 'X-RAY DIFFRACTION' 
# 
_struct.entry_id                  4DBD 
_struct.title                     
;Crystal structure of orotidine 5'-monophosphate decarboxylase from Sulfolobus solfataricus
;
_struct.pdbx_model_details        ? 
_struct.pdbx_CASP_flag            ? 
_struct.pdbx_model_type_details   ? 
# 
_struct_keywords.entry_id        4DBD 
_struct_keywords.pdbx_keywords   LYASE 
_struct_keywords.text            
;TIM barrel, orotidine 5'-monophosphate decarboxylase, orotidine 5'-monophosphate, LYASE
;
# 
loop_
_struct_asym.id 
_struct_asym.pdbx_blank_PDB_chainid_flag 
_struct_asym.pdbx_modified 
_struct_asym.entity_id 
_struct_asym.details 
A N N 1 ? 
B N N 2 ? 
C N N 2 ? 
D N N 2 ? 
E N N 3 ? 
# 
_struct_biol.id        1 
_struct_biol.details   ? 
# 
loop_
_struct_conf.conf_type_id 
_struct_conf.id 
_struct_conf.pdbx_PDB_helix_id 
_struct_conf.beg_label_comp_id 
_struct_conf.beg_label_asym_id 
_struct_conf.beg_label_seq_id 
_struct_conf.pdbx_beg_PDB_ins_code 
_struct_conf.end_label_comp_id 
_struct_conf.end_label_asym_id 
_struct_conf.end_label_seq_id 
_struct_conf.pdbx_end_PDB_ins_code 
_struct_conf.beg_auth_comp_id 
_struct_conf.beg_auth_asym_id 
_struct_conf.beg_auth_seq_id 
_struct_conf.end_auth_comp_id 
_struct_conf.end_auth_asym_id 
_struct_conf.end_auth_seq_id 
_struct_conf.pdbx_PDB_helix_class 
_struct_conf.details 
_struct_conf.pdbx_PDB_helix_length 
HELX_P HELX_P1  1  SER A 15  ? GLU A 23  ? SER A 15  GLU A 23  1 ? 9  
HELX_P HELX_P2  2  ASN A 24  ? LEU A 26  ? ASN A 24  LEU A 26  5 ? 3  
HELX_P HELX_P3  3  LEU A 33  ? GLY A 40  ? LEU A 33  GLY A 40  1 ? 8  
HELX_P HELX_P4  4  GLY A 40  ? ILE A 49  ? GLY A 40  ILE A 49  1 ? 10 
HELX_P HELX_P5  5  ILE A 65  ? GLU A 74  ? ILE A 65  GLU A 74  1 ? 10 
HELX_P HELX_P6  6  SER A 93  ? ASN A 104 ? SER A 93  ASN A 104 1 ? 12 
HELX_P HELX_P7  7  PHE A 123 ? SER A 135 ? PHE A 123 SER A 135 1 ? 13 
HELX_P HELX_P8  8  LYS A 145 ? PHE A 156 ? LYS A 145 PHE A 156 1 ? 12 
HELX_P HELX_P9  9  GLY A 174 ? GLY A 180 ? GLY A 174 GLY A 180 1 ? 7  
HELX_P HELX_P10 10 GLY A 187 ? ASN A 192 ? GLY A 187 ASN A 192 1 ? 6  
HELX_P HELX_P11 11 ASN A 195 ? VAL A 211 ? ASN A 195 VAL A 211 1 ? 17 
# 
_struct_conf_type.id          HELX_P 
_struct_conf_type.criteria    ? 
_struct_conf_type.reference   ? 
# 
_struct_sheet.id               A 
_struct_sheet.type             ? 
_struct_sheet.number_strands   9 
_struct_sheet.details          ? 
# 
loop_
_struct_sheet_order.sheet_id 
_struct_sheet_order.range_id_1 
_struct_sheet_order.range_id_2 
_struct_sheet_order.offset 
_struct_sheet_order.sense 
A 1 2 ? parallel 
A 2 3 ? parallel 
A 3 4 ? parallel 
A 4 5 ? parallel 
A 5 6 ? parallel 
A 6 7 ? parallel 
A 7 8 ? parallel 
A 8 9 ? parallel 
# 
loop_
_struct_sheet_range.sheet_id 
_struct_sheet_range.id 
_struct_sheet_range.beg_label_comp_id 
_struct_sheet_range.beg_label_asym_id 
_struct_sheet_range.beg_label_seq_id 
_struct_sheet_range.pdbx_beg_PDB_ins_code 
_struct_sheet_range.end_label_comp_id 
_struct_sheet_range.end_label_asym_id 
_struct_sheet_range.end_label_seq_id 
_struct_sheet_range.pdbx_end_PDB_ins_code 
_struct_sheet_range.beg_auth_comp_id 
_struct_sheet_range.beg_auth_asym_id 
_struct_sheet_range.beg_auth_seq_id 
_struct_sheet_range.end_auth_comp_id 
_struct_sheet_range.end_auth_asym_id 
_struct_sheet_range.end_auth_seq_id 
A 1 VAL A 6   ? MET A 10  ? VAL A 6   MET A 10  
A 2 GLY A 28  ? GLY A 32  ? GLY A 28  GLY A 32  
A 3 GLU A 55  ? LEU A 62  ? GLU A 55  LEU A 62  
A 4 SER A 81  ? HIS A 85  ? SER A 81  HIS A 85  
A 5 ASN A 107 ? VAL A 113 ? ASN A 107 VAL A 113 
A 6 GLY A 138 ? VAL A 141 ? GLY A 138 VAL A 141 
A 7 THR A 160 ? SER A 163 ? THR A 160 SER A 163 
A 8 TYR A 183 ? ILE A 186 ? TYR A 183 ILE A 186 
A 9 VAL A 6   ? MET A 10  ? VAL A 6   MET A 10  
# 
loop_
_pdbx_struct_sheet_hbond.sheet_id 
_pdbx_struct_sheet_hbond.range_id_1 
_pdbx_struct_sheet_hbond.range_id_2 
_pdbx_struct_sheet_hbond.range_1_label_atom_id 
_pdbx_struct_sheet_hbond.range_1_label_comp_id 
_pdbx_struct_sheet_hbond.range_1_label_asym_id 
_pdbx_struct_sheet_hbond.range_1_label_seq_id 
_pdbx_struct_sheet_hbond.range_1_PDB_ins_code 
_pdbx_struct_sheet_hbond.range_1_auth_atom_id 
_pdbx_struct_sheet_hbond.range_1_auth_comp_id 
_pdbx_struct_sheet_hbond.range_1_auth_asym_id 
_pdbx_struct_sheet_hbond.range_1_auth_seq_id 
_pdbx_struct_sheet_hbond.range_2_label_atom_id 
_pdbx_struct_sheet_hbond.range_2_label_comp_id 
_pdbx_struct_sheet_hbond.range_2_label_asym_id 
_pdbx_struct_sheet_hbond.range_2_label_seq_id 
_pdbx_struct_sheet_hbond.range_2_PDB_ins_code 
_pdbx_struct_sheet_hbond.range_2_auth_atom_id 
_pdbx_struct_sheet_hbond.range_2_auth_comp_id 
_pdbx_struct_sheet_hbond.range_2_auth_asym_id 
_pdbx_struct_sheet_hbond.range_2_auth_seq_id 
A 1 2 N LEU A 8   ? N LEU A 8   O LYS A 30  ? O LYS A 30  
A 2 3 N VAL A 31  ? N VAL A 31  O ILE A 57  ? O ILE A 57  
A 3 4 N LEU A 62  ? N LEU A 62  O HIS A 85  ? O HIS A 85  
A 4 5 N PHE A 82  ? N PHE A 82  O TYR A 109 ? O TYR A 109 
A 5 6 N ALA A 112 ? N ALA A 112 O VAL A 140 ? O VAL A 140 
A 6 7 N VAL A 141 ? N VAL A 141 O VAL A 162 ? O VAL A 162 
A 7 8 N SER A 163 ? N SER A 163 O ILE A 185 ? O ILE A 185 
A 8 9 O GLU A 184 ? O GLU A 184 N ILE A 7   ? N ILE A 7   
# 
loop_
_struct_site.id 
_struct_site.pdbx_evidence_code 
_struct_site.pdbx_auth_asym_id 
_struct_site.pdbx_auth_comp_id 
_struct_site.pdbx_auth_seq_id 
_struct_site.pdbx_auth_ins_code 
_struct_site.pdbx_num_residues 
_struct_site.details 
AC1 Software A SO4 301 ? 7 'BINDING SITE FOR RESIDUE SO4 A 301' 
AC2 Software A SO4 302 ? 2 'BINDING SITE FOR RESIDUE SO4 A 302' 
AC3 Software A SO4 303 ? 6 'BINDING SITE FOR RESIDUE SO4 A 303' 
# 
loop_
_struct_site_gen.id 
_struct_site_gen.site_id 
_struct_site_gen.pdbx_num_res 
_struct_site_gen.label_comp_id 
_struct_site_gen.label_asym_id 
_struct_site_gen.label_seq_id 
_struct_site_gen.pdbx_auth_ins_code 
_struct_site_gen.auth_comp_id 
_struct_site_gen.auth_asym_id 
_struct_site_gen.auth_seq_id 
_struct_site_gen.label_atom_id 
_struct_site_gen.label_alt_id 
_struct_site_gen.symmetry 
_struct_site_gen.details 
1  AC1 7 GLN A 169 ? GLN A 169 . ? 1_555 ? 
2  AC1 7 GLY A 187 ? GLY A 187 . ? 1_555 ? 
3  AC1 7 ARG A 188 ? ARG A 188 . ? 1_555 ? 
4  AC1 7 HOH E .   ? HOH A 407 . ? 1_555 ? 
5  AC1 7 HOH E .   ? HOH A 419 . ? 1_555 ? 
6  AC1 7 HOH E .   ? HOH A 431 . ? 1_555 ? 
7  AC1 7 HOH E .   ? HOH A 451 . ? 1_555 ? 
8  AC2 2 THR A 121 ? THR A 121 . ? 1_555 ? 
9  AC2 2 HIS A 148 ? HIS A 148 . ? 1_555 ? 
10 AC3 6 GLY A 40  ? GLY A 40  . ? 2_555 ? 
11 AC3 6 GLY A 40  ? GLY A 40  . ? 1_555 ? 
12 AC3 6 VAL A 41  ? VAL A 41  . ? 1_555 ? 
13 AC3 6 VAL A 41  ? VAL A 41  . ? 2_555 ? 
14 AC3 6 HOH E .   ? HOH A 438 . ? 2_555 ? 
15 AC3 6 HOH E .   ? HOH A 438 . ? 1_555 ? 
# 
_atom_sites.entry_id                    4DBD 
_atom_sites.fract_transf_matrix[1][1]   -0.02153078 
_atom_sites.fract_transf_matrix[1][2]   0.01224355 
_atom_sites.fract_transf_matrix[1][3]   -0.00047184 
_atom_sites.fract_transf_matrix[2][1]   -0.00325125 
_atom_sites.fract_transf_matrix[2][2]   -0.00624646 
_atom_sites.fract_transf_matrix[2][3]   -0.01372714 
_atom_sites.fract_transf_matrix[3][1]   -0.00610955 
_atom_sites.fract_transf_matrix[3][2]   -0.01050392 
_atom_sites.fract_transf_matrix[3][3]   0.00622679 
_atom_sites.fract_transf_vector[1]      0.131941 
_atom_sites.fract_transf_vector[2]      -0.194503 
_atom_sites.fract_transf_vector[3]      -0.241885 
# 
loop_
_atom_type.symbol 
C 
N 
O 
S 
# 
loop_
_atom_site.group_PDB 
_atom_site.id 
_atom_site.type_symbol 
_atom_site.label_atom_id 
_atom_site.label_alt_id 
_atom_site.label_comp_id 
_atom_site.label_asym_id 
_atom_site.label_entity_id 
_atom_site.label_seq_id 
_atom_site.pdbx_PDB_ins_code 
_atom_site.Cartn_x 
_atom_site.Cartn_y 
_atom_site.Cartn_z 
_atom_site.occupancy 
_atom_site.B_iso_or_equiv 
_atom_site.pdbx_formal_charge 
_atom_site.auth_seq_id 
_atom_site.auth_comp_id 
_atom_site.auth_asym_id 
_atom_site.auth_atom_id 
_atom_site.pdbx_PDB_model_num 
ATOM   1    N N   . LYS A 1 3   ? -1.440  12.871  13.673  1.00 49.66 ? 3   LYS A N   1 
ATOM   2    C CA  . LYS A 1 3   ? -0.795  12.506  12.415  1.00 50.75 ? 3   LYS A CA  1 
ATOM   3    C C   . LYS A 1 3   ? -1.721  11.730  11.481  1.00 36.86 ? 3   LYS A C   1 
ATOM   4    O O   . LYS A 1 3   ? -2.609  11.000  11.931  1.00 43.20 ? 3   LYS A O   1 
ATOM   5    C CB  . LYS A 1 3   ? 0.489   11.713  12.671  1.00 54.83 ? 3   LYS A CB  1 
ATOM   6    C CG  . LYS A 1 3   ? 1.674   12.583  13.055  1.00 64.86 ? 3   LYS A CG  1 
ATOM   7    C CD  . LYS A 1 3   ? 2.027   13.555  11.931  1.00 72.22 ? 3   LYS A CD  1 
ATOM   8    C CE  . LYS A 1 3   ? 3.077   14.575  12.371  1.00 68.61 ? 3   LYS A CE  1 
ATOM   9    N NZ  . LYS A 1 3   ? 3.745   15.234  11.210  1.00 66.41 ? 3   LYS A NZ  1 
ATOM   10   N N   . SER A 1 4   ? -1.494  11.887  10.179  1.00 36.66 ? 4   SER A N   1 
ATOM   11   C CA  . SER A 1 4   ? -2.332  11.260  9.164   1.00 33.28 ? 4   SER A CA  1 
ATOM   12   C C   . SER A 1 4   ? -2.172  9.747   9.134   1.00 31.72 ? 4   SER A C   1 
ATOM   13   O O   . SER A 1 4   ? -1.110  9.207   9.451   1.00 34.50 ? 4   SER A O   1 
ATOM   14   C CB  . SER A 1 4   ? -2.034  11.840  7.775   1.00 29.55 ? 4   SER A CB  1 
ATOM   15   O OG  . SER A 1 4   ? -2.885  11.265  6.792   1.00 27.13 ? 4   SER A OG  1 
ATOM   16   N N   . ARG A 1 5   ? -3.247  9.076   8.739   1.00 25.65 ? 5   ARG A N   1 
ATOM   17   C CA  . ARG A 1 5   ? -3.280  7.633   8.625   1.00 23.44 ? 5   ARG A CA  1 
ATOM   18   C C   . ARG A 1 5   ? -3.476  7.270   7.168   1.00 13.91 ? 5   ARG A C   1 
ATOM   19   O O   . ARG A 1 5   ? -3.791  6.116   6.847   1.00 24.98 ? 5   ARG A O   1 
ATOM   20   C CB  . ARG A 1 5   ? -4.467  7.096   9.410   1.00 29.66 ? 5   ARG A CB  1 
ATOM   21   C CG  . ARG A 1 5   ? -4.413  7.374   10.890  1.00 31.72 ? 5   ARG A CG  1 
ATOM   22   C CD  . ARG A 1 5   ? -3.581  6.328   11.573  1.00 31.44 ? 5   ARG A CD  1 
ATOM   23   N NE  . ARG A 1 5   ? -3.741  6.358   13.023  1.00 44.30 ? 5   ARG A NE  1 
ATOM   24   C CZ  . ARG A 1 5   ? -3.806  5.270   13.781  1.00 49.97 ? 5   ARG A CZ  1 
ATOM   25   N NH1 . ARG A 1 5   ? -3.727  4.067   13.223  1.00 43.50 ? 5   ARG A NH1 1 
ATOM   26   N NH2 . ARG A 1 5   ? -3.953  5.382   15.096  1.00 50.97 ? 5   ARG A NH2 1 
ATOM   27   N N   . VAL A 1 6   ? -3.334  8.260   6.295   1.00 17.48 ? 6   VAL A N   1 
ATOM   28   C CA  . VAL A 1 6   ? -3.629  8.063   4.876   1.00 21.55 ? 6   VAL A CA  1 
ATOM   29   C C   . VAL A 1 6   ? -2.390  7.815   4.023   1.00 25.77 ? 6   VAL A C   1 
ATOM   30   O O   . VAL A 1 6   ? -1.386  8.523   4.135   1.00 21.73 ? 6   VAL A O   1 
ATOM   31   C CB  . VAL A 1 6   ? -4.391  9.256   4.272   1.00 22.16 ? 6   VAL A CB  1 
ATOM   32   C CG1 . VAL A 1 6   ? -4.520  9.094   2.769   1.00 19.90 ? 6   VAL A CG1 1 
ATOM   33   C CG2 . VAL A 1 6   ? -5.761  9.407   4.919   1.00 22.25 ? 6   VAL A CG2 1 
ATOM   34   N N   . ILE A 1 7   ? -2.471  6.798   3.170   1.00 20.55 ? 7   ILE A N   1 
ATOM   35   C CA  . ILE A 1 7   ? -1.456  6.585   2.145   1.00 21.27 ? 7   ILE A CA  1 
ATOM   36   C C   . ILE A 1 7   ? -2.097  6.928   0.806   1.00 18.46 ? 7   ILE A C   1 
ATOM   37   O O   . ILE A 1 7   ? -3.091  6.305   0.415   1.00 19.01 ? 7   ILE A O   1 
ATOM   38   C CB  . ILE A 1 7   ? -0.951  5.115   2.120   1.00 17.47 ? 7   ILE A CB  1 
ATOM   39   C CG1 . ILE A 1 7   ? -0.158  4.795   3.388   1.00 18.99 ? 7   ILE A CG1 1 
ATOM   40   C CG2 . ILE A 1 7   ? -0.091  4.875   0.879   1.00 19.17 ? 7   ILE A CG2 1 
ATOM   41   C CD1 . ILE A 1 7   ? 0.076   3.319   3.613   1.00 21.86 ? 7   ILE A CD1 1 
ATOM   42   N N   . LEU A 1 8   ? -1.559  7.928   0.113   1.00 15.72 ? 8   LEU A N   1 
ATOM   43   C CA  . LEU A 1 8   ? -2.105  8.320   -1.179  1.00 16.65 ? 8   LEU A CA  1 
ATOM   44   C C   . LEU A 1 8   ? -1.779  7.283   -2.240  1.00 21.96 ? 8   LEU A C   1 
ATOM   45   O O   . LEU A 1 8   ? -0.610  6.967   -2.467  1.00 21.57 ? 8   LEU A O   1 
ATOM   46   C CB  . LEU A 1 8   ? -1.566  9.685   -1.632  1.00 18.92 ? 8   LEU A CB  1 
ATOM   47   C CG  . LEU A 1 8   ? -1.963  10.125  -3.043  1.00 16.68 ? 8   LEU A CG  1 
ATOM   48   C CD1 . LEU A 1 8   ? -3.491  10.263  -3.159  1.00 17.32 ? 8   LEU A CD1 1 
ATOM   49   C CD2 . LEU A 1 8   ? -1.277  11.435  -3.449  1.00 18.38 ? 8   LEU A CD2 1 
ATOM   50   N N   . ALA A 1 9   ? -2.805  6.765   -2.907  1.00 16.17 ? 9   ALA A N   1 
ATOM   51   C CA  . ALA A 1 9   ? -2.561  5.873   -4.033  1.00 20.52 ? 9   ALA A CA  1 
ATOM   52   C C   . ALA A 1 9   ? -2.462  6.735   -5.267  1.00 17.16 ? 9   ALA A C   1 
ATOM   53   O O   . ALA A 1 9   ? -3.482  7.108   -5.863  1.00 17.04 ? 9   ALA A O   1 
ATOM   54   C CB  . ALA A 1 9   ? -3.672  4.834   -4.176  1.00 19.99 ? 9   ALA A CB  1 
ATOM   55   N N   . MET A 1 10  ? -1.239  7.099   -5.632  1.00 17.83 ? 10  MET A N   1 
ATOM   56   C CA  . MET A 1 10  ? -1.065  7.977   -6.777  1.00 19.80 ? 10  MET A CA  1 
ATOM   57   C C   . MET A 1 10  ? -1.038  7.176   -8.063  1.00 25.35 ? 10  MET A C   1 
ATOM   58   O O   . MET A 1 10  ? 0.026   6.810   -8.562  1.00 26.30 ? 10  MET A O   1 
ATOM   59   C CB  . MET A 1 10  ? 0.186   8.845   -6.633  1.00 26.09 ? 10  MET A CB  1 
ATOM   60   C CG  . MET A 1 10  ? 0.256   9.934   -7.679  1.00 28.94 ? 10  MET A CG  1 
ATOM   61   S SD  . MET A 1 10  ? 1.258   11.339  -7.156  1.00 30.37 ? 10  MET A SD  1 
ATOM   62   C CE  . MET A 1 10  ? 2.860   10.545  -6.994  1.00 20.51 ? 10  MET A CE  1 
ATOM   63   N N   . ASP A 1 11  ? -2.227  6.908   -8.589  1.00 21.14 ? 11  ASP A N   1 
ATOM   64   C CA  . ASP A 1 11  ? -2.385  6.159   -9.828  1.00 19.52 ? 11  ASP A CA  1 
ATOM   65   C C   . ASP A 1 11  ? -2.712  7.107   -10.984 1.00 29.68 ? 11  ASP A C   1 
ATOM   66   O O   . ASP A 1 11  ? -2.862  6.683   -12.132 1.00 33.75 ? 11  ASP A O   1 
ATOM   67   C CB  . ASP A 1 11  ? -3.491  5.113   -9.655  1.00 21.66 ? 11  ASP A CB  1 
ATOM   68   C CG  . ASP A 1 11  ? -3.137  4.063   -8.626  1.00 19.73 ? 11  ASP A CG  1 
ATOM   69   O OD1 . ASP A 1 11  ? -1.996  3.540   -8.674  1.00 20.80 ? 11  ASP A OD1 1 
ATOM   70   O OD2 . ASP A 1 11  ? -3.997  3.763   -7.765  1.00 23.02 ? 11  ASP A OD2 1 
ATOM   71   N N   . LYS A 1 12  ? -2.840  8.392   -10.658 1.00 25.59 ? 12  LYS A N   1 
ATOM   72   C CA  . LYS A 1 12  ? -2.853  9.462   -11.648 1.00 22.47 ? 12  LYS A CA  1 
ATOM   73   C C   . LYS A 1 12  ? -1.894  10.536  -11.164 1.00 24.85 ? 12  LYS A C   1 
ATOM   74   O O   . LYS A 1 12  ? -1.746  10.733  -9.955  1.00 27.16 ? 12  LYS A O   1 
ATOM   75   C CB  . LYS A 1 12  ? -4.249  10.067  -11.784 1.00 27.37 ? 12  LYS A CB  1 
ATOM   76   C CG  . LYS A 1 12  ? -5.185  9.331   -12.721 1.00 25.68 ? 12  LYS A CG  1 
ATOM   77   C CD  . LYS A 1 12  ? -6.471  10.132  -12.851 1.00 28.88 ? 12  LYS A CD  1 
ATOM   78   C CE  . LYS A 1 12  ? -7.423  9.547   -13.876 1.00 36.84 ? 12  LYS A CE  1 
ATOM   79   N NZ  . LYS A 1 12  ? -8.681  10.350  -13.895 1.00 35.37 ? 12  LYS A NZ  1 
ATOM   80   N N   . PRO A 1 13  ? -1.245  11.243  -12.104 1.00 26.72 ? 13  PRO A N   1 
ATOM   81   C CA  . PRO A 1 13  ? -0.296  12.307  -11.768 1.00 25.85 ? 13  PRO A CA  1 
ATOM   82   C C   . PRO A 1 13  ? -0.905  13.425  -10.920 1.00 27.86 ? 13  PRO A C   1 
ATOM   83   O O   . PRO A 1 13  ? -2.005  13.901  -11.218 1.00 27.06 ? 13  PRO A O   1 
ATOM   84   C CB  . PRO A 1 13  ? 0.098   12.857  -13.143 1.00 24.63 ? 13  PRO A CB  1 
ATOM   85   C CG  . PRO A 1 13  ? -0.076  11.695  -14.071 1.00 24.92 ? 13  PRO A CG  1 
ATOM   86   C CD  . PRO A 1 13  ? -1.286  10.972  -13.553 1.00 30.01 ? 13  PRO A CD  1 
ATOM   87   N N   . LEU A 1 14  ? -0.199  13.807  -9.859  1.00 27.02 ? 14  LEU A N   1 
ATOM   88   C CA  . LEU A 1 14  ? -0.477  15.046  -9.139  1.00 27.67 ? 14  LEU A CA  1 
ATOM   89   C C   . LEU A 1 14  ? 0.770   15.931  -9.218  1.00 22.92 ? 14  LEU A C   1 
ATOM   90   O O   . LEU A 1 14  ? 1.888   15.428  -9.303  1.00 24.75 ? 14  LEU A O   1 
ATOM   91   C CB  . LEU A 1 14  ? -0.840  14.773  -7.679  1.00 23.05 ? 14  LEU A CB  1 
ATOM   92   C CG  . LEU A 1 14  ? -2.251  14.253  -7.401  1.00 22.26 ? 14  LEU A CG  1 
ATOM   93   C CD1 . LEU A 1 14  ? -2.549  14.274  -5.911  1.00 24.21 ? 14  LEU A CD1 1 
ATOM   94   C CD2 . LEU A 1 14  ? -3.278  15.089  -8.145  1.00 21.03 ? 14  LEU A CD2 1 
ATOM   95   N N   . SER A 1 15  ? 0.587   17.248  -9.182  1.00 27.00 ? 15  SER A N   1 
ATOM   96   C CA  . SER A 1 15  ? 1.723   18.154  -9.346  1.00 30.42 ? 15  SER A CA  1 
ATOM   97   C C   . SER A 1 15  ? 2.637   18.113  -8.127  1.00 28.68 ? 15  SER A C   1 
ATOM   98   O O   . SER A 1 15  ? 2.216   17.746  -7.032  1.00 28.93 ? 15  SER A O   1 
ATOM   99   C CB  . SER A 1 15  ? 1.248   19.588  -9.560  1.00 27.22 ? 15  SER A CB  1 
ATOM   100  O OG  . SER A 1 15  ? 1.042   20.219  -8.309  1.00 38.91 ? 15  SER A OG  1 
ATOM   101  N N   . TYR A 1 16  ? 3.888   18.523  -8.319  1.00 30.73 ? 16  TYR A N   1 
ATOM   102  C CA  . TYR A 1 16  ? 4.846   18.526  -7.230  1.00 31.54 ? 16  TYR A CA  1 
ATOM   103  C C   . TYR A 1 16  ? 4.402   19.440  -6.099  1.00 20.23 ? 16  TYR A C   1 
ATOM   104  O O   . TYR A 1 16  ? 4.586   19.118  -4.931  1.00 30.47 ? 16  TYR A O   1 
ATOM   105  C CB  . TYR A 1 16  ? 6.230   18.942  -7.733  1.00 28.65 ? 16  TYR A CB  1 
ATOM   106  C CG  . TYR A 1 16  ? 7.326   18.753  -6.706  1.00 35.19 ? 16  TYR A CG  1 
ATOM   107  C CD1 . TYR A 1 16  ? 7.952   17.526  -6.554  1.00 32.13 ? 16  TYR A CD1 1 
ATOM   108  C CD2 . TYR A 1 16  ? 7.733   19.806  -5.890  1.00 40.55 ? 16  TYR A CD2 1 
ATOM   109  C CE1 . TYR A 1 16  ? 8.957   17.344  -5.615  1.00 36.38 ? 16  TYR A CE1 1 
ATOM   110  C CE2 . TYR A 1 16  ? 8.736   19.640  -4.953  1.00 40.27 ? 16  TYR A CE2 1 
ATOM   111  C CZ  . TYR A 1 16  ? 9.344   18.405  -4.816  1.00 46.38 ? 16  TYR A CZ  1 
ATOM   112  O OH  . TYR A 1 16  ? 10.342  18.231  -3.879  1.00 40.07 ? 16  TYR A OH  1 
ATOM   113  N N   . GLN A 1 17  ? 3.841   20.597  -6.446  1.00 31.28 ? 17  GLN A N   1 
ATOM   114  C CA  . GLN A 1 17  ? 3.423   21.552  -5.422  1.00 35.56 ? 17  GLN A CA  1 
ATOM   115  C C   . GLN A 1 17  ? 2.330   20.975  -4.522  1.00 30.00 ? 17  GLN A C   1 
ATOM   116  O O   . GLN A 1 17  ? 2.382   21.126  -3.299  1.00 26.69 ? 17  GLN A O   1 
ATOM   117  C CB  . GLN A 1 17  ? 2.980   22.877  -6.053  1.00 34.64 ? 17  GLN A CB  1 
ATOM   118  C CG  . GLN A 1 17  ? 4.046   23.511  -6.932  1.00 33.56 ? 17  GLN A CG  1 
ATOM   119  C CD  . GLN A 1 17  ? 5.377   23.669  -6.213  1.00 38.98 ? 17  GLN A CD  1 
ATOM   120  O OE1 . GLN A 1 17  ? 5.419   24.005  -5.028  1.00 43.78 ? 17  GLN A OE1 1 
ATOM   121  N NE2 . GLN A 1 17  ? 6.474   23.422  -6.930  1.00 40.51 ? 17  GLN A NE2 1 
ATOM   122  N N   . VAL A 1 18  ? 1.354   20.301  -5.128  1.00 33.71 ? 18  VAL A N   1 
ATOM   123  C CA  . VAL A 1 18  ? 0.302   19.616  -4.368  1.00 33.64 ? 18  VAL A CA  1 
ATOM   124  C C   . VAL A 1 18  ? 0.878   18.598  -3.384  1.00 24.73 ? 18  VAL A C   1 
ATOM   125  O O   . VAL A 1 18  ? 0.511   18.571  -2.204  1.00 30.75 ? 18  VAL A O   1 
ATOM   126  C CB  . VAL A 1 18  ? -0.692  18.895  -5.317  1.00 38.40 ? 18  VAL A CB  1 
ATOM   127  C CG1 . VAL A 1 18  ? -1.624  17.968  -4.535  1.00 37.20 ? 18  VAL A CG1 1 
ATOM   128  C CG2 . VAL A 1 18  ? -1.482  19.904  -6.133  1.00 37.47 ? 18  VAL A CG2 1 
ATOM   129  N N   . LEU A 1 19  ? 1.788   17.762  -3.872  1.00 28.26 ? 19  LEU A N   1 
ATOM   130  C CA  . LEU A 1 19  ? 2.374   16.727  -3.029  1.00 32.59 ? 19  LEU A CA  1 
ATOM   131  C C   . LEU A 1 19  ? 3.129   17.325  -1.840  1.00 26.62 ? 19  LEU A C   1 
ATOM   132  O O   . LEU A 1 19  ? 3.164   16.740  -0.766  1.00 26.28 ? 19  LEU A O   1 
ATOM   133  C CB  . LEU A 1 19  ? 3.275   15.802  -3.857  1.00 32.02 ? 19  LEU A CB  1 
ATOM   134  C CG  . LEU A 1 19  ? 2.543   15.095  -5.004  1.00 23.03 ? 19  LEU A CG  1 
ATOM   135  C CD1 . LEU A 1 19  ? 3.503   14.329  -5.915  1.00 22.48 ? 19  LEU A CD1 1 
ATOM   136  C CD2 . LEU A 1 19  ? 1.469   14.164  -4.453  1.00 24.35 ? 19  LEU A CD2 1 
ATOM   137  N N   . LYS A 1 20  ? 3.718   18.504  -2.026  1.00 36.62 ? 20  LYS A N   1 
ATOM   138  C CA  . LYS A 1 20  ? 4.477   19.135  -0.944  1.00 30.77 ? 20  LYS A CA  1 
ATOM   139  C C   . LYS A 1 20  ? 3.603   19.579  0.230   1.00 30.97 ? 20  LYS A C   1 
ATOM   140  O O   . LYS A 1 20  ? 4.050   19.560  1.378   1.00 35.98 ? 20  LYS A O   1 
ATOM   141  C CB  . LYS A 1 20  ? 5.334   20.293  -1.466  1.00 43.05 ? 20  LYS A CB  1 
ATOM   142  C CG  . LYS A 1 20  ? 6.524   19.845  -2.299  1.00 31.19 ? 20  LYS A CG  1 
ATOM   143  C CD  . LYS A 1 20  ? 7.473   18.965  -1.492  1.00 36.18 ? 20  LYS A CD  1 
ATOM   144  C CE  . LYS A 1 20  ? 8.144   19.740  -0.365  1.00 38.54 ? 20  LYS A CE  1 
ATOM   145  N NZ  . LYS A 1 20  ? 9.117   18.905  0.405   1.00 43.56 ? 20  LYS A NZ  1 
ATOM   146  N N   . GLU A 1 21  ? 2.362   19.973  -0.051  1.00 32.58 ? 21  GLU A N   1 
ATOM   147  C CA  . GLU A 1 21  ? 1.411   20.281  1.015   1.00 43.09 ? 21  GLU A CA  1 
ATOM   148  C C   . GLU A 1 21  ? 0.928   19.010  1.688   1.00 39.06 ? 21  GLU A C   1 
ATOM   149  O O   . GLU A 1 21  ? 0.762   18.959  2.912   1.00 38.97 ? 21  GLU A O   1 
ATOM   150  C CB  . GLU A 1 21  ? 0.206   21.055  0.477   1.00 35.05 ? 21  GLU A CB  1 
ATOM   151  C CG  . GLU A 1 21  ? 0.472   22.533  0.226   1.00 46.06 ? 21  GLU A CG  1 
ATOM   152  C CD  . GLU A 1 21  ? 1.055   23.245  1.441   1.00 42.74 ? 21  GLU A CD  1 
ATOM   153  O OE1 . GLU A 1 21  ? 0.343   23.384  2.461   1.00 42.76 ? 21  GLU A OE1 1 
ATOM   154  O OE2 . GLU A 1 21  ? 2.233   23.661  1.375   1.00 43.50 ? 21  GLU A OE2 1 
ATOM   155  N N   . MET A 1 22  ? 0.695   17.983  0.878   1.00 35.57 ? 22  MET A N   1 
ATOM   156  C CA  . MET A 1 22  ? 0.219   16.709  1.398   1.00 29.89 ? 22  MET A CA  1 
ATOM   157  C C   . MET A 1 22  ? 1.280   16.029  2.244   1.00 35.87 ? 22  MET A C   1 
ATOM   158  O O   . MET A 1 22  ? 0.956   15.289  3.166   1.00 33.18 ? 22  MET A O   1 
ATOM   159  C CB  . MET A 1 22  ? -0.194  15.793  0.248   1.00 27.54 ? 22  MET A CB  1 
ATOM   160  C CG  . MET A 1 22  ? -1.289  16.354  -0.636  1.00 27.76 ? 22  MET A CG  1 
ATOM   161  S SD  . MET A 1 22  ? -1.870  15.075  -1.772  1.00 27.98 ? 22  MET A SD  1 
ATOM   162  C CE  . MET A 1 22  ? -3.505  15.693  -2.172  1.00 26.70 ? 22  MET A CE  1 
ATOM   163  N N   . GLU A 1 23  ? 2.548   16.298  1.939   1.00 31.02 ? 23  GLU A N   1 
ATOM   164  C CA  . GLU A 1 23  ? 3.654   15.571  2.554   1.00 38.90 ? 23  GLU A CA  1 
ATOM   165  C C   . GLU A 1 23  ? 3.524   15.411  4.075   1.00 41.01 ? 23  GLU A C   1 
ATOM   166  O O   . GLU A 1 23  ? 3.771   14.323  4.612   1.00 40.87 ? 23  GLU A O   1 
ATOM   167  C CB  . GLU A 1 23  ? 5.003   16.205  2.174   1.00 39.60 ? 23  GLU A CB  1 
ATOM   168  C CG  . GLU A 1 23  ? 5.606   17.123  3.234   1.00 44.25 ? 23  GLU A CG  1 
ATOM   169  C CD  . GLU A 1 23  ? 6.880   17.799  2.761   1.00 42.44 ? 23  GLU A CD  1 
ATOM   170  O OE1 . GLU A 1 23  ? 7.319   18.776  3.411   1.00 38.99 ? 23  GLU A OE1 1 
ATOM   171  O OE2 . GLU A 1 23  ? 7.434   17.354  1.731   1.00 44.69 ? 23  GLU A OE2 1 
ATOM   172  N N   . ASN A 1 24  ? 3.137   16.482  4.765   1.00 33.42 ? 24  ASN A N   1 
ATOM   173  C CA  . ASN A 1 24  ? 3.032   16.436  6.219   1.00 35.02 ? 24  ASN A CA  1 
ATOM   174  C C   . ASN A 1 24  ? 1.618   16.097  6.678   1.00 37.79 ? 24  ASN A C   1 
ATOM   175  O O   . ASN A 1 24  ? 1.292   16.198  7.864   1.00 36.87 ? 24  ASN A O   1 
ATOM   176  C CB  . ASN A 1 24  ? 3.495   17.758  6.837   1.00 50.39 ? 24  ASN A CB  1 
ATOM   177  C CG  . ASN A 1 24  ? 2.611   18.920  6.450   1.00 45.18 ? 24  ASN A CG  1 
ATOM   178  O OD1 . ASN A 1 24  ? 1.964   18.898  5.403   1.00 44.89 ? 24  ASN A OD1 1 
ATOM   179  N ND2 . ASN A 1 24  ? 2.576   19.945  7.292   1.00 54.72 ? 24  ASN A ND2 1 
ATOM   180  N N   . GLU A 1 25  ? 0.782   15.696  5.725   1.00 42.38 ? 25  GLU A N   1 
ATOM   181  C CA  . GLU A 1 25  ? -0.576  15.255  6.028   1.00 39.83 ? 25  GLU A CA  1 
ATOM   182  C C   . GLU A 1 25  ? -0.886  13.923  5.356   1.00 35.61 ? 25  GLU A C   1 
ATOM   183  O O   . GLU A 1 25  ? -2.050  13.589  5.109   1.00 29.41 ? 25  GLU A O   1 
ATOM   184  C CB  . GLU A 1 25  ? -1.578  16.321  5.629   1.00 32.73 ? 25  GLU A CB  1 
ATOM   185  C CG  . GLU A 1 25  ? -1.501  17.516  6.542   1.00 39.01 ? 25  GLU A CG  1 
ATOM   186  C CD  . GLU A 1 25  ? -2.073  18.756  5.914   1.00 44.56 ? 25  GLU A CD  1 
ATOM   187  O OE1 . GLU A 1 25  ? -3.305  18.945  6.010   1.00 42.50 ? 25  GLU A OE1 1 
ATOM   188  O OE2 . GLU A 1 25  ? -1.291  19.536  5.328   1.00 46.88 ? 25  GLU A OE2 1 
ATOM   189  N N   . LEU A 1 26  ? 0.179   13.180  5.069   1.00 28.24 ? 26  LEU A N   1 
ATOM   190  C CA  . LEU A 1 26  ? 0.094   11.803  4.610   1.00 27.93 ? 26  LEU A CA  1 
ATOM   191  C C   . LEU A 1 26  ? 1.072   11.011  5.436   1.00 35.67 ? 26  LEU A C   1 
ATOM   192  O O   . LEU A 1 26  ? 2.085   11.555  5.885   1.00 34.59 ? 26  LEU A O   1 
ATOM   193  C CB  . LEU A 1 26  ? 0.515   11.685  3.145   1.00 23.40 ? 26  LEU A CB  1 
ATOM   194  C CG  . LEU A 1 26  ? -0.429  12.206  2.067   1.00 25.15 ? 26  LEU A CG  1 
ATOM   195  C CD1 . LEU A 1 26  ? 0.227   12.126  0.701   1.00 25.32 ? 26  LEU A CD1 1 
ATOM   196  C CD2 . LEU A 1 26  ? -1.717  11.407  2.086   1.00 19.82 ? 26  LEU A CD2 1 
ATOM   197  N N   . TYR A 1 27  ? 0.790   9.731   5.647   1.00 30.51 ? 27  TYR A N   1 
ATOM   198  C CA  . TYR A 1 27  ? 1.822   8.846   6.161   1.00 29.16 ? 27  TYR A CA  1 
ATOM   199  C C   . TYR A 1 27  ? 2.759   8.431   5.032   1.00 33.70 ? 27  TYR A C   1 
ATOM   200  O O   . TYR A 1 27  ? 3.979   8.343   5.213   1.00 31.79 ? 27  TYR A O   1 
ATOM   201  C CB  . TYR A 1 27  ? 1.224   7.605   6.801   1.00 28.64 ? 27  TYR A CB  1 
ATOM   202  C CG  . TYR A 1 27  ? 2.273   6.564   7.082   1.00 29.33 ? 27  TYR A CG  1 
ATOM   203  C CD1 . TYR A 1 27  ? 3.085   6.656   8.206   1.00 34.73 ? 27  TYR A CD1 1 
ATOM   204  C CD2 . TYR A 1 27  ? 2.467   5.497   6.219   1.00 26.98 ? 27  TYR A CD2 1 
ATOM   205  C CE1 . TYR A 1 27  ? 4.050   5.709   8.466   1.00 33.61 ? 27  TYR A CE1 1 
ATOM   206  C CE2 . TYR A 1 27  ? 3.435   4.541   6.474   1.00 31.25 ? 27  TYR A CE2 1 
ATOM   207  C CZ  . TYR A 1 27  ? 4.222   4.654   7.598   1.00 30.91 ? 27  TYR A CZ  1 
ATOM   208  O OH  . TYR A 1 27  ? 5.183   3.712   7.864   1.00 35.52 ? 27  TYR A OH  1 
ATOM   209  N N   . GLY A 1 28  ? 2.178   8.169   3.866   1.00 23.93 ? 28  GLY A N   1 
ATOM   210  C CA  . GLY A 1 28  ? 2.943   7.681   2.739   1.00 21.81 ? 28  GLY A CA  1 
ATOM   211  C C   . GLY A 1 28  ? 2.251   7.934   1.417   1.00 19.22 ? 28  GLY A C   1 
ATOM   212  O O   . GLY A 1 28  ? 1.112   8.427   1.355   1.00 23.50 ? 28  GLY A O   1 
ATOM   213  N N   . ILE A 1 29  ? 2.949   7.580   0.349   1.00 18.02 ? 29  ILE A N   1 
ATOM   214  C CA  . ILE A 1 29  ? 2.435   7.685   -0.999  1.00 16.25 ? 29  ILE A CA  1 
ATOM   215  C C   . ILE A 1 29  ? 2.720   6.350   -1.666  1.00 18.56 ? 29  ILE A C   1 
ATOM   216  O O   . ILE A 1 29  ? 3.842   5.835   -1.580  1.00 19.04 ? 29  ILE A O   1 
ATOM   217  C CB  . ILE A 1 29  ? 3.160   8.784   -1.776  1.00 20.60 ? 29  ILE A CB  1 
ATOM   218  C CG1 . ILE A 1 29  ? 2.820   10.149  -1.183  1.00 26.27 ? 29  ILE A CG1 1 
ATOM   219  C CG2 . ILE A 1 29  ? 2.810   8.706   -3.252  1.00 16.55 ? 29  ILE A CG2 1 
ATOM   220  C CD1 . ILE A 1 29  ? 3.720   11.266  -1.661  1.00 29.10 ? 29  ILE A CD1 1 
ATOM   221  N N   . LYS A 1 30  ? 1.705   5.783   -2.305  1.00 17.67 ? 30  LYS A N   1 
ATOM   222  C CA  . LYS A 1 30  ? 1.831   4.486   -2.964  1.00 16.34 ? 30  LYS A CA  1 
ATOM   223  C C   . LYS A 1 30  ? 1.814   4.700   -4.478  1.00 17.25 ? 30  LYS A C   1 
ATOM   224  O O   . LYS A 1 30  ? 0.817   5.145   -5.052  1.00 21.03 ? 30  LYS A O   1 
ATOM   225  C CB  . LYS A 1 30  ? 0.709   3.531   -2.533  1.00 15.83 ? 30  LYS A CB  1 
ATOM   226  C CG  . LYS A 1 30  ? 0.854   2.106   -3.082  1.00 17.04 ? 30  LYS A CG  1 
ATOM   227  C CD  . LYS A 1 30  ? -0.268  1.185   -2.601  1.00 15.97 ? 30  LYS A CD  1 
ATOM   228  C CE  . LYS A 1 30  ? -1.577  1.420   -3.342  1.00 19.44 ? 30  LYS A CE  1 
ATOM   229  N NZ  . LYS A 1 30  ? -1.547  0.935   -4.745  1.00 19.87 ? 30  LYS A NZ  1 
ATOM   230  N N   . VAL A 1 31  ? 2.939   4.383   -5.113  1.00 15.56 ? 31  VAL A N   1 
ATOM   231  C CA  . VAL A 1 31  ? 3.142   4.609   -6.535  1.00 15.58 ? 31  VAL A CA  1 
ATOM   232  C C   . VAL A 1 31  ? 2.840   3.340   -7.323  1.00 20.14 ? 31  VAL A C   1 
ATOM   233  O O   . VAL A 1 31  ? 3.414   2.295   -7.040  1.00 18.65 ? 31  VAL A O   1 
ATOM   234  C CB  . VAL A 1 31  ? 4.612   4.999   -6.802  1.00 23.35 ? 31  VAL A CB  1 
ATOM   235  C CG1 . VAL A 1 31  ? 4.840   5.219   -8.278  1.00 29.00 ? 31  VAL A CG1 1 
ATOM   236  C CG2 . VAL A 1 31  ? 4.992   6.241   -5.998  1.00 30.51 ? 31  VAL A CG2 1 
ATOM   237  N N   . GLY A 1 32  ? 1.962   3.434   -8.321  1.00 23.16 ? 32  GLY A N   1 
ATOM   238  C CA  . GLY A 1 32  ? 1.556   2.273   -9.094  1.00 25.20 ? 32  GLY A CA  1 
ATOM   239  C C   . GLY A 1 32  ? 2.053   2.246   -10.525 1.00 24.13 ? 32  GLY A C   1 
ATOM   240  O O   . GLY A 1 32  ? 2.712   3.183   -10.989 1.00 22.32 ? 32  GLY A O   1 
ATOM   241  N N   . LEU A 1 33  ? 1.742   1.165   -11.233 1.00 20.65 ? 33  LEU A N   1 
ATOM   242  C CA  . LEU A 1 33  ? 2.082   1.068   -12.651 1.00 19.59 ? 33  LEU A CA  1 
ATOM   243  C C   . LEU A 1 33  ? 1.371   2.115   -13.515 1.00 17.85 ? 33  LEU A C   1 
ATOM   244  O O   . LEU A 1 33  ? 1.952   2.624   -14.483 1.00 21.12 ? 33  LEU A O   1 
ATOM   245  C CB  . LEU A 1 33  ? 1.794   -0.336  -13.185 1.00 18.60 ? 33  LEU A CB  1 
ATOM   246  C CG  . LEU A 1 33  ? 2.994   -1.281  -13.194 1.00 22.80 ? 33  LEU A CG  1 
ATOM   247  C CD1 . LEU A 1 33  ? 2.538   -2.728  -13.335 1.00 24.61 ? 33  LEU A CD1 1 
ATOM   248  C CD2 . LEU A 1 33  ? 3.967   -0.889  -14.309 1.00 28.26 ? 33  LEU A CD2 1 
ATOM   249  N N   . PRO A 1 34  ? 0.109   2.448   -13.182 1.00 16.24 ? 34  PRO A N   1 
ATOM   250  C CA  . PRO A 1 34  ? -0.539  3.456   -14.030 1.00 19.16 ? 34  PRO A CA  1 
ATOM   251  C C   . PRO A 1 34  ? 0.243   4.767   -14.082 1.00 24.67 ? 34  PRO A C   1 
ATOM   252  O O   . PRO A 1 34  ? 0.304   5.402   -15.149 1.00 22.66 ? 34  PRO A O   1 
ATOM   253  C CB  . PRO A 1 34  ? -1.879  3.673   -13.338 1.00 21.60 ? 34  PRO A CB  1 
ATOM   254  C CG  . PRO A 1 34  ? -2.162  2.336   -12.668 1.00 21.86 ? 34  PRO A CG  1 
ATOM   255  C CD  . PRO A 1 34  ? -0.819  1.876   -12.184 1.00 19.15 ? 34  PRO A CD  1 
ATOM   256  N N   . LEU A 1 35  ? 0.824   5.171   -12.954 1.00 22.33 ? 35  LEU A N   1 
ATOM   257  C CA  . LEU A 1 35  ? 1.585   6.422   -12.897 1.00 19.05 ? 35  LEU A CA  1 
ATOM   258  C C   . LEU A 1 35  ? 2.879   6.295   -13.667 1.00 27.56 ? 35  LEU A C   1 
ATOM   259  O O   . LEU A 1 35  ? 3.204   7.141   -14.513 1.00 26.11 ? 35  LEU A O   1 
ATOM   260  C CB  . LEU A 1 35  ? 1.894   6.805   -11.449 1.00 22.63 ? 35  LEU A CB  1 
ATOM   261  C CG  . LEU A 1 35  ? 2.688   8.102   -11.267 1.00 25.92 ? 35  LEU A CG  1 
ATOM   262  C CD1 . LEU A 1 35  ? 1.809   9.291   -11.598 1.00 23.49 ? 35  LEU A CD1 1 
ATOM   263  C CD2 . LEU A 1 35  ? 3.221   8.237   -9.858  1.00 27.29 ? 35  LEU A CD2 1 
ATOM   264  N N   . VAL A 1 36  ? 3.628   5.235   -13.376 1.00 16.68 ? 36  VAL A N   1 
ATOM   265  C CA  . VAL A 1 36  ? 4.910   5.025   -14.034 1.00 19.64 ? 36  VAL A CA  1 
ATOM   266  C C   . VAL A 1 36  ? 4.752   4.916   -15.555 1.00 26.45 ? 36  VAL A C   1 
ATOM   267  O O   . VAL A 1 36  ? 5.587   5.413   -16.298 1.00 29.78 ? 36  VAL A O   1 
ATOM   268  C CB  . VAL A 1 36  ? 5.634   3.801   -13.455 1.00 17.60 ? 36  VAL A CB  1 
ATOM   269  C CG1 . VAL A 1 36  ? 6.927   3.526   -14.212 1.00 23.28 ? 36  VAL A CG1 1 
ATOM   270  C CG2 . VAL A 1 36  ? 5.925   4.020   -11.972 1.00 16.10 ? 36  VAL A CG2 1 
ATOM   271  N N   . LEU A 1 37  ? 3.668   4.301   -16.022 1.00 23.30 ? 37  LEU A N   1 
ATOM   272  C CA  . LEU A 1 37  ? 3.409   4.249   -17.465 1.00 28.64 ? 37  LEU A CA  1 
ATOM   273  C C   . LEU A 1 37  ? 2.891   5.583   -18.051 1.00 33.28 ? 37  LEU A C   1 
ATOM   274  O O   . LEU A 1 37  ? 3.062   5.851   -19.241 1.00 37.85 ? 37  LEU A O   1 
ATOM   275  C CB  . LEU A 1 37  ? 2.449   3.106   -17.814 1.00 19.67 ? 37  LEU A CB  1 
ATOM   276  C CG  . LEU A 1 37  ? 2.880   1.700   -17.387 1.00 16.71 ? 37  LEU A CG  1 
ATOM   277  C CD1 . LEU A 1 37  ? 1.783   0.700   -17.692 1.00 21.92 ? 37  LEU A CD1 1 
ATOM   278  C CD2 . LEU A 1 37  ? 4.189   1.271   -18.058 1.00 24.77 ? 37  LEU A CD2 1 
ATOM   279  N N   . ASP A 1 38  ? 2.250   6.406   -17.228 1.00 27.16 ? 38  ASP A N   1 
ATOM   280  C CA  . ASP A 1 38  ? 1.762   7.706   -17.696 1.00 24.68 ? 38  ASP A CA  1 
ATOM   281  C C   . ASP A 1 38  ? 2.923   8.694   -17.786 1.00 40.25 ? 38  ASP A C   1 
ATOM   282  O O   . ASP A 1 38  ? 3.216   9.221   -18.860 1.00 46.22 ? 38  ASP A O   1 
ATOM   283  C CB  . ASP A 1 38  ? 0.669   8.256   -16.773 1.00 25.05 ? 38  ASP A CB  1 
ATOM   284  C CG  . ASP A 1 38  ? -0.706  7.668   -17.063 1.00 51.59 ? 38  ASP A CG  1 
ATOM   285  O OD1 . ASP A 1 38  ? -0.959  7.269   -18.225 1.00 53.61 ? 38  ASP A OD1 1 
ATOM   286  O OD2 . ASP A 1 38  ? -1.543  7.617   -16.125 1.00 47.36 ? 38  ASP A OD2 1 
ATOM   287  N N   . LEU A 1 39  ? 3.592   8.927   -16.660 1.00 31.97 ? 39  LEU A N   1 
ATOM   288  C CA  . LEU A 1 39  ? 4.681   9.899   -16.590 1.00 32.06 ? 39  LEU A CA  1 
ATOM   289  C C   . LEU A 1 39  ? 5.975   9.358   -17.170 1.00 38.01 ? 39  LEU A C   1 
ATOM   290  O O   . LEU A 1 39  ? 6.830   10.122  -17.634 1.00 36.71 ? 39  LEU A O   1 
ATOM   291  C CB  . LEU A 1 39  ? 4.945   10.304  -15.137 1.00 30.80 ? 39  LEU A CB  1 
ATOM   292  C CG  . LEU A 1 39  ? 3.831   11.012  -14.378 1.00 28.89 ? 39  LEU A CG  1 
ATOM   293  C CD1 . LEU A 1 39  ? 4.369   11.515  -13.048 1.00 28.44 ? 39  LEU A CD1 1 
ATOM   294  C CD2 . LEU A 1 39  ? 3.271   12.165  -15.205 1.00 31.82 ? 39  LEU A CD2 1 
ATOM   295  N N   . GLY A 1 40  ? 6.126   8.039   -17.134 1.00 35.71 ? 40  GLY A N   1 
ATOM   296  C CA  . GLY A 1 40  ? 7.404   7.428   -17.446 1.00 28.70 ? 40  GLY A CA  1 
ATOM   297  C C   . GLY A 1 40  ? 8.274   7.343   -16.209 1.00 22.49 ? 40  GLY A C   1 
ATOM   298  O O   . GLY A 1 40  ? 7.998   7.995   -15.204 1.00 27.33 ? 40  GLY A O   1 
ATOM   299  N N   . VAL A 1 41  ? 9.331   6.541   -16.282 1.00 23.89 ? 41  VAL A N   1 
ATOM   300  C CA  . VAL A 1 41  ? 10.162  6.230   -15.122 1.00 30.12 ? 41  VAL A CA  1 
ATOM   301  C C   . VAL A 1 41  ? 10.944  7.432   -14.605 1.00 35.69 ? 41  VAL A C   1 
ATOM   302  O O   . VAL A 1 41  ? 10.984  7.681   -13.396 1.00 32.16 ? 41  VAL A O   1 
ATOM   303  C CB  . VAL A 1 41  ? 11.173  5.114   -15.455 1.00 39.31 ? 41  VAL A CB  1 
ATOM   304  C CG1 . VAL A 1 41  ? 11.656  4.428   -14.175 1.00 40.42 ? 41  VAL A CG1 1 
ATOM   305  C CG2 . VAL A 1 41  ? 10.554  4.107   -16.420 1.00 35.64 ? 41  VAL A CG2 1 
ATOM   306  N N   . ASP A 1 42  ? 11.588  8.160   -15.517 1.00 38.23 ? 42  ASP A N   1 
ATOM   307  C CA  . ASP A 1 42  ? 12.394  9.306   -15.125 1.00 39.28 ? 42  ASP A CA  1 
ATOM   308  C C   . ASP A 1 42  ? 11.539  10.371  -14.469 1.00 23.40 ? 42  ASP A C   1 
ATOM   309  O O   . ASP A 1 42  ? 11.864  10.841  -13.374 1.00 29.02 ? 42  ASP A O   1 
ATOM   310  C CB  . ASP A 1 42  ? 13.142  9.892   -16.324 1.00 44.55 ? 42  ASP A CB  1 
ATOM   311  C CG  . ASP A 1 42  ? 14.343  9.054   -16.721 1.00 47.26 ? 42  ASP A CG  1 
ATOM   312  O OD1 . ASP A 1 42  ? 14.873  8.318   -15.855 1.00 38.81 ? 42  ASP A OD1 1 
ATOM   313  O OD2 . ASP A 1 42  ? 14.752  9.138   -17.899 1.00 53.54 ? 42  ASP A OD2 1 
ATOM   314  N N   . LYS A 1 43  ? 10.443  10.738  -15.125 1.00 24.72 ? 43  LYS A N   1 
ATOM   315  C CA  . LYS A 1 43  ? 9.531   11.732  -14.566 1.00 22.90 ? 43  LYS A CA  1 
ATOM   316  C C   . LYS A 1 43  ? 8.924   11.269  -13.251 1.00 25.68 ? 43  LYS A C   1 
ATOM   317  O O   . LYS A 1 43  ? 8.663   12.078  -12.363 1.00 24.50 ? 43  LYS A O   1 
ATOM   318  C CB  . LYS A 1 43  ? 8.435   12.090  -15.567 1.00 30.98 ? 43  LYS A CB  1 
ATOM   319  C CG  . LYS A 1 43  ? 8.959   12.885  -16.759 1.00 38.29 ? 43  LYS A CG  1 
ATOM   320  C CD  . LYS A 1 43  ? 9.421   14.265  -16.322 1.00 44.59 ? 43  LYS A CD  1 
ATOM   321  C CE  . LYS A 1 43  ? 10.681  14.688  -17.072 1.00 54.79 ? 43  LYS A CE  1 
ATOM   322  N NZ  . LYS A 1 43  ? 11.033  16.116  -16.821 1.00 47.16 ? 43  LYS A NZ  1 
ATOM   323  N N   . THR A 1 44  ? 8.703   9.967   -13.111 1.00 23.27 ? 44  THR A N   1 
ATOM   324  C CA  . THR A 1 44  ? 8.136   9.482   -11.864 1.00 20.11 ? 44  THR A CA  1 
ATOM   325  C C   . THR A 1 44  ? 9.129   9.677   -10.713 1.00 17.80 ? 44  THR A C   1 
ATOM   326  O O   . THR A 1 44  ? 8.753   10.127  -9.635  1.00 23.95 ? 44  THR A O   1 
ATOM   327  C CB  . THR A 1 44  ? 7.679   7.999   -11.954 1.00 20.49 ? 44  THR A CB  1 
ATOM   328  O OG1 . THR A 1 44  ? 6.612   7.890   -12.906 1.00 23.95 ? 44  THR A OG1 1 
ATOM   329  C CG2 . THR A 1 44  ? 7.179   7.533   -10.601 1.00 20.65 ? 44  THR A CG2 1 
ATOM   330  N N   . ARG A 1 45  ? 10.399  9.355   -10.948 1.00 24.01 ? 45  ARG A N   1 
ATOM   331  C CA  . ARG A 1 45  ? 11.429  9.510   -9.923  1.00 24.46 ? 45  ARG A CA  1 
ATOM   332  C C   . ARG A 1 45  ? 11.606  10.975  -9.507  1.00 26.03 ? 45  ARG A C   1 
ATOM   333  O O   . ARG A 1 45  ? 11.704  11.292  -8.316  1.00 27.34 ? 45  ARG A O   1 
ATOM   334  C CB  . ARG A 1 45  ? 12.762  8.920   -10.411 1.00 33.14 ? 45  ARG A CB  1 
ATOM   335  C CG  . ARG A 1 45  ? 12.759  7.399   -10.560 1.00 39.70 ? 45  ARG A CG  1 
ATOM   336  C CD  . ARG A 1 45  ? 14.147  6.845   -10.867 1.00 49.53 ? 45  ARG A CD  1 
ATOM   337  N NE  . ARG A 1 45  ? 14.253  5.411   -10.580 1.00 49.81 ? 45  ARG A NE  1 
ATOM   338  C CZ  . ARG A 1 45  ? 14.772  4.901   -9.461  1.00 37.52 ? 45  ARG A CZ  1 
ATOM   339  N NH1 . ARG A 1 45  ? 15.251  5.700   -8.508  1.00 42.83 ? 45  ARG A NH1 1 
ATOM   340  N NH2 . ARG A 1 45  ? 14.820  3.590   -9.292  1.00 41.96 ? 45  ARG A NH2 1 
ATOM   341  N N   . GLU A 1 46  ? 11.647  11.863  -10.495 1.00 26.30 ? 46  GLU A N   1 
ATOM   342  C CA  . GLU A 1 46  ? 11.750  13.296  -10.237 1.00 25.07 ? 46  GLU A CA  1 
ATOM   343  C C   . GLU A 1 46  ? 10.610  13.783  -9.346  1.00 26.71 ? 46  GLU A C   1 
ATOM   344  O O   . GLU A 1 46  ? 10.816  14.548  -8.408  1.00 27.75 ? 46  GLU A O   1 
ATOM   345  C CB  . GLU A 1 46  ? 11.735  14.063  -11.559 1.00 26.15 ? 46  GLU A CB  1 
ATOM   346  C CG  . GLU A 1 46  ? 11.807  15.566  -11.384 1.00 30.96 ? 46  GLU A CG  1 
ATOM   347  C CD  . GLU A 1 46  ? 11.964  16.304  -12.695 1.00 29.54 ? 46  GLU A CD  1 
ATOM   348  O OE1 . GLU A 1 46  ? 12.003  15.644  -13.754 1.00 27.34 ? 46  GLU A OE1 1 
ATOM   349  O OE2 . GLU A 1 46  ? 12.050  17.549  -12.668 1.00 33.96 ? 46  GLU A OE2 1 
ATOM   350  N N   . LEU A 1 47  ? 9.398   13.333  -9.650  1.00 24.20 ? 47  LEU A N   1 
ATOM   351  C CA  . LEU A 1 47  ? 8.220   13.752  -8.905  1.00 26.13 ? 47  LEU A CA  1 
ATOM   352  C C   . LEU A 1 47  ? 8.334   13.463  -7.407  1.00 23.85 ? 47  LEU A C   1 
ATOM   353  O O   . LEU A 1 47  ? 7.820   14.218  -6.579  1.00 25.26 ? 47  LEU A O   1 
ATOM   354  C CB  . LEU A 1 47  ? 6.972   13.059  -9.477  1.00 27.48 ? 47  LEU A CB  1 
ATOM   355  C CG  . LEU A 1 47  ? 5.621   13.564  -8.965  1.00 27.58 ? 47  LEU A CG  1 
ATOM   356  C CD1 . LEU A 1 47  ? 5.482   15.061  -9.179  1.00 24.46 ? 47  LEU A CD1 1 
ATOM   357  C CD2 . LEU A 1 47  ? 4.470   12.818  -9.633  1.00 30.61 ? 47  LEU A CD2 1 
ATOM   358  N N   . LEU A 1 48  ? 9.007   12.366  -7.061  1.00 26.81 ? 48  LEU A N   1 
ATOM   359  C CA  . LEU A 1 48  ? 9.024   11.878  -5.682  1.00 28.87 ? 48  LEU A CA  1 
ATOM   360  C C   . LEU A 1 48  ? 10.204  12.346  -4.834  1.00 39.53 ? 48  LEU A C   1 
ATOM   361  O O   . LEU A 1 48  ? 10.286  12.021  -3.650  1.00 35.62 ? 48  LEU A O   1 
ATOM   362  C CB  . LEU A 1 48  ? 8.979   10.346  -5.681  1.00 30.78 ? 48  LEU A CB  1 
ATOM   363  C CG  . LEU A 1 48  ? 7.650   9.761   -6.146  1.00 32.86 ? 48  LEU A CG  1 
ATOM   364  C CD1 . LEU A 1 48  ? 7.798   8.279   -6.429  1.00 25.45 ? 48  LEU A CD1 1 
ATOM   365  C CD2 . LEU A 1 48  ? 6.562   10.011  -5.110  1.00 41.50 ? 48  LEU A CD2 1 
ATOM   366  N N   . ILE A 1 49  ? 11.107  13.113  -5.435  1.00 32.86 ? 49  ILE A N   1 
ATOM   367  C CA  . ILE A 1 49  ? 12.400  13.398  -4.813  1.00 36.09 ? 49  ILE A CA  1 
ATOM   368  C C   . ILE A 1 49  ? 12.379  14.154  -3.479  1.00 35.72 ? 49  ILE A C   1 
ATOM   369  O O   . ILE A 1 49  ? 12.891  13.648  -2.479  1.00 50.39 ? 49  ILE A O   1 
ATOM   370  C CB  . ILE A 1 49  ? 13.354  14.090  -5.800  1.00 39.77 ? 49  ILE A CB  1 
ATOM   371  C CG1 . ILE A 1 49  ? 14.016  13.041  -6.697  1.00 36.83 ? 49  ILE A CG1 1 
ATOM   372  C CG2 . ILE A 1 49  ? 14.413  14.886  -5.048  1.00 46.97 ? 49  ILE A CG2 1 
ATOM   373  C CD1 . ILE A 1 49  ? 14.900  13.624  -7.787  1.00 35.61 ? 49  ILE A CD1 1 
ATOM   374  N N   . GLY A 1 50  ? 11.794  15.346  -3.453  1.00 46.05 ? 50  GLY A N   1 
ATOM   375  C CA  . GLY A 1 50  ? 11.852  16.173  -2.256  1.00 50.22 ? 50  GLY A CA  1 
ATOM   376  C C   . GLY A 1 50  ? 10.882  15.808  -1.141  1.00 54.19 ? 50  GLY A C   1 
ATOM   377  O O   . GLY A 1 50  ? 11.008  16.300  -0.016  1.00 55.82 ? 50  GLY A O   1 
ATOM   378  N N   . LEU A 1 51  ? 9.927   14.932  -1.442  1.00 45.86 ? 51  LEU A N   1 
ATOM   379  C CA  . LEU A 1 51  ? 8.799   14.672  -0.549  1.00 42.25 ? 51  LEU A CA  1 
ATOM   380  C C   . LEU A 1 51  ? 9.191   14.063  0.796   1.00 42.34 ? 51  LEU A C   1 
ATOM   381  O O   . LEU A 1 51  ? 9.830   13.013  0.849   1.00 49.53 ? 51  LEU A O   1 
ATOM   382  C CB  . LEU A 1 51  ? 7.777   13.774  -1.249  1.00 45.88 ? 51  LEU A CB  1 
ATOM   383  C CG  . LEU A 1 51  ? 7.309   14.241  -2.629  1.00 46.65 ? 51  LEU A CG  1 
ATOM   384  C CD1 . LEU A 1 51  ? 6.245   13.304  -3.180  1.00 32.50 ? 51  LEU A CD1 1 
ATOM   385  C CD2 . LEU A 1 51  ? 6.784   15.669  -2.570  1.00 36.29 ? 51  LEU A CD2 1 
ATOM   386  N N   . ASP A 1 52  ? 8.796   14.726  1.879   1.00 44.01 ? 52  ASP A N   1 
ATOM   387  C CA  . ASP A 1 52  ? 9.039   14.212  3.219   1.00 42.54 ? 52  ASP A CA  1 
ATOM   388  C C   . ASP A 1 52  ? 7.831   13.451  3.758   1.00 45.88 ? 52  ASP A C   1 
ATOM   389  O O   . ASP A 1 52  ? 7.045   13.984  4.550   1.00 40.31 ? 52  ASP A O   1 
ATOM   390  C CB  . ASP A 1 52  ? 9.406   15.338  4.189   1.00 48.72 ? 52  ASP A CB  1 
ATOM   391  C CG  . ASP A 1 52  ? 9.634   14.831  5.609   1.00 52.68 ? 52  ASP A CG  1 
ATOM   392  O OD1 . ASP A 1 52  ? 10.312  13.790  5.774   1.00 47.67 ? 52  ASP A OD1 1 
ATOM   393  O OD2 . ASP A 1 52  ? 9.128   15.463  6.562   1.00 55.33 ? 52  ASP A OD2 1 
ATOM   394  N N   . VAL A 1 53  ? 7.687   12.207  3.317   1.00 40.01 ? 53  VAL A N   1 
ATOM   395  C CA  . VAL A 1 53  ? 6.698   11.315  3.894   1.00 39.28 ? 53  VAL A CA  1 
ATOM   396  C C   . VAL A 1 53  ? 7.426   10.133  4.513   1.00 38.63 ? 53  VAL A C   1 
ATOM   397  O O   . VAL A 1 53  ? 8.570   9.843   4.152   1.00 41.04 ? 53  VAL A O   1 
ATOM   398  C CB  . VAL A 1 53  ? 5.652   10.855  2.848   1.00 35.69 ? 53  VAL A CB  1 
ATOM   399  C CG1 . VAL A 1 53  ? 4.837   12.042  2.367   1.00 34.58 ? 53  VAL A CG1 1 
ATOM   400  C CG2 . VAL A 1 53  ? 6.330   10.169  1.677   1.00 33.09 ? 53  VAL A CG2 1 
ATOM   401  N N   . GLU A 1 54  ? 6.783   9.468   5.466   1.00 34.55 ? 54  GLU A N   1 
ATOM   402  C CA  . GLU A 1 54  ? 7.398   8.325   6.116   1.00 38.00 ? 54  GLU A CA  1 
ATOM   403  C C   . GLU A 1 54  ? 7.713   7.233   5.098   1.00 34.99 ? 54  GLU A C   1 
ATOM   404  O O   . GLU A 1 54  ? 8.799   6.651   5.123   1.00 38.53 ? 54  GLU A O   1 
ATOM   405  C CB  . GLU A 1 54  ? 6.495   7.773   7.227   1.00 41.45 ? 54  GLU A CB  1 
ATOM   406  C CG  . GLU A 1 54  ? 6.107   8.803   8.287   1.00 46.74 ? 54  GLU A CG  1 
ATOM   407  C CD  . GLU A 1 54  ? 7.269   9.176   9.188   1.00 58.88 ? 54  GLU A CD  1 
ATOM   408  O OE1 . GLU A 1 54  ? 7.983   8.257   9.645   1.00 52.42 ? 54  GLU A OE1 1 
ATOM   409  O OE2 . GLU A 1 54  ? 7.470   10.388  9.437   1.00 58.99 ? 54  GLU A OE2 1 
ATOM   410  N N   . GLU A 1 55  ? 6.773   6.962   4.196   1.00 28.44 ? 55  GLU A N   1 
ATOM   411  C CA  . GLU A 1 55  ? 6.942   5.847   3.267   1.00 25.57 ? 55  GLU A CA  1 
ATOM   412  C C   . GLU A 1 55  ? 6.594   6.162   1.818   1.00 22.48 ? 55  GLU A C   1 
ATOM   413  O O   . GLU A 1 55  ? 5.513   6.674   1.504   1.00 23.22 ? 55  GLU A O   1 
ATOM   414  C CB  . GLU A 1 55  ? 6.167   4.600   3.736   1.00 28.67 ? 55  GLU A CB  1 
ATOM   415  C CG  . GLU A 1 55  ? 6.931   3.722   4.721   1.00 35.11 ? 55  GLU A CG  1 
ATOM   416  C CD  . GLU A 1 55  ? 6.467   2.267   4.716   1.00 35.69 ? 55  GLU A CD  1 
ATOM   417  O OE1 . GLU A 1 55  ? 6.171   1.728   5.806   1.00 36.55 ? 55  GLU A OE1 1 
ATOM   418  O OE2 . GLU A 1 55  ? 6.412   1.653   3.628   1.00 36.40 ? 55  GLU A OE2 1 
ATOM   419  N N   . ILE A 1 56  ? 7.536   5.851   0.936   1.00 21.13 ? 56  ILE A N   1 
ATOM   420  C CA  . ILE A 1 56  ? 7.254   5.789   -0.484  1.00 15.38 ? 56  ILE A CA  1 
ATOM   421  C C   . ILE A 1 56  ? 7.170   4.308   -0.831  1.00 21.72 ? 56  ILE A C   1 
ATOM   422  O O   . ILE A 1 56  ? 8.163   3.567   -0.748  1.00 20.00 ? 56  ILE A O   1 
ATOM   423  C CB  . ILE A 1 56  ? 8.297   6.549   -1.323  1.00 19.58 ? 56  ILE A CB  1 
ATOM   424  C CG1 . ILE A 1 56  ? 8.248   8.038   -0.972  1.00 23.77 ? 56  ILE A CG1 1 
ATOM   425  C CG2 . ILE A 1 56  ? 8.056   6.342   -2.809  1.00 21.85 ? 56  ILE A CG2 1 
ATOM   426  C CD1 . ILE A 1 56  ? 9.302   8.850   -1.651  1.00 28.97 ? 56  ILE A CD1 1 
ATOM   427  N N   . ILE A 1 57  ? 5.954   3.871   -1.152  1.00 17.83 ? 57  ILE A N   1 
ATOM   428  C CA  . ILE A 1 57  ? 5.700   2.470   -1.437  1.00 18.56 ? 57  ILE A CA  1 
ATOM   429  C C   . ILE A 1 57  ? 5.469   2.291   -2.923  1.00 18.18 ? 57  ILE A C   1 
ATOM   430  O O   . ILE A 1 57  ? 4.670   3.004   -3.526  1.00 25.29 ? 57  ILE A O   1 
ATOM   431  C CB  . ILE A 1 57  ? 4.450   1.961   -0.684  1.00 17.38 ? 57  ILE A CB  1 
ATOM   432  C CG1 . ILE A 1 57  ? 4.576   2.244   0.807   1.00 18.44 ? 57  ILE A CG1 1 
ATOM   433  C CG2 . ILE A 1 57  ? 4.234   0.461   -0.945  1.00 16.11 ? 57  ILE A CG2 1 
ATOM   434  C CD1 . ILE A 1 57  ? 3.309   1.900   1.598   1.00 21.38 ? 57  ILE A CD1 1 
ATOM   435  N N   . VAL A 1 58  ? 6.187   1.351   -3.526  1.00 14.73 ? 58  VAL A N   1 
ATOM   436  C CA  . VAL A 1 58  ? 5.937   1.027   -4.917  1.00 13.08 ? 58  VAL A CA  1 
ATOM   437  C C   . VAL A 1 58  ? 5.040   -0.209  -4.926  1.00 11.85 ? 58  VAL A C   1 
ATOM   438  O O   . VAL A 1 58  ? 5.350   -1.219  -4.283  1.00 16.25 ? 58  VAL A O   1 
ATOM   439  C CB  . VAL A 1 58  ? 7.243   0.768   -5.703  1.00 14.87 ? 58  VAL A CB  1 
ATOM   440  C CG1 . VAL A 1 58  ? 6.923   0.040   -6.995  1.00 18.34 ? 58  VAL A CG1 1 
ATOM   441  C CG2 . VAL A 1 58  ? 7.948   2.095   -5.990  1.00 23.55 ? 58  VAL A CG2 1 
ATOM   442  N N   . ASP A 1 59  ? 3.909   -0.095  -5.620  1.00 15.44 ? 59  ASP A N   1 
ATOM   443  C CA  . ASP A 1 59  ? 2.951   -1.194  -5.716  1.00 15.45 ? 59  ASP A CA  1 
ATOM   444  C C   . ASP A 1 59  ? 2.767   -1.594  -7.181  1.00 12.29 ? 59  ASP A C   1 
ATOM   445  O O   . ASP A 1 59  ? 1.932   -1.039  -7.895  1.00 12.91 ? 59  ASP A O   1 
ATOM   446  C CB  . ASP A 1 59  ? 1.607   -0.813  -5.070  1.00 14.19 ? 59  ASP A CB  1 
ATOM   447  C CG  . ASP A 1 59  ? 0.618   -1.936  -5.117  1.00 13.74 ? 59  ASP A CG  1 
ATOM   448  O OD1 . ASP A 1 59  ? 1.055   -3.070  -5.423  1.00 15.43 ? 59  ASP A OD1 1 
ATOM   449  O OD2 . ASP A 1 59  ? -0.580  -1.708  -4.836  1.00 17.31 ? 59  ASP A OD2 1 
ATOM   450  N N   . PHE A 1 60  ? 3.577   -2.553  -7.620  1.00 13.46 ? 60  PHE A N   1 
ATOM   451  C CA  . PHE A 1 60  ? 3.391   -3.184  -8.910  1.00 15.37 ? 60  PHE A CA  1 
ATOM   452  C C   . PHE A 1 60  ? 2.797   -4.581  -8.702  1.00 18.80 ? 60  PHE A C   1 
ATOM   453  O O   . PHE A 1 60  ? 2.871   -5.433  -9.601  1.00 17.58 ? 60  PHE A O   1 
ATOM   454  C CB  . PHE A 1 60  ? 4.728   -3.313  -9.644  1.00 15.33 ? 60  PHE A CB  1 
ATOM   455  C CG  . PHE A 1 60  ? 5.303   -2.004  -10.112 1.00 17.04 ? 60  PHE A CG  1 
ATOM   456  C CD1 . PHE A 1 60  ? 4.655   -0.801  -9.868  1.00 16.13 ? 60  PHE A CD1 1 
ATOM   457  C CD2 . PHE A 1 60  ? 6.497   -1.985  -10.812 1.00 22.59 ? 60  PHE A CD2 1 
ATOM   458  C CE1 . PHE A 1 60  ? 5.194   0.395   -10.306 1.00 19.36 ? 60  PHE A CE1 1 
ATOM   459  C CE2 . PHE A 1 60  ? 7.041   -0.792  -11.256 1.00 24.92 ? 60  PHE A CE2 1 
ATOM   460  C CZ  . PHE A 1 60  ? 6.383   0.403   -11.003 1.00 22.15 ? 60  PHE A CZ  1 
ATOM   461  N N   . LYS A 1 61  ? 2.221   -4.811  -7.516  1.00 13.94 ? 61  LYS A N   1 
ATOM   462  C CA  . LYS A 1 61  ? 1.588   -6.089  -7.184  1.00 14.69 ? 61  LYS A CA  1 
ATOM   463  C C   . LYS A 1 61  ? 2.469   -7.246  -7.616  1.00 13.88 ? 61  LYS A C   1 
ATOM   464  O O   . LYS A 1 61  ? 2.024   -8.158  -8.328  1.00 14.45 ? 61  LYS A O   1 
ATOM   465  C CB  . LYS A 1 61  ? 0.222   -6.208  -7.849  1.00 15.61 ? 61  LYS A CB  1 
ATOM   466  C CG  . LYS A 1 61  ? -0.860  -5.273  -7.283  1.00 11.97 ? 61  LYS A CG  1 
ATOM   467  C CD  . LYS A 1 61  ? -1.121  -5.544  -5.801  1.00 14.52 ? 61  LYS A CD  1 
ATOM   468  C CE  . LYS A 1 61  ? -2.440  -4.898  -5.343  1.00 18.44 ? 61  LYS A CE  1 
ATOM   469  N NZ  . LYS A 1 61  ? -2.467  -3.401  -5.510  1.00 16.54 ? 61  LYS A NZ  1 
ATOM   470  N N   . LEU A 1 62  ? 3.714   -7.220  -7.159  1.00 13.02 ? 62  LEU A N   1 
ATOM   471  C CA  . LEU A 1 62  ? 4.740   -8.134  -7.646  1.00 14.19 ? 62  LEU A CA  1 
ATOM   472  C C   . LEU A 1 62  ? 4.295   -9.588  -7.536  1.00 14.95 ? 62  LEU A C   1 
ATOM   473  O O   . LEU A 1 62  ? 3.829   -10.031 -6.490  1.00 13.88 ? 62  LEU A O   1 
ATOM   474  C CB  . LEU A 1 62  ? 6.038   -7.907  -6.889  1.00 13.02 ? 62  LEU A CB  1 
ATOM   475  C CG  . LEU A 1 62  ? 6.698   -6.533  -7.103  1.00 11.68 ? 62  LEU A CG  1 
ATOM   476  C CD1 . LEU A 1 62  ? 7.713   -6.241  -6.003  1.00 15.03 ? 62  LEU A CD1 1 
ATOM   477  C CD2 . LEU A 1 62  ? 7.336   -6.435  -8.495  1.00 16.33 ? 62  LEU A CD2 1 
ATOM   478  N N   . ALA A 1 63  ? 4.425   -10.334 -8.629  1.00 12.57 ? 63  ALA A N   1 
ATOM   479  C CA  . ALA A 1 63  ? 3.896   -11.701 -8.635  1.00 12.81 ? 63  ALA A CA  1 
ATOM   480  C C   . ALA A 1 63  ? 4.602   -12.551 -9.682  1.00 12.62 ? 63  ALA A C   1 
ATOM   481  O O   . ALA A 1 63  ? 3.998   -13.026 -10.642 1.00 13.95 ? 63  ALA A O   1 
ATOM   482  C CB  . ALA A 1 63  ? 2.402   -11.678 -8.858  1.00 12.78 ? 63  ALA A CB  1 
ATOM   483  N N   . ASP A 1 64  ? 5.900   -12.721 -9.501  1.00 18.15 ? 64  ASP A N   1 
ATOM   484  C CA  . ASP A 1 64  ? 6.672   -13.504 -10.452 1.00 16.12 ? 64  ASP A CA  1 
ATOM   485  C C   . ASP A 1 64  ? 7.721   -14.299 -9.699  1.00 15.22 ? 64  ASP A C   1 
ATOM   486  O O   . ASP A 1 64  ? 7.740   -14.309 -8.464  1.00 14.09 ? 64  ASP A O   1 
ATOM   487  C CB  . ASP A 1 64  ? 7.307   -12.576 -11.500 1.00 14.89 ? 64  ASP A CB  1 
ATOM   488  C CG  . ASP A 1 64  ? 7.390   -13.215 -12.876 1.00 15.80 ? 64  ASP A CG  1 
ATOM   489  O OD1 . ASP A 1 64  ? 7.726   -14.416 -12.947 1.00 14.87 ? 64  ASP A OD1 1 
ATOM   490  O OD2 . ASP A 1 64  ? 7.127   -12.525 -13.889 1.00 18.72 ? 64  ASP A OD2 1 
ATOM   491  N N   . ILE A 1 65  ? 8.572   -14.999 -10.437 1.00 15.51 ? 65  ILE A N   1 
ATOM   492  C CA  . ILE A 1 65  ? 9.700   -15.676 -9.830  1.00 14.41 ? 65  ILE A CA  1 
ATOM   493  C C   . ILE A 1 65  ? 10.681  -14.637 -9.274  1.00 15.64 ? 65  ILE A C   1 
ATOM   494  O O   . ILE A 1 65  ? 10.644  -13.454 -9.658  1.00 14.44 ? 65  ILE A O   1 
ATOM   495  C CB  . ILE A 1 65  ? 10.410  -16.588 -10.840 1.00 17.87 ? 65  ILE A CB  1 
ATOM   496  C CG1 . ILE A 1 65  ? 11.005  -15.748 -11.975 1.00 14.50 ? 65  ILE A CG1 1 
ATOM   497  C CG2 . ILE A 1 65  ? 9.435   -17.604 -11.402 1.00 16.50 ? 65  ILE A CG2 1 
ATOM   498  C CD1 . ILE A 1 65  ? 11.948  -16.547 -12.880 1.00 21.77 ? 65  ILE A CD1 1 
ATOM   499  N N   . GLY A 1 66  ? 11.564  -15.090 -8.392  1.00 15.60 ? 66  GLY A N   1 
ATOM   500  C CA  . GLY A 1 66  ? 12.447  -14.206 -7.651  1.00 17.74 ? 66  GLY A CA  1 
ATOM   501  C C   . GLY A 1 66  ? 13.325  -13.383 -8.557  1.00 16.03 ? 66  GLY A C   1 
ATOM   502  O O   . GLY A 1 66  ? 13.442  -12.169 -8.366  1.00 17.43 ? 66  GLY A O   1 
ATOM   503  N N   . TYR A 1 67  ? 13.961  -14.033 -9.537  1.00 17.15 ? 67  TYR A N   1 
ATOM   504  C CA  . TYR A 1 67  ? 14.842  -13.325 -10.468 1.00 22.50 ? 67  TYR A CA  1 
ATOM   505  C C   . TYR A 1 67  ? 14.148  -12.122 -11.091 1.00 16.30 ? 67  TYR A C   1 
ATOM   506  O O   . TYR A 1 67  ? 14.730  -11.044 -11.195 1.00 19.07 ? 67  TYR A O   1 
ATOM   507  C CB  . TYR A 1 67  ? 15.355  -14.272 -11.568 1.00 18.50 ? 67  TYR A CB  1 
ATOM   508  C CG  . TYR A 1 67  ? 15.927  -13.556 -12.773 1.00 20.02 ? 67  TYR A CG  1 
ATOM   509  C CD1 . TYR A 1 67  ? 17.151  -12.896 -12.703 1.00 26.94 ? 67  TYR A CD1 1 
ATOM   510  C CD2 . TYR A 1 67  ? 15.257  -13.563 -13.988 1.00 20.39 ? 67  TYR A CD2 1 
ATOM   511  C CE1 . TYR A 1 67  ? 17.686  -12.242 -13.818 1.00 30.71 ? 67  TYR A CE1 1 
ATOM   512  C CE2 . TYR A 1 67  ? 15.779  -12.918 -15.108 1.00 22.34 ? 67  TYR A CE2 1 
ATOM   513  C CZ  . TYR A 1 67  ? 16.994  -12.259 -15.013 1.00 25.67 ? 67  TYR A CZ  1 
ATOM   514  O OH  . TYR A 1 67  ? 17.508  -11.614 -16.122 1.00 27.16 ? 67  TYR A OH  1 
ATOM   515  N N   . ILE A 1 68  ? 12.893  -12.303 -11.492 1.00 15.35 ? 68  ILE A N   1 
ATOM   516  C CA  . ILE A 1 68  ? 12.168  -11.235 -12.179 1.00 18.12 ? 68  ILE A CA  1 
ATOM   517  C C   . ILE A 1 68  ? 11.754  -10.149 -11.196 1.00 16.46 ? 68  ILE A C   1 
ATOM   518  O O   . ILE A 1 68  ? 11.849  -8.964  -11.501 1.00 16.80 ? 68  ILE A O   1 
ATOM   519  C CB  . ILE A 1 68  ? 10.918  -11.775 -12.901 1.00 16.10 ? 68  ILE A CB  1 
ATOM   520  C CG1 . ILE A 1 68  ? 11.307  -12.724 -14.046 1.00 18.09 ? 68  ILE A CG1 1 
ATOM   521  C CG2 . ILE A 1 68  ? 10.044  -10.635 -13.381 1.00 17.02 ? 68  ILE A CG2 1 
ATOM   522  C CD1 . ILE A 1 68  ? 12.090  -12.083 -15.158 1.00 20.63 ? 68  ILE A CD1 1 
ATOM   523  N N   . MET A 1 69  ? 11.267  -10.546 -10.018 1.00 14.89 ? 69  MET A N   1 
ATOM   524  C CA  . MET A 1 69  ? 10.876  -9.547  -9.035  1.00 16.25 ? 69  MET A CA  1 
ATOM   525  C C   . MET A 1 69  ? 12.051  -8.694  -8.592  1.00 14.49 ? 69  MET A C   1 
ATOM   526  O O   . MET A 1 69  ? 11.917  -7.490  -8.407  1.00 15.96 ? 69  MET A O   1 
ATOM   527  C CB  . MET A 1 69  ? 10.184  -10.193 -7.844  1.00 16.00 ? 69  MET A CB  1 
ATOM   528  C CG  . MET A 1 69  ? 8.797   -10.663 -8.224  1.00 16.86 ? 69  MET A CG  1 
ATOM   529  S SD  . MET A 1 69  ? 7.773   -11.243 -6.851  1.00 14.60 ? 69  MET A SD  1 
ATOM   530  C CE  . MET A 1 69  ? 8.816   -12.505 -6.146  1.00 11.05 ? 69  MET A CE  1 
ATOM   531  N N   . LYS A 1 70  ? 13.208  -9.322  -8.416  1.00 13.99 ? 70  LYS A N   1 
ATOM   532  C CA  . LYS A 1 70  ? 14.425  -8.577  -8.083  1.00 13.90 ? 70  LYS A CA  1 
ATOM   533  C C   . LYS A 1 70  ? 14.852  -7.644  -9.229  1.00 17.36 ? 70  LYS A C   1 
ATOM   534  O O   . LYS A 1 70  ? 15.281  -6.512  -8.998  1.00 19.39 ? 70  LYS A O   1 
ATOM   535  C CB  . LYS A 1 70  ? 15.541  -9.548  -7.686  1.00 14.86 ? 70  LYS A CB  1 
ATOM   536  C CG  . LYS A 1 70  ? 15.290  -10.221 -6.339  1.00 15.22 ? 70  LYS A CG  1 
ATOM   537  C CD  . LYS A 1 70  ? 16.098  -11.505 -6.191  1.00 19.27 ? 70  LYS A CD  1 
ATOM   538  C CE  . LYS A 1 70  ? 17.579  -11.284 -6.412  1.00 23.58 ? 70  LYS A CE  1 
ATOM   539  N NZ  . LYS A 1 70  ? 18.324  -12.582 -6.216  1.00 21.62 ? 70  LYS A NZ  1 
ATOM   540  N N   . SER A 1 71  ? 14.708  -8.101  -10.470 1.00 19.72 ? 71  SER A N   1 
ATOM   541  C CA  . SER A 1 71  ? 15.066  -7.273  -11.629 1.00 17.74 ? 71  SER A CA  1 
ATOM   542  C C   . SER A 1 71  ? 14.176  -6.033  -11.717 1.00 18.25 ? 71  SER A C   1 
ATOM   543  O O   . SER A 1 71  ? 14.592  -4.974  -12.199 1.00 21.79 ? 71  SER A O   1 
ATOM   544  C CB  . SER A 1 71  ? 14.960  -8.080  -12.919 1.00 17.73 ? 71  SER A CB  1 
ATOM   545  O OG  . SER A 1 71  ? 15.939  -9.105  -12.947 1.00 23.29 ? 71  SER A OG  1 
ATOM   546  N N   . ILE A 1 72  ? 12.941  -6.172  -11.255 1.00 18.21 ? 72  ILE A N   1 
ATOM   547  C CA  . ILE A 1 72  ? 12.017  -5.054  -11.209 1.00 16.85 ? 72  ILE A CA  1 
ATOM   548  C C   . ILE A 1 72  ? 12.387  -4.058  -10.118 1.00 16.93 ? 72  ILE A C   1 
ATOM   549  O O   . ILE A 1 72  ? 12.542  -2.862  -10.391 1.00 17.27 ? 72  ILE A O   1 
ATOM   550  C CB  . ILE A 1 72  ? 10.581  -5.557  -10.992 1.00 14.89 ? 72  ILE A CB  1 
ATOM   551  C CG1 . ILE A 1 72  ? 10.119  -6.351  -12.214 1.00 21.37 ? 72  ILE A CG1 1 
ATOM   552  C CG2 . ILE A 1 72  ? 9.636   -4.395  -10.712 1.00 16.01 ? 72  ILE A CG2 1 
ATOM   553  C CD1 . ILE A 1 72  ? 8.822   -7.124  -12.007 1.00 17.36 ? 72  ILE A CD1 1 
ATOM   554  N N   . VAL A 1 73  ? 12.541  -4.530  -8.883  1.00 16.51 ? 73  VAL A N   1 
ATOM   555  C CA  . VAL A 1 73  ? 12.706  -3.597  -7.772  1.00 15.33 ? 73  VAL A CA  1 
ATOM   556  C C   . VAL A 1 73  ? 14.062  -2.899  -7.758  1.00 18.47 ? 73  VAL A C   1 
ATOM   557  O O   . VAL A 1 73  ? 14.199  -1.820  -7.188  1.00 20.99 ? 73  VAL A O   1 
ATOM   558  C CB  . VAL A 1 73  ? 12.446  -4.240  -6.384  1.00 16.60 ? 73  VAL A CB  1 
ATOM   559  C CG1 . VAL A 1 73  ? 11.016  -4.854  -6.306  1.00 16.54 ? 73  VAL A CG1 1 
ATOM   560  C CG2 . VAL A 1 73  ? 13.502  -5.257  -6.052  1.00 17.27 ? 73  VAL A CG2 1 
ATOM   561  N N   . GLU A 1 74  ? 15.072  -3.498  -8.372  1.00 18.86 ? 74  GLU A N   1 
ATOM   562  C CA  . GLU A 1 74  ? 16.378  -2.835  -8.355  1.00 25.45 ? 74  GLU A CA  1 
ATOM   563  C C   . GLU A 1 74  ? 16.373  -1.571  -9.225  1.00 25.64 ? 74  GLU A C   1 
ATOM   564  O O   . GLU A 1 74  ? 17.225  -0.702  -9.062  1.00 22.14 ? 74  GLU A O   1 
ATOM   565  C CB  . GLU A 1 74  ? 17.522  -3.795  -8.723  1.00 27.55 ? 74  GLU A CB  1 
ATOM   566  C CG  . GLU A 1 74  ? 17.621  -4.149  -10.187 1.00 31.28 ? 74  GLU A CG  1 
ATOM   567  C CD  . GLU A 1 74  ? 18.589  -5.299  -10.444 1.00 39.45 ? 74  GLU A CD  1 
ATOM   568  O OE1 . GLU A 1 74  ? 19.237  -5.779  -9.486  1.00 31.27 ? 74  GLU A OE1 1 
ATOM   569  O OE2 . GLU A 1 74  ? 18.691  -5.733  -11.613 1.00 35.63 ? 74  GLU A OE2 1 
ATOM   570  N N   . ARG A 1 75  ? 15.384  -1.459  -10.109 1.00 18.96 ? 75  ARG A N   1 
ATOM   571  C CA  . ARG A 1 75  ? 15.191  -0.265  -10.934 1.00 23.22 ? 75  ARG A CA  1 
ATOM   572  C C   . ARG A 1 75  ? 14.260  0.755   -10.271 1.00 22.19 ? 75  ARG A C   1 
ATOM   573  O O   . ARG A 1 75  ? 13.859  1.735   -10.901 1.00 25.88 ? 75  ARG A O   1 
ATOM   574  C CB  . ARG A 1 75  ? 14.625  -0.645  -12.313 1.00 24.21 ? 75  ARG A CB  1 
ATOM   575  C CG  . ARG A 1 75  ? 15.639  -1.227  -13.301 1.00 35.19 ? 75  ARG A CG  1 
ATOM   576  C CD  . ARG A 1 75  ? 16.128  -2.601  -12.901 1.00 42.69 ? 75  ARG A CD  1 
ATOM   577  N NE  . ARG A 1 75  ? 16.036  -3.552  -14.013 1.00 52.21 ? 75  ARG A NE  1 
ATOM   578  C CZ  . ARG A 1 75  ? 16.696  -4.707  -14.083 1.00 28.95 ? 75  ARG A CZ  1 
ATOM   579  N NH1 . ARG A 1 75  ? 17.512  -5.073  -13.110 1.00 40.31 ? 75  ARG A NH1 1 
ATOM   580  N NH2 . ARG A 1 75  ? 16.543  -5.498  -15.137 1.00 42.29 ? 75  ARG A NH2 1 
ATOM   581  N N   . LEU A 1 76  ? 13.927  0.527   -9.003  1.00 19.20 ? 76  LEU A N   1 
ATOM   582  C CA  . LEU A 1 76  ? 12.985  1.379   -8.280  1.00 18.08 ? 76  LEU A CA  1 
ATOM   583  C C   . LEU A 1 76  ? 13.515  1.759   -6.895  1.00 24.53 ? 76  LEU A C   1 
ATOM   584  O O   . LEU A 1 76  ? 12.748  1.873   -5.934  1.00 23.55 ? 76  LEU A O   1 
ATOM   585  C CB  . LEU A 1 76  ? 11.627  0.666   -8.148  1.00 24.83 ? 76  LEU A CB  1 
ATOM   586  C CG  . LEU A 1 76  ? 11.010  0.132   -9.440  1.00 24.91 ? 76  LEU A CG  1 
ATOM   587  C CD1 . LEU A 1 76  ? 10.014  -0.999  -9.153  1.00 24.60 ? 76  LEU A CD1 1 
ATOM   588  C CD2 . LEU A 1 76  ? 10.348  1.232   -10.255 1.00 26.60 ? 76  LEU A CD2 1 
ATOM   589  N N   . SER A 1 77  ? 14.824  1.978   -6.802  1.00 25.25 ? 77  SER A N   1 
ATOM   590  C CA  . SER A 1 77  ? 15.488  2.200   -5.517  1.00 26.68 ? 77  SER A CA  1 
ATOM   591  C C   . SER A 1 77  ? 15.060  3.470   -4.771  1.00 24.54 ? 77  SER A C   1 
ATOM   592  O O   . SER A 1 77  ? 15.408  3.655   -3.608  1.00 29.37 ? 77  SER A O   1 
ATOM   593  C CB  . SER A 1 77  ? 17.003  2.202   -5.711  1.00 30.02 ? 77  SER A CB  1 
ATOM   594  O OG  . SER A 1 77  ? 17.361  2.997   -6.826  1.00 36.81 ? 77  SER A OG  1 
ATOM   595  N N   . PHE A 1 78  ? 14.308  4.345   -5.423  1.00 24.19 ? 78  PHE A N   1 
ATOM   596  C CA  . PHE A 1 78  ? 13.841  5.552   -4.742  1.00 25.56 ? 78  PHE A CA  1 
ATOM   597  C C   . PHE A 1 78  ? 12.819  5.183   -3.663  1.00 32.12 ? 78  PHE A C   1 
ATOM   598  O O   . PHE A 1 78  ? 12.602  5.931   -2.713  1.00 35.83 ? 78  PHE A O   1 
ATOM   599  C CB  . PHE A 1 78  ? 13.247  6.548   -5.734  1.00 27.45 ? 78  PHE A CB  1 
ATOM   600  C CG  . PHE A 1 78  ? 12.068  6.019   -6.491  1.00 32.26 ? 78  PHE A CG  1 
ATOM   601  C CD1 . PHE A 1 78  ? 10.785  6.113   -5.967  1.00 23.87 ? 78  PHE A CD1 1 
ATOM   602  C CD2 . PHE A 1 78  ? 12.242  5.418   -7.724  1.00 30.48 ? 78  PHE A CD2 1 
ATOM   603  C CE1 . PHE A 1 78  ? 9.703   5.627   -6.672  1.00 23.36 ? 78  PHE A CE1 1 
ATOM   604  C CE2 . PHE A 1 78  ? 11.163  4.931   -8.430  1.00 31.22 ? 78  PHE A CE2 1 
ATOM   605  C CZ  . PHE A 1 78  ? 9.889   5.036   -7.902  1.00 29.47 ? 78  PHE A CZ  1 
ATOM   606  N N   . ALA A 1 79  ? 12.216  4.008   -3.808  1.00 24.48 ? 79  ALA A N   1 
ATOM   607  C CA  . ALA A 1 79  ? 11.172  3.541   -2.893  1.00 26.87 ? 79  ALA A CA  1 
ATOM   608  C C   . ALA A 1 79  ? 11.722  3.041   -1.564  1.00 23.54 ? 79  ALA A C   1 
ATOM   609  O O   . ALA A 1 79  ? 12.796  2.432   -1.511  1.00 25.24 ? 79  ALA A O   1 
ATOM   610  C CB  . ALA A 1 79  ? 10.361  2.440   -3.554  1.00 22.15 ? 79  ALA A CB  1 
ATOM   611  N N   . ASN A 1 80  ? 10.974  3.272   -0.489  1.00 23.28 ? 80  ASN A N   1 
ATOM   612  C CA  . ASN A 1 80  ? 11.295  2.667   0.805   1.00 18.54 ? 80  ASN A CA  1 
ATOM   613  C C   . ASN A 1 80  ? 10.764  1.235   0.918   1.00 21.84 ? 80  ASN A C   1 
ATOM   614  O O   . ASN A 1 80  ? 11.343  0.404   1.620   1.00 22.73 ? 80  ASN A O   1 
ATOM   615  C CB  . ASN A 1 80  ? 10.689  3.487   1.959   1.00 21.65 ? 80  ASN A CB  1 
ATOM   616  C CG  . ASN A 1 80  ? 11.056  4.942   1.900   1.00 25.33 ? 80  ASN A CG  1 
ATOM   617  O OD1 . ASN A 1 80  ? 10.213  5.797   1.631   1.00 28.30 ? 80  ASN A OD1 1 
ATOM   618  N ND2 . ASN A 1 80  ? 12.329  5.244   2.151   1.00 32.07 ? 80  ASN A ND2 1 
ATOM   619  N N   . SER A 1 81  ? 9.645   0.966   0.245   1.00 18.29 ? 81  SER A N   1 
ATOM   620  C CA  . SER A 1 81  ? 8.904   -0.276  0.457   1.00 20.00 ? 81  SER A CA  1 
ATOM   621  C C   . SER A 1 81  ? 8.275   -0.755  -0.838  1.00 15.78 ? 81  SER A C   1 
ATOM   622  O O   . SER A 1 81  ? 8.052   0.037   -1.749  1.00 16.07 ? 81  SER A O   1 
ATOM   623  C CB  . SER A 1 81  ? 7.786   -0.047  1.483   1.00 20.46 ? 81  SER A CB  1 
ATOM   624  O OG  . SER A 1 81  ? 8.272   0.596   2.647   1.00 21.09 ? 81  SER A OG  1 
ATOM   625  N N   . PHE A 1 82  ? 7.943   -2.045  -0.881  1.00 12.75 ? 82  PHE A N   1 
ATOM   626  C CA  . PHE A 1 82  ? 7.400   -2.671  -2.076  1.00 14.24 ? 82  PHE A CA  1 
ATOM   627  C C   . PHE A 1 82  ? 6.277   -3.633  -1.710  1.00 15.00 ? 82  PHE A C   1 
ATOM   628  O O   . PHE A 1 82  ? 6.368   -4.356  -0.727  1.00 16.46 ? 82  PHE A O   1 
ATOM   629  C CB  . PHE A 1 82  ? 8.494   -3.449  -2.815  1.00 13.02 ? 82  PHE A CB  1 
ATOM   630  C CG  . PHE A 1 82  ? 9.546   -2.575  -3.420  1.00 14.44 ? 82  PHE A CG  1 
ATOM   631  C CD1 . PHE A 1 82  ? 9.354   -2.007  -4.666  1.00 16.77 ? 82  PHE A CD1 1 
ATOM   632  C CD2 . PHE A 1 82  ? 10.708  -2.301  -2.724  1.00 19.49 ? 82  PHE A CD2 1 
ATOM   633  C CE1 . PHE A 1 82  ? 10.326  -1.188  -5.222  1.00 16.73 ? 82  PHE A CE1 1 
ATOM   634  C CE2 . PHE A 1 82  ? 11.683  -1.477  -3.266  1.00 23.46 ? 82  PHE A CE2 1 
ATOM   635  C CZ  . PHE A 1 82  ? 11.495  -0.923  -4.510  1.00 18.35 ? 82  PHE A CZ  1 
ATOM   636  N N   . ILE A 1 83  ? 5.219   -3.632  -2.514  1.00 13.83 ? 83  ILE A N   1 
ATOM   637  C CA  . ILE A 1 83  ? 4.103   -4.555  -2.325  1.00 14.09 ? 83  ILE A CA  1 
ATOM   638  C C   . ILE A 1 83  ? 4.240   -5.739  -3.288  1.00 12.48 ? 83  ILE A C   1 
ATOM   639  O O   . ILE A 1 83  ? 4.473   -5.564  -4.492  1.00 15.16 ? 83  ILE A O   1 
ATOM   640  C CB  . ILE A 1 83  ? 2.758   -3.825  -2.497  1.00 16.81 ? 83  ILE A CB  1 
ATOM   641  C CG1 . ILE A 1 83  ? 2.577   -2.824  -1.342  1.00 13.72 ? 83  ILE A CG1 1 
ATOM   642  C CG2 . ILE A 1 83  ? 1.598   -4.827  -2.589  1.00 15.02 ? 83  ILE A CG2 1 
ATOM   643  C CD1 . ILE A 1 83  ? 1.347   -1.957  -1.454  1.00 15.21 ? 83  ILE A CD1 1 
ATOM   644  N N   . ALA A 1 84  ? 4.160   -6.945  -2.733  1.00 14.07 ? 84  ALA A N   1 
ATOM   645  C CA  . ALA A 1 84  ? 4.121   -8.175  -3.527  1.00 12.52 ? 84  ALA A CA  1 
ATOM   646  C C   . ALA A 1 84  ? 2.934   -9.016  -3.105  1.00 12.68 ? 84  ALA A C   1 
ATOM   647  O O   . ALA A 1 84  ? 2.428   -8.866  -1.994  1.00 12.99 ? 84  ALA A O   1 
ATOM   648  C CB  . ALA A 1 84  ? 5.407   -8.975  -3.343  1.00 13.83 ? 84  ALA A CB  1 
ATOM   649  N N   . HIS A 1 85  ? 2.495   -9.911  -3.988  1.00 12.69 ? 85  HIS A N   1 
ATOM   650  C CA  . HIS A 1 85  ? 1.403   -10.834 -3.656  1.00 15.64 ? 85  HIS A CA  1 
ATOM   651  C C   . HIS A 1 85  ? 1.893   -12.004 -2.828  1.00 14.95 ? 85  HIS A C   1 
ATOM   652  O O   . HIS A 1 85  ? 2.929   -12.577 -3.127  1.00 16.92 ? 85  HIS A O   1 
ATOM   653  C CB  . HIS A 1 85  ? 0.751   -11.373 -4.929  1.00 13.30 ? 85  HIS A CB  1 
ATOM   654  C CG  . HIS A 1 85  ? -0.388  -10.541 -5.420  1.00 14.82 ? 85  HIS A CG  1 
ATOM   655  N ND1 . HIS A 1 85  ? -1.611  -10.505 -4.785  1.00 13.91 ? 85  HIS A ND1 1 
ATOM   656  C CD2 . HIS A 1 85  ? -0.487  -9.707  -6.483  1.00 14.35 ? 85  HIS A CD2 1 
ATOM   657  C CE1 . HIS A 1 85  ? -2.416  -9.682  -5.434  1.00 16.10 ? 85  HIS A CE1 1 
ATOM   658  N NE2 . HIS A 1 85  ? -1.758  -9.185  -6.467  1.00 13.95 ? 85  HIS A NE2 1 
ATOM   659  N N   . SER A 1 86  ? 1.137   -12.362 -1.789  1.00 15.72 ? 86  SER A N   1 
ATOM   660  C CA  . SER A 1 86  ? 1.438   -13.571 -1.025  1.00 18.44 ? 86  SER A CA  1 
ATOM   661  C C   . SER A 1 86  ? 1.215   -14.843 -1.828  1.00 18.52 ? 86  SER A C   1 
ATOM   662  O O   . SER A 1 86  ? 1.942   -15.824 -1.655  1.00 13.98 ? 86  SER A O   1 
ATOM   663  C CB  . SER A 1 86  ? 0.540   -13.660 0.222   1.00 15.43 ? 86  SER A CB  1 
ATOM   664  O OG  . SER A 1 86  ? 0.765   -12.582 1.104   1.00 21.08 ? 86  SER A OG  1 
ATOM   665  N N   A PHE A 1 87  ? 0.210   -14.842 -2.708  0.51 17.71 ? 87  PHE A N   1 
ATOM   666  N N   B PHE A 1 87  ? 0.215   -14.822 -2.702  0.49 17.68 ? 87  PHE A N   1 
ATOM   667  C CA  A PHE A 1 87  ? -0.234  -16.100 -3.329  0.51 17.57 ? 87  PHE A CA  1 
ATOM   668  C CA  B PHE A 1 87  ? -0.235  -16.045 -3.354  0.49 17.59 ? 87  PHE A CA  1 
ATOM   669  C C   A PHE A 1 87  ? 0.829   -16.782 -4.192  0.51 16.97 ? 87  PHE A C   1 
ATOM   670  C C   B PHE A 1 87  ? 0.882   -16.784 -4.081  0.49 17.08 ? 87  PHE A C   1 
ATOM   671  O O   A PHE A 1 87  ? 0.742   -17.989 -4.465  0.51 16.87 ? 87  PHE A O   1 
ATOM   672  O O   B PHE A 1 87  ? 0.874   -18.025 -4.166  0.49 16.42 ? 87  PHE A O   1 
ATOM   673  C CB  A PHE A 1 87  ? -1.561  -15.932 -4.099  0.51 18.27 ? 87  PHE A CB  1 
ATOM   674  C CB  B PHE A 1 87  ? -1.378  -15.748 -4.318  0.49 18.14 ? 87  PHE A CB  1 
ATOM   675  C CG  A PHE A 1 87  ? -1.424  -15.248 -5.437  0.51 15.73 ? 87  PHE A CG  1 
ATOM   676  C CG  B PHE A 1 87  ? -1.989  -16.975 -4.906  0.49 18.72 ? 87  PHE A CG  1 
ATOM   677  C CD1 A PHE A 1 87  ? -1.064  -15.969 -6.569  0.51 19.66 ? 87  PHE A CD1 1 
ATOM   678  C CD1 B PHE A 1 87  ? -3.047  -17.609 -4.270  0.49 19.08 ? 87  PHE A CD1 1 
ATOM   679  C CD2 A PHE A 1 87  ? -1.698  -13.898 -5.568  0.51 17.71 ? 87  PHE A CD2 1 
ATOM   680  C CD2 B PHE A 1 87  ? -1.503  -17.510 -6.084  0.49 19.88 ? 87  PHE A CD2 1 
ATOM   681  C CE1 A PHE A 1 87  ? -0.947  -15.337 -7.806  0.51 16.79 ? 87  PHE A CE1 1 
ATOM   682  C CE1 B PHE A 1 87  ? -3.610  -18.741 -4.805  0.49 20.22 ? 87  PHE A CE1 1 
ATOM   683  C CE2 A PHE A 1 87  ? -1.587  -13.266 -6.792  0.51 16.83 ? 87  PHE A CE2 1 
ATOM   684  C CE2 B PHE A 1 87  ? -2.063  -18.656 -6.623  0.49 16.49 ? 87  PHE A CE2 1 
ATOM   685  C CZ  A PHE A 1 87  ? -1.212  -13.985 -7.912  0.51 16.03 ? 87  PHE A CZ  1 
ATOM   686  C CZ  B PHE A 1 87  ? -3.120  -19.271 -5.982  0.49 19.50 ? 87  PHE A CZ  1 
ATOM   687  N N   . ILE A 1 88  ? 1.849   -16.027 -4.587  1.00 14.48 ? 88  ILE A N   1 
ATOM   688  C CA  . ILE A 1 88  ? 2.934   -16.602 -5.400  1.00 16.68 ? 88  ILE A CA  1 
ATOM   689  C C   . ILE A 1 88  ? 3.835   -17.562 -4.629  1.00 18.02 ? 88  ILE A C   1 
ATOM   690  O O   . ILE A 1 88  ? 4.563   -18.354 -5.230  1.00 19.09 ? 88  ILE A O   1 
ATOM   691  C CB  . ILE A 1 88  ? 3.796   -15.522 -6.061  1.00 15.86 ? 88  ILE A CB  1 
ATOM   692  C CG1 . ILE A 1 88  ? 4.494   -14.672 -5.007  1.00 14.01 ? 88  ILE A CG1 1 
ATOM   693  C CG2 . ILE A 1 88  ? 2.936   -14.642 -6.977  1.00 22.09 ? 88  ILE A CG2 1 
ATOM   694  C CD1 . ILE A 1 88  ? 5.183   -13.459 -5.614  1.00 17.67 ? 88  ILE A CD1 1 
ATOM   695  N N   . GLY A 1 89  ? 3.810   -17.473 -3.304  1.00 14.72 ? 89  GLY A N   1 
ATOM   696  C CA  . GLY A 1 89  ? 4.517   -18.438 -2.489  1.00 18.71 ? 89  GLY A CA  1 
ATOM   697  C C   . GLY A 1 89  ? 5.961   -18.075 -2.215  1.00 19.55 ? 89  GLY A C   1 
ATOM   698  O O   . GLY A 1 89  ? 6.464   -17.023 -2.643  1.00 18.83 ? 89  GLY A O   1 
ATOM   699  N N   . VAL A 1 90  ? 6.652   -18.966 -1.512  1.00 17.90 ? 90  VAL A N   1 
ATOM   700  C CA  . VAL A 1 90  ? 7.953   -18.623 -0.948  1.00 18.20 ? 90  VAL A CA  1 
ATOM   701  C C   . VAL A 1 90  ? 9.133   -19.093 -1.807  1.00 17.85 ? 90  VAL A C   1 
ATOM   702  O O   . VAL A 1 90  ? 9.866   -18.286 -2.368  1.00 20.13 ? 90  VAL A O   1 
ATOM   703  C CB  . VAL A 1 90  ? 8.073   -19.170 0.498   1.00 22.58 ? 90  VAL A CB  1 
ATOM   704  C CG1 . VAL A 1 90  ? 9.479   -18.923 1.078   1.00 18.67 ? 90  VAL A CG1 1 
ATOM   705  C CG2 . VAL A 1 90  ? 6.985   -18.558 1.388   1.00 18.85 ? 90  VAL A CG2 1 
ATOM   706  N N   . LYS A 1 91  ? 9.311   -20.404 -1.922  1.00 16.18 ? 91  LYS A N   1 
ATOM   707  C CA  . LYS A 1 91  ? 10.523  -20.935 -2.536  1.00 16.39 ? 91  LYS A CA  1 
ATOM   708  C C   . LYS A 1 91  ? 10.688  -20.515 -3.989  1.00 18.77 ? 91  LYS A C   1 
ATOM   709  O O   . LYS A 1 91  ? 9.851   -20.839 -4.838  1.00 18.08 ? 91  LYS A O   1 
ATOM   710  C CB  . LYS A 1 91  ? 10.554  -22.465 -2.417  1.00 18.58 ? 91  LYS A CB  1 
ATOM   711  C CG  . LYS A 1 91  ? 11.059  -22.966 -1.075  1.00 28.03 ? 91  LYS A CG  1 
ATOM   712  C CD  . LYS A 1 91  ? 10.322  -22.273 0.062   1.00 36.99 ? 91  LYS A CD  1 
ATOM   713  C CE  . LYS A 1 91  ? 10.061  -23.204 1.241   1.00 45.92 ? 91  LYS A CE  1 
ATOM   714  N NZ  . LYS A 1 91  ? 8.882   -22.736 2.047   1.00 32.45 ? 91  LYS A NZ  1 
ATOM   715  N N   . GLY A 1 92  ? 11.762  -19.782 -4.275  1.00 15.21 ? 92  GLY A N   1 
ATOM   716  C CA  . GLY A 1 92  ? 12.064  -19.378 -5.640  1.00 15.65 ? 92  GLY A CA  1 
ATOM   717  C C   . GLY A 1 92  ? 11.278  -18.151 -6.079  1.00 19.78 ? 92  GLY A C   1 
ATOM   718  O O   . GLY A 1 92  ? 11.302  -17.769 -7.251  1.00 15.22 ? 92  GLY A O   1 
ATOM   719  N N   . SER A 1 93  ? 10.574  -17.537 -5.136  1.00 15.32 ? 93  SER A N   1 
ATOM   720  C CA  . SER A 1 93  ? 9.808   -16.324 -5.423  1.00 14.07 ? 93  SER A CA  1 
ATOM   721  C C   . SER A 1 93  ? 9.978   -15.335 -4.272  1.00 14.92 ? 93  SER A C   1 
ATOM   722  O O   . SER A 1 93  ? 10.928  -14.555 -4.257  1.00 15.61 ? 93  SER A O   1 
ATOM   723  C CB  . SER A 1 93  ? 8.343   -16.671 -5.685  1.00 16.49 ? 93  SER A CB  1 
ATOM   724  O OG  . SER A 1 93  ? 7.566   -15.520 -5.970  1.00 21.01 ? 93  SER A OG  1 
ATOM   725  N N   . LEU A 1 94  ? 9.094   -15.375 -3.280  1.00 13.15 ? 94  LEU A N   1 
ATOM   726  C CA  . LEU A 1 94  ? 9.202   -14.396 -2.204  1.00 15.38 ? 94  LEU A CA  1 
ATOM   727  C C   . LEU A 1 94  ? 10.466  -14.516 -1.339  1.00 18.54 ? 94  LEU A C   1 
ATOM   728  O O   . LEU A 1 94  ? 10.957  -13.504 -0.823  1.00 17.34 ? 94  LEU A O   1 
ATOM   729  C CB  . LEU A 1 94  ? 7.938   -14.379 -1.342  1.00 19.04 ? 94  LEU A CB  1 
ATOM   730  C CG  . LEU A 1 94  ? 6.704   -13.819 -2.053  1.00 15.53 ? 94  LEU A CG  1 
ATOM   731  C CD1 . LEU A 1 94  ? 5.464   -14.120 -1.231  1.00 16.00 ? 94  LEU A CD1 1 
ATOM   732  C CD2 . LEU A 1 94  ? 6.842   -12.301 -2.308  1.00 15.07 ? 94  LEU A CD2 1 
ATOM   733  N N   . ASP A 1 95  ? 11.008  -15.720 -1.166  1.00 15.34 ? 95  ASP A N   1 
ATOM   734  C CA  . ASP A 1 95  ? 12.226  -15.813 -0.349  1.00 16.29 ? 95  ASP A CA  1 
ATOM   735  C C   . ASP A 1 95  ? 13.383  -15.026 -0.966  1.00 18.76 ? 95  ASP A C   1 
ATOM   736  O O   . ASP A 1 95  ? 14.089  -14.292 -0.273  1.00 17.27 ? 95  ASP A O   1 
ATOM   737  C CB  . ASP A 1 95  ? 12.623  -17.262 0.006   1.00 15.88 ? 95  ASP A CB  1 
ATOM   738  C CG  . ASP A 1 95  ? 12.876  -18.144 -1.215  1.00 19.55 ? 95  ASP A CG  1 
ATOM   739  O OD1 . ASP A 1 95  ? 12.828  -17.658 -2.362  1.00 22.90 ? 95  ASP A OD1 1 
ATOM   740  O OD2 . ASP A 1 95  ? 13.155  -19.346 -1.013  1.00 20.98 ? 95  ASP A OD2 1 
ATOM   741  N N   . GLU A 1 96  ? 13.537  -15.145 -2.278  1.00 17.57 ? 96  GLU A N   1 
ATOM   742  C CA  . GLU A 1 96  ? 14.599  -14.464 -2.993  1.00 16.95 ? 96  GLU A CA  1 
ATOM   743  C C   . GLU A 1 96  ? 14.399  -12.954 -2.981  1.00 18.70 ? 96  GLU A C   1 
ATOM   744  O O   . GLU A 1 96  ? 15.362  -12.195 -2.858  1.00 19.54 ? 96  GLU A O   1 
ATOM   745  C CB  . GLU A 1 96  ? 14.690  -14.980 -4.426  1.00 23.93 ? 96  GLU A CB  1 
ATOM   746  C CG  . GLU A 1 96  ? 15.185  -16.401 -4.505  1.00 17.63 ? 96  GLU A CG  1 
ATOM   747  C CD  . GLU A 1 96  ? 15.223  -16.944 -5.912  1.00 20.53 ? 96  GLU A CD  1 
ATOM   748  O OE1 . GLU A 1 96  ? 15.034  -16.165 -6.868  1.00 20.75 ? 96  GLU A OE1 1 
ATOM   749  O OE2 . GLU A 1 96  ? 15.457  -18.165 -6.064  1.00 23.33 ? 96  GLU A OE2 1 
ATOM   750  N N   . LEU A 1 97  ? 13.149  -12.517 -3.109  1.00 16.74 ? 97  LEU A N   1 
ATOM   751  C CA  . LEU A 1 97  ? 12.847  -11.084 -3.049  1.00 15.91 ? 97  LEU A CA  1 
ATOM   752  C C   . LEU A 1 97  ? 13.109  -10.523 -1.647  1.00 15.18 ? 97  LEU A C   1 
ATOM   753  O O   . LEU A 1 97  ? 13.661  -9.426  -1.505  1.00 19.60 ? 97  LEU A O   1 
ATOM   754  C CB  . LEU A 1 97  ? 11.401  -10.815 -3.476  1.00 12.56 ? 97  LEU A CB  1 
ATOM   755  C CG  . LEU A 1 97  ? 10.938  -9.360  -3.384  1.00 12.95 ? 97  LEU A CG  1 
ATOM   756  C CD1 . LEU A 1 97  ? 11.741  -8.459  -4.314  1.00 13.89 ? 97  LEU A CD1 1 
ATOM   757  C CD2 . LEU A 1 97  ? 9.435   -9.240  -3.671  1.00 16.23 ? 97  LEU A CD2 1 
ATOM   758  N N   . LYS A 1 98  ? 12.716  -11.274 -0.618  1.00 13.94 ? 98  LYS A N   1 
ATOM   759  C CA  . LYS A 1 98  ? 12.938  -10.850 0.767   1.00 18.90 ? 98  LYS A CA  1 
ATOM   760  C C   . LYS A 1 98  ? 14.434  -10.680 1.069   1.00 21.60 ? 98  LYS A C   1 
ATOM   761  O O   . LYS A 1 98  ? 14.843  -9.654  1.629   1.00 16.92 ? 98  LYS A O   1 
ATOM   762  C CB  . LYS A 1 98  ? 12.249  -11.803 1.765   1.00 19.93 ? 98  LYS A CB  1 
ATOM   763  C CG  . LYS A 1 98  ? 12.337  -11.387 3.237   1.00 17.59 ? 98  LYS A CG  1 
ATOM   764  C CD  . LYS A 1 98  ? 11.704  -10.032 3.486   1.00 22.01 ? 98  LYS A CD  1 
ATOM   765  C CE  . LYS A 1 98  ? 11.351  -9.828  4.959   1.00 24.16 ? 98  LYS A CE  1 
ATOM   766  N NZ  . LYS A 1 98  ? 12.451  -10.198 5.899   1.00 29.63 ? 98  LYS A NZ  1 
ATOM   767  N N   . ARG A 1 99  ? 15.246  -11.668 0.687   1.00 19.52 ? 99  ARG A N   1 
ATOM   768  C CA  . ARG A 1 99  ? 16.686  -11.576 0.888   1.00 22.02 ? 99  ARG A CA  1 
ATOM   769  C C   . ARG A 1 99  ? 17.214  -10.306 0.226   1.00 19.18 ? 99  ARG A C   1 
ATOM   770  O O   . ARG A 1 99  ? 18.040  -9.586  0.793   1.00 23.28 ? 99  ARG A O   1 
ATOM   771  C CB  . ARG A 1 99  ? 17.417  -12.801 0.304   1.00 24.54 ? 99  ARG A CB  1 
ATOM   772  C CG  . ARG A 1 99  ? 16.839  -14.166 0.684   1.00 29.35 ? 99  ARG A CG  1 
ATOM   773  C CD  . ARG A 1 99  ? 17.321  -14.681 2.043   1.00 33.22 ? 99  ARG A CD  1 
ATOM   774  N NE  . ARG A 1 99  ? 16.732  -13.944 3.158   1.00 32.14 ? 99  ARG A NE  1 
ATOM   775  C CZ  . ARG A 1 99  ? 15.467  -14.066 3.552   1.00 31.18 ? 99  ARG A CZ  1 
ATOM   776  N NH1 . ARG A 1 99  ? 14.639  -14.887 2.910   1.00 23.14 ? 99  ARG A NH1 1 
ATOM   777  N NH2 . ARG A 1 99  ? 15.029  -13.354 4.583   1.00 31.27 ? 99  ARG A NH2 1 
ATOM   778  N N   . TYR A 1 100 ? 16.744  -10.037 -0.987  1.00 16.87 ? 100 TYR A N   1 
ATOM   779  C CA  . TYR A 1 100 ? 17.196  -8.870  -1.726  1.00 16.56 ? 100 TYR A CA  1 
ATOM   780  C C   . TYR A 1 100 ? 16.813  -7.560  -1.045  1.00 19.11 ? 100 TYR A C   1 
ATOM   781  O O   . TYR A 1 100 ? 17.637  -6.649  -0.906  1.00 19.23 ? 100 TYR A O   1 
ATOM   782  C CB  . TYR A 1 100 ? 16.650  -8.864  -3.149  1.00 15.41 ? 100 TYR A CB  1 
ATOM   783  C CG  . TYR A 1 100 ? 17.095  -7.629  -3.880  1.00 16.90 ? 100 TYR A CG  1 
ATOM   784  C CD1 . TYR A 1 100 ? 18.340  -7.576  -4.490  1.00 21.40 ? 100 TYR A CD1 1 
ATOM   785  C CD2 . TYR A 1 100 ? 16.294  -6.494  -3.918  1.00 20.87 ? 100 TYR A CD2 1 
ATOM   786  C CE1 . TYR A 1 100 ? 18.771  -6.433  -5.138  1.00 26.22 ? 100 TYR A CE1 1 
ATOM   787  C CE2 . TYR A 1 100 ? 16.717  -5.333  -4.573  1.00 23.67 ? 100 TYR A CE2 1 
ATOM   788  C CZ  . TYR A 1 100 ? 17.961  -5.317  -5.177  1.00 25.30 ? 100 TYR A CZ  1 
ATOM   789  O OH  . TYR A 1 100 ? 18.400  -4.184  -5.827  1.00 29.34 ? 100 TYR A OH  1 
ATOM   790  N N   . LEU A 1 101 ? 15.555  -7.458  -0.633  1.00 17.31 ? 101 LEU A N   1 
ATOM   791  C CA  . LEU A 1 101 ? 15.072  -6.218  -0.038  1.00 16.80 ? 101 LEU A CA  1 
ATOM   792  C C   . LEU A 1 101 ? 15.778  -5.976  1.292   1.00 21.47 ? 101 LEU A C   1 
ATOM   793  O O   . LEU A 1 101 ? 16.149  -4.837  1.597   1.00 20.38 ? 101 LEU A O   1 
ATOM   794  C CB  . LEU A 1 101 ? 13.543  -6.254  0.135   1.00 16.70 ? 101 LEU A CB  1 
ATOM   795  C CG  . LEU A 1 101 ? 12.736  -6.287  -1.168  1.00 14.63 ? 101 LEU A CG  1 
ATOM   796  C CD1 . LEU A 1 101 ? 11.219  -6.484  -0.912  1.00 14.80 ? 101 LEU A CD1 1 
ATOM   797  C CD2 . LEU A 1 101 ? 12.961  -5.071  -2.039  1.00 17.37 ? 101 LEU A CD2 1 
ATOM   798  N N   . ASP A 1 102 ? 15.983  -7.048  2.065   1.00 17.14 ? 102 ASP A N   1 
ATOM   799  C CA  . ASP A 1 102 ? 16.696  -6.954  3.337   1.00 16.57 ? 102 ASP A CA  1 
ATOM   800  C C   . ASP A 1 102 ? 18.099  -6.370  3.140   1.00 17.39 ? 102 ASP A C   1 
ATOM   801  O O   . ASP A 1 102 ? 18.512  -5.476  3.877   1.00 19.33 ? 102 ASP A O   1 
ATOM   802  C CB  . ASP A 1 102 ? 16.813  -8.329  4.009   1.00 21.46 ? 102 ASP A CB  1 
ATOM   803  C CG  . ASP A 1 102 ? 15.540  -8.746  4.720   1.00 24.24 ? 102 ASP A CG  1 
ATOM   804  O OD1 . ASP A 1 102 ? 14.649  -7.890  4.899   1.00 29.61 ? 102 ASP A OD1 1 
ATOM   805  O OD2 . ASP A 1 102 ? 15.436  -9.932  5.105   1.00 28.06 ? 102 ASP A OD2 1 
ATOM   806  N N   . ALA A 1 103 ? 18.821  -6.890  2.147   1.00 20.44 ? 103 ALA A N   1 
ATOM   807  C CA  . ALA A 1 103 ? 20.192  -6.449  1.856   1.00 17.67 ? 103 ALA A CA  1 
ATOM   808  C C   . ALA A 1 103 ? 20.247  -5.007  1.385   1.00 18.68 ? 103 ALA A C   1 
ATOM   809  O O   . ALA A 1 103 ? 21.268  -4.338  1.540   1.00 23.43 ? 103 ALA A O   1 
ATOM   810  C CB  . ALA A 1 103 ? 20.835  -7.345  0.816   1.00 17.82 ? 103 ALA A CB  1 
ATOM   811  N N   . ASN A 1 104 ? 19.155  -4.540  0.791   1.00 22.20 ? 104 ASN A N   1 
ATOM   812  C CA  . ASN A 1 104 ? 19.079  -3.191  0.256   1.00 21.51 ? 104 ASN A CA  1 
ATOM   813  C C   . ASN A 1 104 ? 18.239  -2.224  1.116   1.00 21.26 ? 104 ASN A C   1 
ATOM   814  O O   . ASN A 1 104 ? 17.869  -1.134  0.656   1.00 26.41 ? 104 ASN A O   1 
ATOM   815  C CB  . ASN A 1 104 ? 18.582  -3.223  -1.202  1.00 22.17 ? 104 ASN A CB  1 
ATOM   816  C CG  . ASN A 1 104 ? 19.610  -3.831  -2.163  1.00 23.58 ? 104 ASN A CG  1 
ATOM   817  O OD1 . ASN A 1 104 ? 20.393  -3.111  -2.796  1.00 29.65 ? 104 ASN A OD1 1 
ATOM   818  N ND2 . ASN A 1 104 ? 19.600  -5.161  -2.285  1.00 21.69 ? 104 ASN A ND2 1 
ATOM   819  N N   . SER A 1 105 ? 17.979  -2.614  2.363   1.00 21.26 ? 105 SER A N   1 
ATOM   820  C CA  . SER A 1 105 ? 17.275  -1.775  3.349   1.00 22.80 ? 105 SER A CA  1 
ATOM   821  C C   . SER A 1 105 ? 15.889  -1.348  2.892   1.00 22.86 ? 105 SER A C   1 
ATOM   822  O O   . SER A 1 105 ? 15.488  -0.190  3.091   1.00 25.15 ? 105 SER A O   1 
ATOM   823  C CB  . SER A 1 105 ? 18.098  -0.533  3.724   1.00 26.68 ? 105 SER A CB  1 
ATOM   824  O OG  . SER A 1 105 ? 19.248  -0.884  4.480   1.00 37.62 ? 105 SER A OG  1 
ATOM   825  N N   . LYS A 1 106 ? 15.165  -2.275  2.274   1.00 18.60 ? 106 LYS A N   1 
ATOM   826  C CA  . LYS A 1 106 ? 13.800  -1.997  1.820   1.00 15.81 ? 106 LYS A CA  1 
ATOM   827  C C   . LYS A 1 106 ? 12.805  -2.834  2.616   1.00 17.72 ? 106 LYS A C   1 
ATOM   828  O O   . LYS A 1 106 ? 13.135  -3.924  3.071   1.00 20.80 ? 106 LYS A O   1 
ATOM   829  C CB  . LYS A 1 106 ? 13.673  -2.328  0.330   1.00 20.58 ? 106 LYS A CB  1 
ATOM   830  C CG  . LYS A 1 106 ? 14.697  -1.632  -0.544  1.00 19.75 ? 106 LYS A CG  1 
ATOM   831  C CD  . LYS A 1 106 ? 14.556  -0.122  -0.429  1.00 20.32 ? 106 LYS A CD  1 
ATOM   832  C CE  . LYS A 1 106 ? 15.548  0.596   -1.338  1.00 23.20 ? 106 LYS A CE  1 
ATOM   833  N NZ  . LYS A 1 106 ? 15.473  2.071   -1.168  1.00 23.65 ? 106 LYS A NZ  1 
ATOM   834  N N   . ASN A 1 107 ? 11.592  -2.311  2.784   1.00 16.02 ? 107 ASN A N   1 
ATOM   835  C CA  . ASN A 1 107 ? 10.515  -3.051  3.432   1.00 19.56 ? 107 ASN A CA  1 
ATOM   836  C C   . ASN A 1 107 ? 9.663   -3.808  2.410   1.00 18.84 ? 107 ASN A C   1 
ATOM   837  O O   . ASN A 1 107 ? 9.495   -3.356  1.269   1.00 13.72 ? 107 ASN A O   1 
ATOM   838  C CB  . ASN A 1 107 ? 9.594   -2.100  4.204   1.00 18.15 ? 107 ASN A CB  1 
ATOM   839  C CG  . ASN A 1 107 ? 10.318  -1.309  5.271   1.00 28.78 ? 107 ASN A CG  1 
ATOM   840  O OD1 . ASN A 1 107 ? 11.064  -1.861  6.079   1.00 27.67 ? 107 ASN A OD1 1 
ATOM   841  N ND2 . ASN A 1 107 ? 10.091  0.000   5.282   1.00 29.87 ? 107 ASN A ND2 1 
ATOM   842  N N   . LEU A 1 108 ? 9.100   -4.937  2.836   1.00 18.71 ? 108 LEU A N   1 
ATOM   843  C CA  . LEU A 1 108 ? 8.179   -5.714  2.009   1.00 15.15 ? 108 LEU A CA  1 
ATOM   844  C C   . LEU A 1 108 ? 6.798   -5.719  2.651   1.00 15.20 ? 108 LEU A C   1 
ATOM   845  O O   . LEU A 1 108 ? 6.669   -5.923  3.858   1.00 19.39 ? 108 LEU A O   1 
ATOM   846  C CB  . LEU A 1 108 ? 8.680   -7.168  1.857   1.00 16.95 ? 108 LEU A CB  1 
ATOM   847  C CG  . LEU A 1 108 ? 7.844   -8.168  1.053   1.00 14.58 ? 108 LEU A CG  1 
ATOM   848  C CD1 . LEU A 1 108 ? 7.650   -7.700  -0.394  1.00 16.88 ? 108 LEU A CD1 1 
ATOM   849  C CD2 . LEU A 1 108 ? 8.444   -9.581  1.098   1.00 14.93 ? 108 LEU A CD2 1 
ATOM   850  N N   . TYR A 1 109 ? 5.778   -5.449  1.841   1.00 15.99 ? 109 TYR A N   1 
ATOM   851  C CA  . TYR A 1 109 ? 4.375   -5.602  2.241   1.00 14.51 ? 109 TYR A CA  1 
ATOM   852  C C   . TYR A 1 109 ? 3.763   -6.685  1.365   1.00 14.44 ? 109 TYR A C   1 
ATOM   853  O O   . TYR A 1 109 ? 3.923   -6.648  0.140   1.00 16.46 ? 109 TYR A O   1 
ATOM   854  C CB  . TYR A 1 109 ? 3.615   -4.295  2.003   1.00 14.17 ? 109 TYR A CB  1 
ATOM   855  C CG  . TYR A 1 109 ? 3.924   -3.213  3.005   1.00 18.35 ? 109 TYR A CG  1 
ATOM   856  C CD1 . TYR A 1 109 ? 3.056   -2.951  4.055   1.00 26.60 ? 109 TYR A CD1 1 
ATOM   857  C CD2 . TYR A 1 109 ? 5.079   -2.446  2.899   1.00 22.88 ? 109 TYR A CD2 1 
ATOM   858  C CE1 . TYR A 1 109 ? 3.328   -1.962  4.979   1.00 25.62 ? 109 TYR A CE1 1 
ATOM   859  C CE2 . TYR A 1 109 ? 5.358   -1.444  3.823   1.00 23.91 ? 109 TYR A CE2 1 
ATOM   860  C CZ  . TYR A 1 109 ? 4.477   -1.215  4.858   1.00 25.71 ? 109 TYR A CZ  1 
ATOM   861  O OH  . TYR A 1 109 ? 4.734   -0.237  5.784   1.00 31.83 ? 109 TYR A OH  1 
ATOM   862  N N   . LEU A 1 110 ? 3.048   -7.636  1.971   1.00 15.41 ? 110 LEU A N   1 
ATOM   863  C CA  . LEU A 1 110 ? 2.448   -8.717  1.190   1.00 12.69 ? 110 LEU A CA  1 
ATOM   864  C C   . LEU A 1 110 ? 0.929   -8.575  1.113   1.00 16.85 ? 110 LEU A C   1 
ATOM   865  O O   . LEU A 1 110 ? 0.271   -8.246  2.096   1.00 14.15 ? 110 LEU A O   1 
ATOM   866  C CB  . LEU A 1 110 ? 2.806   -10.080 1.770   1.00 10.81 ? 110 LEU A CB  1 
ATOM   867  C CG  . LEU A 1 110 ? 4.271   -10.512 1.755   1.00 10.87 ? 110 LEU A CG  1 
ATOM   868  C CD1 . LEU A 1 110 ? 4.402   -11.883 2.400   1.00 11.59 ? 110 LEU A CD1 1 
ATOM   869  C CD2 . LEU A 1 110 ? 4.821   -10.531 0.316   1.00 15.19 ? 110 LEU A CD2 1 
ATOM   870  N N   . VAL A 1 111 ? 0.380   -8.820  -0.071  1.00 12.08 ? 111 VAL A N   1 
ATOM   871  C CA  . VAL A 1 111 ? -1.062  -8.741  -0.269  1.00 15.03 ? 111 VAL A CA  1 
ATOM   872  C C   . VAL A 1 111 ? -1.758  -9.962  0.334   1.00 15.66 ? 111 VAL A C   1 
ATOM   873  O O   . VAL A 1 111 ? -1.494  -11.103 -0.066  1.00 17.92 ? 111 VAL A O   1 
ATOM   874  C CB  . VAL A 1 111 ? -1.405  -8.632  -1.760  1.00 13.45 ? 111 VAL A CB  1 
ATOM   875  C CG1 . VAL A 1 111 ? -2.924  -8.700  -1.948  1.00 16.75 ? 111 VAL A CG1 1 
ATOM   876  C CG2 . VAL A 1 111 ? -0.843  -7.339  -2.320  1.00 14.37 ? 111 VAL A CG2 1 
ATOM   877  N N   . ALA A 1 112 ? -2.641  -9.729  1.304   1.00 13.85 ? 112 ALA A N   1 
ATOM   878  C CA  . ALA A 1 112 ? -3.318  -10.848 1.981   1.00 15.62 ? 112 ALA A CA  1 
ATOM   879  C C   . ALA A 1 112 ? -4.755  -11.011 1.512   1.00 14.00 ? 112 ALA A C   1 
ATOM   880  O O   . ALA A 1 112 ? -5.197  -12.129 1.222   1.00 17.02 ? 112 ALA A O   1 
ATOM   881  C CB  . ALA A 1 112 ? -3.262  -10.699 3.507   1.00 15.13 ? 112 ALA A CB  1 
ATOM   882  N N   . VAL A 1 113 ? -5.496  -9.908  1.489   1.00 14.31 ? 113 VAL A N   1 
ATOM   883  C CA  . VAL A 1 113 ? -6.880  -9.913  1.041   1.00 13.94 ? 113 VAL A CA  1 
ATOM   884  C C   . VAL A 1 113 ? -7.131  -8.706  0.142   1.00 18.32 ? 113 VAL A C   1 
ATOM   885  O O   . VAL A 1 113 ? -6.761  -7.583  0.482   1.00 18.18 ? 113 VAL A O   1 
ATOM   886  C CB  . VAL A 1 113 ? -7.860  -9.839  2.228   1.00 16.80 ? 113 VAL A CB  1 
ATOM   887  C CG1 . VAL A 1 113 ? -9.301  -10.017 1.735   1.00 16.07 ? 113 VAL A CG1 1 
ATOM   888  C CG2 . VAL A 1 113 ? -7.505  -10.880 3.270   1.00 15.73 ? 113 VAL A CG2 1 
ATOM   889  N N   . MET A 1 114 ? -7.751  -8.928  -1.007  1.00 16.73 ? 114 MET A N   1 
ATOM   890  C CA  . MET A 1 114 ? -8.151  -7.792  -1.843  1.00 20.32 ? 114 MET A CA  1 
ATOM   891  C C   . MET A 1 114 ? -9.618  -7.422  -1.671  1.00 21.99 ? 114 MET A C   1 
ATOM   892  O O   . MET A 1 114 ? -10.399 -8.178  -1.082  1.00 20.65 ? 114 MET A O   1 
ATOM   893  C CB  . MET A 1 114 ? -7.794  -8.024  -3.304  1.00 15.70 ? 114 MET A CB  1 
ATOM   894  C CG  . MET A 1 114 ? -6.321  -8.304  -3.486  1.00 22.49 ? 114 MET A CG  1 
ATOM   895  S SD  . MET A 1 114 ? -5.791  -8.111  -5.190  1.00 24.04 ? 114 MET A SD  1 
ATOM   896  C CE  . MET A 1 114 ? -6.217  -6.384  -5.465  1.00 22.36 ? 114 MET A CE  1 
ATOM   897  N N   . SER A 1 115 ? -9.982  -6.245  -2.183  1.00 21.58 ? 115 SER A N   1 
ATOM   898  C CA  . SER A 1 115 ? -11.302 -5.662  -1.929  1.00 28.87 ? 115 SER A CA  1 
ATOM   899  C C   . SER A 1 115 ? -12.392 -6.027  -2.938  1.00 24.59 ? 115 SER A C   1 
ATOM   900  O O   . SER A 1 115 ? -13.576 -5.802  -2.681  1.00 29.08 ? 115 SER A O   1 
ATOM   901  C CB  . SER A 1 115 ? -11.194 -4.137  -1.853  1.00 27.53 ? 115 SER A CB  1 
ATOM   902  O OG  . SER A 1 115 ? -10.312 -3.718  -0.834  1.00 31.83 ? 115 SER A OG  1 
ATOM   903  N N   . HIS A 1 116 ? -12.018 -6.557  -4.099  1.00 18.54 ? 116 HIS A N   1 
ATOM   904  C CA  . HIS A 1 116 ? -13.037 -6.883  -5.092  1.00 24.40 ? 116 HIS A CA  1 
ATOM   905  C C   . HIS A 1 116 ? -13.742 -8.194  -4.739  1.00 22.08 ? 116 HIS A C   1 
ATOM   906  O O   . HIS A 1 116 ? -13.190 -9.050  -4.037  1.00 20.22 ? 116 HIS A O   1 
ATOM   907  C CB  . HIS A 1 116 ? -12.438 -6.934  -6.501  1.00 16.33 ? 116 HIS A CB  1 
ATOM   908  C CG  . HIS A 1 116 ? -11.356 -7.953  -6.649  1.00 17.80 ? 116 HIS A CG  1 
ATOM   909  N ND1 . HIS A 1 116 ? -10.121 -7.809  -6.062  1.00 18.92 ? 116 HIS A ND1 1 
ATOM   910  C CD2 . HIS A 1 116 ? -11.335 -9.142  -7.300  1.00 14.24 ? 116 HIS A CD2 1 
ATOM   911  C CE1 . HIS A 1 116 ? -9.378  -8.866  -6.345  1.00 16.49 ? 116 HIS A CE1 1 
ATOM   912  N NE2 . HIS A 1 116 ? -10.089 -9.687  -7.095  1.00 17.19 ? 116 HIS A NE2 1 
ATOM   913  N N   . GLU A 1 117 ? -14.972 -8.344  -5.215  1.00 23.61 ? 117 GLU A N   1 
ATOM   914  C CA  . GLU A 1 117 ? -15.776 -9.514  -4.884  1.00 25.41 ? 117 GLU A CA  1 
ATOM   915  C C   . GLU A 1 117 ? -15.151 -10.812 -5.375  1.00 25.81 ? 117 GLU A C   1 
ATOM   916  O O   . GLU A 1 117 ? -15.339 -11.866 -4.759  1.00 21.92 ? 117 GLU A O   1 
ATOM   917  C CB  . GLU A 1 117 ? -17.197 -9.372  -5.441  1.00 34.51 ? 117 GLU A CB  1 
ATOM   918  C CG  . GLU A 1 117 ? -18.116 -8.548  -4.571  1.00 43.55 ? 117 GLU A CG  1 
ATOM   919  C CD  . GLU A 1 117 ? -19.477 -8.339  -5.205  1.00 47.97 ? 117 GLU A CD  1 
ATOM   920  O OE1 . GLU A 1 117 ? -19.926 -7.177  -5.259  1.00 44.99 ? 117 GLU A OE1 1 
ATOM   921  O OE2 . GLU A 1 117 ? -20.095 -9.333  -5.647  1.00 53.61 ? 117 GLU A OE2 1 
ATOM   922  N N   . GLY A 1 118 ? -14.399 -10.727 -6.472  1.00 20.90 ? 118 GLY A N   1 
ATOM   923  C CA  . GLY A 1 118 ? -13.816 -11.895 -7.097  1.00 19.17 ? 118 GLY A CA  1 
ATOM   924  C C   . GLY A 1 118 ? -12.639 -12.480 -6.334  1.00 18.30 ? 118 GLY A C   1 
ATOM   925  O O   . GLY A 1 118 ? -12.193 -13.583 -6.633  1.00 21.31 ? 118 GLY A O   1 
ATOM   926  N N   . TRP A 1 119 ? -12.136 -11.748 -5.345  1.00 18.65 ? 119 TRP A N   1 
ATOM   927  C CA  . TRP A 1 119 ? -11.033 -12.266 -4.536  1.00 16.76 ? 119 TRP A CA  1 
ATOM   928  C C   . TRP A 1 119 ? -11.485 -13.447 -3.693  1.00 20.53 ? 119 TRP A C   1 
ATOM   929  O O   . TRP A 1 119 ? -12.377 -13.313 -2.850  1.00 21.18 ? 119 TRP A O   1 
ATOM   930  C CB  . TRP A 1 119 ? -10.452 -11.185 -3.619  1.00 19.61 ? 119 TRP A CB  1 
ATOM   931  C CG  . TRP A 1 119 ? -9.306  -11.693 -2.784  1.00 20.76 ? 119 TRP A CG  1 
ATOM   932  C CD1 . TRP A 1 119 ? -9.356  -12.123 -1.492  1.00 20.77 ? 119 TRP A CD1 1 
ATOM   933  C CD2 . TRP A 1 119 ? -7.943  -11.837 -3.201  1.00 21.13 ? 119 TRP A CD2 1 
ATOM   934  N NE1 . TRP A 1 119 ? -8.107  -12.516 -1.071  1.00 18.31 ? 119 TRP A NE1 1 
ATOM   935  C CE2 . TRP A 1 119 ? -7.220  -12.349 -2.107  1.00 16.09 ? 119 TRP A CE2 1 
ATOM   936  C CE3 . TRP A 1 119 ? -7.266  -11.573 -4.397  1.00 18.60 ? 119 TRP A CE3 1 
ATOM   937  C CZ2 . TRP A 1 119 ? -5.847  -12.609 -2.170  1.00 19.25 ? 119 TRP A CZ2 1 
ATOM   938  C CZ3 . TRP A 1 119 ? -5.903  -11.815 -4.454  1.00 14.55 ? 119 TRP A CZ3 1 
ATOM   939  C CH2 . TRP A 1 119 ? -5.210  -12.332 -3.350  1.00 19.51 ? 119 TRP A CH2 1 
ATOM   940  N N   . SER A 1 120 ? -10.849 -14.595 -3.904  1.00 17.33 ? 120 SER A N   1 
ATOM   941  C CA  . SER A 1 120 ? -11.209 -15.810 -3.185  1.00 25.83 ? 120 SER A CA  1 
ATOM   942  C C   . SER A 1 120 ? -10.732 -15.810 -1.736  1.00 27.06 ? 120 SER A C   1 
ATOM   943  O O   . SER A 1 120 ? -9.594  -15.446 -1.427  1.00 31.89 ? 120 SER A O   1 
ATOM   944  C CB  . SER A 1 120 ? -10.676 -17.053 -3.901  1.00 23.11 ? 120 SER A CB  1 
ATOM   945  O OG  . SER A 1 120 ? -11.076 -18.221 -3.213  1.00 26.91 ? 120 SER A OG  1 
ATOM   946  N N   . THR A 1 121 ? -11.629 -16.237 -0.860  1.00 32.27 ? 121 THR A N   1 
ATOM   947  C CA  . THR A 1 121 ? -11.367 -16.340 0.560   1.00 36.50 ? 121 THR A CA  1 
ATOM   948  C C   . THR A 1 121 ? -10.733 -17.694 0.856   1.00 27.16 ? 121 THR A C   1 
ATOM   949  O O   . THR A 1 121 ? -10.241 -17.936 1.959   1.00 34.13 ? 121 THR A O   1 
ATOM   950  C CB  . THR A 1 121 ? -12.698 -16.235 1.339   1.00 37.52 ? 121 THR A CB  1 
ATOM   951  O OG1 . THR A 1 121 ? -12.479 -15.628 2.615   1.00 47.41 ? 121 THR A OG1 1 
ATOM   952  C CG2 . THR A 1 121 ? -13.334 -17.621 1.518   1.00 36.72 ? 121 THR A CG2 1 
ATOM   953  N N   . LEU A 1 122 ? -10.740 -18.572 -0.140  1.00 26.53 ? 122 LEU A N   1 
ATOM   954  C CA  . LEU A 1 122 ? -10.466 -19.993 0.078   1.00 31.89 ? 122 LEU A CA  1 
ATOM   955  C C   . LEU A 1 122 ? -9.048  -20.328 0.527   1.00 33.98 ? 122 LEU A C   1 
ATOM   956  O O   . LEU A 1 122 ? -8.795  -21.422 1.029   1.00 42.49 ? 122 LEU A O   1 
ATOM   957  C CB  . LEU A 1 122 ? -10.804 -20.789 -1.182  1.00 32.05 ? 122 LEU A CB  1 
ATOM   958  C CG  . LEU A 1 122 ? -12.263 -20.687 -1.624  1.00 43.67 ? 122 LEU A CG  1 
ATOM   959  C CD1 . LEU A 1 122 ? -12.533 -21.592 -2.818  1.00 53.70 ? 122 LEU A CD1 1 
ATOM   960  C CD2 . LEU A 1 122 ? -13.184 -21.024 -0.459  1.00 40.77 ? 122 LEU A CD2 1 
ATOM   961  N N   . PHE A 1 123 ? -8.118  -19.402 0.344   1.00 36.06 ? 123 PHE A N   1 
ATOM   962  C CA  . PHE A 1 123 ? -6.718  -19.729 0.588   1.00 41.05 ? 123 PHE A CA  1 
ATOM   963  C C   . PHE A 1 123 ? -6.109  -18.850 1.664   1.00 33.35 ? 123 PHE A C   1 
ATOM   964  O O   . PHE A 1 123 ? -4.908  -18.561 1.649   1.00 27.17 ? 123 PHE A O   1 
ATOM   965  C CB  . PHE A 1 123 ? -5.942  -19.627 -0.718  1.00 28.41 ? 123 PHE A CB  1 
ATOM   966  C CG  . PHE A 1 123 ? -6.744  -20.055 -1.909  1.00 43.20 ? 123 PHE A CG  1 
ATOM   967  C CD1 . PHE A 1 123 ? -7.421  -21.268 -1.907  1.00 46.57 ? 123 PHE A CD1 1 
ATOM   968  C CD2 . PHE A 1 123 ? -6.871  -19.225 -3.008  1.00 37.65 ? 123 PHE A CD2 1 
ATOM   969  C CE1 . PHE A 1 123 ? -8.180  -21.663 -2.997  1.00 40.45 ? 123 PHE A CE1 1 
ATOM   970  C CE2 . PHE A 1 123 ? -7.627  -19.615 -4.100  1.00 46.62 ? 123 PHE A CE2 1 
ATOM   971  C CZ  . PHE A 1 123 ? -8.287  -20.835 -4.089  1.00 36.79 ? 123 PHE A CZ  1 
ATOM   972  N N   . ALA A 1 124 ? -6.949  -18.453 2.612   1.00 30.44 ? 124 ALA A N   1 
ATOM   973  C CA  . ALA A 1 124 ? -6.518  -17.635 3.736   1.00 32.55 ? 124 ALA A CA  1 
ATOM   974  C C   . ALA A 1 124 ? -5.407  -18.321 4.526   1.00 29.28 ? 124 ALA A C   1 
ATOM   975  O O   . ALA A 1 124 ? -4.452  -17.666 4.941   1.00 26.85 ? 124 ALA A O   1 
ATOM   976  C CB  . ALA A 1 124 ? -7.696  -17.324 4.639   1.00 31.56 ? 124 ALA A CB  1 
ATOM   977  N N   . ASP A 1 125 ? -5.542  -19.632 4.731   1.00 24.37 ? 125 ASP A N   1 
ATOM   978  C CA  . ASP A 1 125 ? -4.585  -20.411 5.517   1.00 23.49 ? 125 ASP A CA  1 
ATOM   979  C C   . ASP A 1 125 ? -3.243  -20.465 4.816   1.00 23.84 ? 125 ASP A C   1 
ATOM   980  O O   . ASP A 1 125 ? -2.201  -20.239 5.434   1.00 23.22 ? 125 ASP A O   1 
ATOM   981  C CB  . ASP A 1 125 ? -5.105  -21.839 5.768   1.00 27.58 ? 125 ASP A CB  1 
ATOM   982  C CG  . ASP A 1 125 ? -6.250  -21.880 6.763   1.00 38.46 ? 125 ASP A CG  1 
ATOM   983  O OD1 . ASP A 1 125 ? -6.152  -21.199 7.805   1.00 41.67 ? 125 ASP A OD1 1 
ATOM   984  O OD2 . ASP A 1 125 ? -7.250  -22.593 6.504   1.00 33.67 ? 125 ASP A OD2 1 
ATOM   985  N N   . TYR A 1 126 ? -3.263  -20.768 3.525   1.00 19.34 ? 126 TYR A N   1 
ATOM   986  C CA  . TYR A 1 126 ? -2.042  -20.739 2.726   1.00 21.60 ? 126 TYR A CA  1 
ATOM   987  C C   . TYR A 1 126 ? -1.371  -19.362 2.772   1.00 17.59 ? 126 TYR A C   1 
ATOM   988  O O   . TYR A 1 126 ? -0.178  -19.243 3.025   1.00 17.20 ? 126 TYR A O   1 
ATOM   989  C CB  . TYR A 1 126 ? -2.347  -21.099 1.277   1.00 17.61 ? 126 TYR A CB  1 
ATOM   990  C CG  . TYR A 1 126 ? -1.104  -21.098 0.412   1.00 23.97 ? 126 TYR A CG  1 
ATOM   991  C CD1 . TYR A 1 126 ? -0.084  -22.016 0.638   1.00 29.90 ? 126 TYR A CD1 1 
ATOM   992  C CD2 . TYR A 1 126 ? -0.945  -20.174 -0.619  1.00 24.42 ? 126 TYR A CD2 1 
ATOM   993  C CE1 . TYR A 1 126 ? 1.056   -22.030 -0.139  1.00 26.61 ? 126 TYR A CE1 1 
ATOM   994  C CE2 . TYR A 1 126 ? 0.197   -20.179 -1.406  1.00 24.10 ? 126 TYR A CE2 1 
ATOM   995  C CZ  . TYR A 1 126 ? 1.193   -21.108 -1.160  1.00 19.88 ? 126 TYR A CZ  1 
ATOM   996  O OH  . TYR A 1 126 ? 2.327   -21.117 -1.933  1.00 31.70 ? 126 TYR A OH  1 
ATOM   997  N N   . ILE A 1 127 ? -2.147  -18.318 2.511   1.00 19.69 ? 127 ILE A N   1 
ATOM   998  C CA  . ILE A 1 127 ? -1.590  -16.974 2.482   1.00 18.70 ? 127 ILE A CA  1 
ATOM   999  C C   . ILE A 1 127 ? -1.026  -16.587 3.855   1.00 16.68 ? 127 ILE A C   1 
ATOM   1000 O O   . ILE A 1 127 ? 0.064   -16.039 3.950   1.00 18.70 ? 127 ILE A O   1 
ATOM   1001 C CB  . ILE A 1 127 ? -2.627  -15.945 1.935   1.00 19.29 ? 127 ILE A CB  1 
ATOM   1002 C CG1 . ILE A 1 127 ? -2.594  -15.979 0.392   1.00 23.35 ? 127 ILE A CG1 1 
ATOM   1003 C CG2 . ILE A 1 127 ? -2.301  -14.550 2.423   1.00 18.30 ? 127 ILE A CG2 1 
ATOM   1004 C CD1 . ILE A 1 127 ? -3.838  -15.424 -0.283  1.00 24.46 ? 127 ILE A CD1 1 
ATOM   1005 N N   . LYS A 1 128 ? -1.753  -16.893 4.924   1.00 18.83 ? 128 LYS A N   1 
ATOM   1006 C CA  . LYS A 1 128 ? -1.236  -16.633 6.269   1.00 20.34 ? 128 LYS A CA  1 
ATOM   1007 C C   . LYS A 1 128 ? 0.078   -17.358 6.527   1.00 18.99 ? 128 LYS A C   1 
ATOM   1008 O O   . LYS A 1 128 ? 1.003   -16.787 7.111   1.00 21.92 ? 128 LYS A O   1 
ATOM   1009 C CB  . LYS A 1 128 ? -2.284  -16.981 7.334   1.00 24.36 ? 128 LYS A CB  1 
ATOM   1010 C CG  . LYS A 1 128 ? -3.424  -15.985 7.364   1.00 23.66 ? 128 LYS A CG  1 
ATOM   1011 C CD  . LYS A 1 128 ? -4.437  -16.280 8.472   1.00 28.59 ? 128 LYS A CD  1 
ATOM   1012 C CE  . LYS A 1 128 ? -5.578  -15.269 8.437   1.00 37.37 ? 128 LYS A CE  1 
ATOM   1013 N NZ  . LYS A 1 128 ? -6.448  -15.366 9.649   1.00 38.43 ? 128 LYS A NZ  1 
ATOM   1014 N N   . ASN A 1 129 ? 0.169   -18.607 6.087   1.00 17.00 ? 129 ASN A N   1 
ATOM   1015 C CA  . ASN A 1 129 ? 1.424   -19.346 6.197   1.00 22.31 ? 129 ASN A CA  1 
ATOM   1016 C C   . ASN A 1 129 ? 2.569   -18.703 5.425   1.00 19.00 ? 129 ASN A C   1 
ATOM   1017 O O   . ASN A 1 129 ? 3.692   -18.616 5.914   1.00 17.99 ? 129 ASN A O   1 
ATOM   1018 C CB  . ASN A 1 129 ? 1.240   -20.790 5.746   1.00 23.63 ? 129 ASN A CB  1 
ATOM   1019 C CG  . ASN A 1 129 ? 0.465   -21.594 6.745   1.00 24.45 ? 129 ASN A CG  1 
ATOM   1020 O OD1 . ASN A 1 129 ? 0.323   -21.180 7.897   1.00 22.22 ? 129 ASN A OD1 1 
ATOM   1021 N ND2 . ASN A 1 129 ? -0.052  -22.744 6.319   1.00 24.26 ? 129 ASN A ND2 1 
ATOM   1022 N N   . VAL A 1 130 ? 2.294   -18.276 4.202   1.00 17.68 ? 130 VAL A N   1 
ATOM   1023 C CA  . VAL A 1 130 ? 3.298   -17.541 3.441   1.00 17.39 ? 130 VAL A CA  1 
ATOM   1024 C C   . VAL A 1 130 ? 3.754   -16.321 4.231   1.00 16.10 ? 130 VAL A C   1 
ATOM   1025 O O   . VAL A 1 130 ? 4.955   -16.044 4.340   1.00 16.66 ? 130 VAL A O   1 
ATOM   1026 C CB  . VAL A 1 130 ? 2.763   -17.132 2.062   1.00 17.73 ? 130 VAL A CB  1 
ATOM   1027 C CG1 . VAL A 1 130 ? 3.732   -16.203 1.385   1.00 14.88 ? 130 VAL A CG1 1 
ATOM   1028 C CG2 . VAL A 1 130 ? 2.517   -18.370 1.210   1.00 17.58 ? 130 VAL A CG2 1 
ATOM   1029 N N   . ILE A 1 131 ? 2.800   -15.577 4.784   1.00 16.63 ? 131 ILE A N   1 
ATOM   1030 C CA  . ILE A 1 131 ? 3.152   -14.373 5.532   1.00 20.04 ? 131 ILE A CA  1 
ATOM   1031 C C   . ILE A 1 131 ? 3.990   -14.717 6.760   1.00 20.90 ? 131 ILE A C   1 
ATOM   1032 O O   . ILE A 1 131 ? 4.957   -14.030 7.079   1.00 20.59 ? 131 ILE A O   1 
ATOM   1033 C CB  . ILE A 1 131 ? 1.894   -13.559 5.923   1.00 17.27 ? 131 ILE A CB  1 
ATOM   1034 C CG1 . ILE A 1 131 ? 1.247   -12.988 4.657   1.00 15.94 ? 131 ILE A CG1 1 
ATOM   1035 C CG2 . ILE A 1 131 ? 2.248   -12.452 6.894   1.00 17.88 ? 131 ILE A CG2 1 
ATOM   1036 C CD1 . ILE A 1 131 ? -0.177  -12.460 4.861   1.00 17.94 ? 131 ILE A CD1 1 
ATOM   1037 N N   . ARG A 1 132 ? 3.622   -15.792 7.445   1.00 19.36 ? 132 ARG A N   1 
ATOM   1038 C CA  . ARG A 1 132 ? 4.406   -16.248 8.597   1.00 26.02 ? 132 ARG A CA  1 
ATOM   1039 C C   . ARG A 1 132 ? 5.852   -16.630 8.262   1.00 22.90 ? 132 ARG A C   1 
ATOM   1040 O O   . ARG A 1 132 ? 6.769   -16.295 9.008   1.00 25.31 ? 132 ARG A O   1 
ATOM   1041 C CB  . ARG A 1 132 ? 3.695   -17.404 9.294   1.00 22.71 ? 132 ARG A CB  1 
ATOM   1042 C CG  . ARG A 1 132 ? 2.412   -16.989 9.965   1.00 18.87 ? 132 ARG A CG  1 
ATOM   1043 C CD  . ARG A 1 132 ? 1.580   -18.206 10.320  1.00 18.97 ? 132 ARG A CD  1 
ATOM   1044 N NE  . ARG A 1 132 ? 0.345   -17.828 10.988  1.00 29.45 ? 132 ARG A NE  1 
ATOM   1045 C CZ  . ARG A 1 132 ? -0.841  -18.365 10.722  1.00 30.02 ? 132 ARG A CZ  1 
ATOM   1046 N NH1 . ARG A 1 132 ? -0.952  -19.322 9.808   1.00 27.36 ? 132 ARG A NH1 1 
ATOM   1047 N NH2 . ARG A 1 132 ? -1.912  -17.950 11.378  1.00 24.76 ? 132 ARG A NH2 1 
ATOM   1048 N N   . GLU A 1 133 ? 6.061   -17.322 7.145   1.00 22.61 ? 133 GLU A N   1 
ATOM   1049 C CA  . GLU A 1 133 ? 7.418   -17.693 6.733   1.00 21.71 ? 133 GLU A CA  1 
ATOM   1050 C C   . GLU A 1 133 ? 8.268   -16.479 6.365   1.00 25.96 ? 133 GLU A C   1 
ATOM   1051 O O   . GLU A 1 133 ? 9.435   -16.391 6.735   1.00 24.80 ? 133 GLU A O   1 
ATOM   1052 C CB  . GLU A 1 133 ? 7.392   -18.662 5.551   1.00 25.01 ? 133 GLU A CB  1 
ATOM   1053 C CG  . GLU A 1 133 ? 7.002   -20.078 5.902   1.00 32.46 ? 133 GLU A CG  1 
ATOM   1054 C CD  . GLU A 1 133 ? 7.052   -20.997 4.698   1.00 41.35 ? 133 GLU A CD  1 
ATOM   1055 O OE1 . GLU A 1 133 ? 7.650   -20.600 3.674   1.00 37.29 ? 133 GLU A OE1 1 
ATOM   1056 O OE2 . GLU A 1 133 ? 6.487   -22.112 4.769   1.00 43.85 ? 133 GLU A OE2 1 
ATOM   1057 N N   . ILE A 1 134 ? 7.675   -15.546 5.628   1.00 20.41 ? 134 ILE A N   1 
ATOM   1058 C CA  . ILE A 1 134 ? 8.403   -14.406 5.078   1.00 18.54 ? 134 ILE A CA  1 
ATOM   1059 C C   . ILE A 1 134 ? 8.620   -13.304 6.104   1.00 21.59 ? 134 ILE A C   1 
ATOM   1060 O O   . ILE A 1 134 ? 9.668   -12.664 6.120   1.00 19.88 ? 134 ILE A O   1 
ATOM   1061 C CB  . ILE A 1 134 ? 7.678   -13.835 3.832   1.00 18.84 ? 134 ILE A CB  1 
ATOM   1062 C CG1 . ILE A 1 134 ? 7.744   -14.846 2.683   1.00 17.23 ? 134 ILE A CG1 1 
ATOM   1063 C CG2 . ILE A 1 134 ? 8.280   -12.496 3.404   1.00 17.86 ? 134 ILE A CG2 1 
ATOM   1064 C CD1 . ILE A 1 134 ? 9.128   -14.968 2.042   1.00 17.09 ? 134 ILE A CD1 1 
ATOM   1065 N N   . SER A 1 135 ? 7.635   -13.096 6.970   1.00 19.39 ? 135 SER A N   1 
ATOM   1066 C CA  . SER A 1 135 ? 7.721   -12.071 8.003   1.00 19.64 ? 135 SER A CA  1 
ATOM   1067 C C   . SER A 1 135 ? 7.990   -10.686 7.413   1.00 22.67 ? 135 SER A C   1 
ATOM   1068 O O   . SER A 1 135 ? 9.010   -10.059 7.716   1.00 23.03 ? 135 SER A O   1 
ATOM   1069 C CB  . SER A 1 135 ? 8.793   -12.444 9.035   1.00 30.06 ? 135 SER A CB  1 
ATOM   1070 O OG  . SER A 1 135 ? 8.858   -11.477 10.067  1.00 39.99 ? 135 SER A OG  1 
ATOM   1071 N N   . PRO A 1 136 ? 7.070   -10.206 6.564   1.00 21.01 ? 136 PRO A N   1 
ATOM   1072 C CA  . PRO A 1 136 ? 7.172   -8.888  5.927   1.00 20.41 ? 136 PRO A CA  1 
ATOM   1073 C C   . PRO A 1 136 ? 7.029   -7.761  6.953   1.00 21.37 ? 136 PRO A C   1 
ATOM   1074 O O   . PRO A 1 136 ? 6.618   -8.014  8.082   1.00 18.42 ? 136 PRO A O   1 
ATOM   1075 C CB  . PRO A 1 136 ? 5.979   -8.878  4.953   1.00 15.03 ? 136 PRO A CB  1 
ATOM   1076 C CG  . PRO A 1 136 ? 4.971   -9.837  5.594   1.00 14.59 ? 136 PRO A CG  1 
ATOM   1077 C CD  . PRO A 1 136 ? 5.824   -10.917 6.208   1.00 18.42 ? 136 PRO A CD  1 
ATOM   1078 N N   . LYS A 1 137 ? 7.384   -6.539  6.570   1.00 19.02 ? 137 LYS A N   1 
ATOM   1079 C CA  . LYS A 1 137 ? 7.112   -5.365  7.400   1.00 18.42 ? 137 LYS A CA  1 
ATOM   1080 C C   . LYS A 1 137 ? 5.604   -5.217  7.597   1.00 25.14 ? 137 LYS A C   1 
ATOM   1081 O O   . LYS A 1 137 ? 5.133   -4.902  8.694   1.00 22.00 ? 137 LYS A O   1 
ATOM   1082 C CB  . LYS A 1 137 ? 7.660   -4.107  6.730   1.00 25.93 ? 137 LYS A CB  1 
ATOM   1083 C CG  . LYS A 1 137 ? 7.151   -2.797  7.340   1.00 31.45 ? 137 LYS A CG  1 
ATOM   1084 C CD  . LYS A 1 137 ? 8.107   -2.228  8.376   1.00 36.77 ? 137 LYS A CD  1 
ATOM   1085 C CE  . LYS A 1 137 ? 7.563   -0.924  8.974   1.00 28.54 ? 137 LYS A CE  1 
ATOM   1086 N NZ  . LYS A 1 137 ? 6.619   -0.241  8.051   1.00 35.45 ? 137 LYS A NZ  1 
ATOM   1087 N N   . GLY A 1 138 ? 4.854   -5.469  6.529   1.00 19.79 ? 138 GLY A N   1 
ATOM   1088 C CA  . GLY A 1 138 ? 3.425   -5.215  6.530   1.00 20.97 ? 138 GLY A CA  1 
ATOM   1089 C C   . GLY A 1 138 ? 2.636   -6.120  5.609   1.00 22.22 ? 138 GLY A C   1 
ATOM   1090 O O   . GLY A 1 138 ? 3.205   -6.929  4.862   1.00 20.70 ? 138 GLY A O   1 
ATOM   1091 N N   . ILE A 1 139 ? 1.313   -5.978  5.668   1.00 18.10 ? 139 ILE A N   1 
ATOM   1092 C CA  . ILE A 1 139 ? 0.412   -6.733  4.813   1.00 12.70 ? 139 ILE A CA  1 
ATOM   1093 C C   . ILE A 1 139 ? -0.722  -5.839  4.362   1.00 18.55 ? 139 ILE A C   1 
ATOM   1094 O O   . ILE A 1 139 ? -1.112  -4.900  5.066   1.00 16.28 ? 139 ILE A O   1 
ATOM   1095 C CB  . ILE A 1 139 ? -0.167  -7.989  5.521   1.00 16.49 ? 139 ILE A CB  1 
ATOM   1096 C CG1 . ILE A 1 139 ? -0.821  -7.592  6.836   1.00 19.63 ? 139 ILE A CG1 1 
ATOM   1097 C CG2 . ILE A 1 139 ? 0.941   -9.035  5.743   1.00 18.82 ? 139 ILE A CG2 1 
ATOM   1098 C CD1 . ILE A 1 139 ? -1.440  -8.769  7.593   1.00 24.55 ? 139 ILE A CD1 1 
ATOM   1099 N N   . VAL A 1 140 ? -1.241  -6.132  3.176   1.00 15.13 ? 140 VAL A N   1 
ATOM   1100 C CA  . VAL A 1 140 ? -2.325  -5.365  2.598   1.00 15.31 ? 140 VAL A CA  1 
ATOM   1101 C C   . VAL A 1 140 ? -3.617  -6.146  2.825   1.00 15.63 ? 140 VAL A C   1 
ATOM   1102 O O   . VAL A 1 140 ? -3.743  -7.269  2.351   1.00 16.94 ? 140 VAL A O   1 
ATOM   1103 C CB  . VAL A 1 140 ? -2.097  -5.160  1.073   1.00 14.69 ? 140 VAL A CB  1 
ATOM   1104 C CG1 . VAL A 1 140 ? -3.195  -4.285  0.470   1.00 16.84 ? 140 VAL A CG1 1 
ATOM   1105 C CG2 . VAL A 1 140 ? -0.730  -4.558  0.808   1.00 17.93 ? 140 VAL A CG2 1 
ATOM   1106 N N   . VAL A 1 141 ? -4.553  -5.571  3.579   1.00 16.74 ? 141 VAL A N   1 
ATOM   1107 C CA  . VAL A 1 141 ? -5.849  -6.218  3.815   1.00 15.27 ? 141 VAL A CA  1 
ATOM   1108 C C   . VAL A 1 141 ? -6.977  -5.277  3.389   1.00 13.63 ? 141 VAL A C   1 
ATOM   1109 O O   . VAL A 1 141 ? -7.134  -4.192  3.953   1.00 20.78 ? 141 VAL A O   1 
ATOM   1110 C CB  . VAL A 1 141 ? -6.048  -6.617  5.286   1.00 17.15 ? 141 VAL A CB  1 
ATOM   1111 C CG1 . VAL A 1 141 ? -7.297  -7.479  5.411   1.00 18.41 ? 141 VAL A CG1 1 
ATOM   1112 C CG2 . VAL A 1 141 ? -4.829  -7.374  5.803   1.00 23.66 ? 141 VAL A CG2 1 
ATOM   1113 N N   . GLY A 1 142 ? -7.759  -5.708  2.400   1.00 18.00 ? 142 GLY A N   1 
ATOM   1114 C CA  . GLY A 1 142 ? -8.780  -4.871  1.779   1.00 19.59 ? 142 GLY A CA  1 
ATOM   1115 C C   . GLY A 1 142 ? -9.721  -4.137  2.722   1.00 33.66 ? 142 GLY A C   1 
ATOM   1116 O O   . GLY A 1 142 ? -10.198 -4.705  3.710   1.00 25.65 ? 142 GLY A O   1 
ATOM   1117 N N   . GLY A 1 143 ? -10.003 -2.873  2.400   1.00 30.20 ? 143 GLY A N   1 
ATOM   1118 C CA  . GLY A 1 143 ? -10.832 -2.018  3.240   1.00 30.92 ? 143 GLY A CA  1 
ATOM   1119 C C   . GLY A 1 143 ? -12.323 -2.319  3.180   1.00 36.49 ? 143 GLY A C   1 
ATOM   1120 O O   . GLY A 1 143 ? -13.082 -1.884  4.049   1.00 38.50 ? 143 GLY A O   1 
ATOM   1121 N N   . THR A 1 144 ? -12.748 -3.052  2.154   1.00 34.02 ? 144 THR A N   1 
ATOM   1122 C CA  . THR A 1 144 ? -14.120 -3.542  2.072   1.00 34.49 ? 144 THR A CA  1 
ATOM   1123 C C   . THR A 1 144 ? -14.265 -4.785  2.939   1.00 30.44 ? 144 THR A C   1 
ATOM   1124 O O   . THR A 1 144 ? -15.377 -5.248  3.202   1.00 37.17 ? 144 THR A O   1 
ATOM   1125 C CB  . THR A 1 144 ? -14.465 -3.976  0.652   1.00 33.87 ? 144 THR A CB  1 
ATOM   1126 O OG1 . THR A 1 144 ? -13.440 -4.861  0.187   1.00 32.56 ? 144 THR A OG1 1 
ATOM   1127 C CG2 . THR A 1 144 ? -14.570 -2.785  -0.272  1.00 24.11 ? 144 THR A CG2 1 
ATOM   1128 N N   . LYS A 1 145 ? -13.130 -5.335  3.356   1.00 32.25 ? 145 LYS A N   1 
ATOM   1129 C CA  . LYS A 1 145 ? -13.101 -6.623  4.037   1.00 37.80 ? 145 LYS A CA  1 
ATOM   1130 C C   . LYS A 1 145 ? -12.777 -6.428  5.520   1.00 32.48 ? 145 LYS A C   1 
ATOM   1131 O O   . LYS A 1 145 ? -11.714 -6.858  5.997   1.00 26.16 ? 145 LYS A O   1 
ATOM   1132 C CB  . LYS A 1 145 ? -12.062 -7.537  3.374   1.00 33.63 ? 145 LYS A CB  1 
ATOM   1133 C CG  . LYS A 1 145 ? -12.182 -7.637  1.845   1.00 26.21 ? 145 LYS A CG  1 
ATOM   1134 C CD  . LYS A 1 145 ? -13.517 -8.265  1.423   1.00 36.46 ? 145 LYS A CD  1 
ATOM   1135 C CE  . LYS A 1 145 ? -13.548 -8.604  -0.078  1.00 37.63 ? 145 LYS A CE  1 
ATOM   1136 N NZ  . LYS A 1 145 ? -12.685 -9.772  -0.449  1.00 29.77 ? 145 LYS A NZ  1 
ATOM   1137 N N   . LEU A 1 146 ? -13.695 -5.776  6.235   1.00 31.65 ? 146 LEU A N   1 
ATOM   1138 C CA  . LEU A 1 146 ? -13.458 -5.384  7.626   1.00 27.22 ? 146 LEU A CA  1 
ATOM   1139 C C   . LEU A 1 146 ? -13.226 -6.565  8.563   1.00 20.89 ? 146 LEU A C   1 
ATOM   1140 O O   . LEU A 1 146 ? -12.342 -6.498  9.402   1.00 19.54 ? 146 LEU A O   1 
ATOM   1141 C CB  . LEU A 1 146 ? -14.580 -4.492  8.169   1.00 18.78 ? 146 LEU A CB  1 
ATOM   1142 C CG  . LEU A 1 146 ? -14.846 -3.156  7.468   1.00 23.97 ? 146 LEU A CG  1 
ATOM   1143 C CD1 . LEU A 1 146 ? -15.794 -2.311  8.307   1.00 23.36 ? 146 LEU A CD1 1 
ATOM   1144 C CD2 . LEU A 1 146 ? -13.551 -2.389  7.201   1.00 20.30 ? 146 LEU A CD2 1 
ATOM   1145 N N   . ASP A 1 147 ? -14.029 -7.622  8.439   1.00 21.99 ? 147 ASP A N   1 
ATOM   1146 C CA  . ASP A 1 147 ? -13.845 -8.810  9.273   1.00 24.75 ? 147 ASP A CA  1 
ATOM   1147 C C   . ASP A 1 147 ? -12.417 -9.320  9.153   1.00 23.97 ? 147 ASP A C   1 
ATOM   1148 O O   . ASP A 1 147 ? -11.782 -9.681  10.148  1.00 17.59 ? 147 ASP A O   1 
ATOM   1149 C CB  . ASP A 1 147 ? -14.807 -9.925  8.860   1.00 27.80 ? 147 ASP A CB  1 
ATOM   1150 C CG  . ASP A 1 147 ? -16.238 -9.651  9.283   1.00 35.74 ? 147 ASP A CG  1 
ATOM   1151 O OD1 . ASP A 1 147 ? -16.666 -8.485  9.172   1.00 30.02 ? 147 ASP A OD1 1 
ATOM   1152 O OD2 . ASP A 1 147 ? -16.925 -10.601 9.737   1.00 39.24 ? 147 ASP A OD2 1 
ATOM   1153 N N   . HIS A 1 148 ? -11.915 -9.355  7.924   1.00 21.40 ? 148 HIS A N   1 
ATOM   1154 C CA  . HIS A 1 148 ? -10.569 -9.884  7.686   1.00 21.15 ? 148 HIS A CA  1 
ATOM   1155 C C   . HIS A 1 148 ? -9.490  -8.980  8.282   1.00 22.26 ? 148 HIS A C   1 
ATOM   1156 O O   . HIS A 1 148 ? -8.451  -9.463  8.747   1.00 23.06 ? 148 HIS A O   1 
ATOM   1157 C CB  . HIS A 1 148 ? -10.340 -10.116 6.192   1.00 24.03 ? 148 HIS A CB  1 
ATOM   1158 C CG  . HIS A 1 148 ? -11.219 -11.177 5.603   1.00 23.99 ? 148 HIS A CG  1 
ATOM   1159 N ND1 . HIS A 1 148 ? -11.008 -12.521 5.820   1.00 39.39 ? 148 HIS A ND1 1 
ATOM   1160 C CD2 . HIS A 1 148 ? -12.307 -11.092 4.801   1.00 27.03 ? 148 HIS A CD2 1 
ATOM   1161 C CE1 . HIS A 1 148 ? -11.927 -13.218 5.177   1.00 34.29 ? 148 HIS A CE1 1 
ATOM   1162 N NE2 . HIS A 1 148 ? -12.727 -12.375 4.551   1.00 35.07 ? 148 HIS A NE2 1 
ATOM   1163 N N   . ILE A 1 149 ? -9.730  -7.671  8.273   1.00 18.09 ? 149 ILE A N   1 
ATOM   1164 C CA  . ILE A 1 149 ? -8.800  -6.733  8.895   1.00 17.01 ? 149 ILE A CA  1 
ATOM   1165 C C   . ILE A 1 149 ? -8.643  -7.036  10.378  1.00 22.56 ? 149 ILE A C   1 
ATOM   1166 O O   . ILE A 1 149 ? -7.527  -7.115  10.896  1.00 20.95 ? 149 ILE A O   1 
ATOM   1167 C CB  . ILE A 1 149 ? -9.274  -5.268  8.725   1.00 18.79 ? 149 ILE A CB  1 
ATOM   1168 C CG1 . ILE A 1 149 ? -9.277  -4.883  7.249   1.00 17.91 ? 149 ILE A CG1 1 
ATOM   1169 C CG2 . ILE A 1 149 ? -8.393  -4.311  9.511   1.00 19.23 ? 149 ILE A CG2 1 
ATOM   1170 C CD1 . ILE A 1 149 ? -9.778  -3.463  6.986   1.00 17.69 ? 149 ILE A CD1 1 
ATOM   1171 N N   . THR A 1 150 ? -9.766  -7.203  11.075  1.00 19.95 ? 150 THR A N   1 
ATOM   1172 C CA  . THR A 1 150 ? -9.685  -7.444  12.512  1.00 18.81 ? 150 THR A CA  1 
ATOM   1173 C C   . THR A 1 150 ? -8.964  -8.767  12.791  1.00 16.94 ? 150 THR A C   1 
ATOM   1174 O O   . THR A 1 150 ? -8.094  -8.846  13.665  1.00 25.69 ? 150 THR A O   1 
ATOM   1175 C CB  . THR A 1 150 ? -11.069 -7.458  13.157  1.00 19.22 ? 150 THR A CB  1 
ATOM   1176 O OG1 . THR A 1 150 ? -11.802 -6.295  12.737  1.00 21.28 ? 150 THR A OG1 1 
ATOM   1177 C CG2 . THR A 1 150 ? -10.926 -7.459  14.672  1.00 23.12 ? 150 THR A CG2 1 
ATOM   1178 N N   . GLN A 1 151 ? -9.309  -9.789  12.020  1.00 15.81 ? 151 GLN A N   1 
ATOM   1179 C CA  . GLN A 1 151 ? -8.710  -11.110 12.159  1.00 20.50 ? 151 GLN A CA  1 
ATOM   1180 C C   . GLN A 1 151 ? -7.231  -11.105 11.814  1.00 25.86 ? 151 GLN A C   1 
ATOM   1181 O O   . GLN A 1 151 ? -6.428  -11.698 12.525  1.00 23.64 ? 151 GLN A O   1 
ATOM   1182 C CB  . GLN A 1 151 ? -9.469  -12.126 11.304  1.00 20.92 ? 151 GLN A CB  1 
ATOM   1183 C CG  . GLN A 1 151 ? -10.874 -12.390 11.840  1.00 31.50 ? 151 GLN A CG  1 
ATOM   1184 C CD  . GLN A 1 151 ? -11.861 -12.791 10.767  1.00 37.31 ? 151 GLN A CD  1 
ATOM   1185 O OE1 . GLN A 1 151 ? -11.480 -13.107 9.636   1.00 42.88 ? 151 GLN A OE1 1 
ATOM   1186 N NE2 . GLN A 1 151 ? -13.150 -12.772 11.113  1.00 34.76 ? 151 GLN A NE2 1 
ATOM   1187 N N   . TYR A 1 152 ? -6.852  -10.437 10.732  1.00 26.86 ? 152 TYR A N   1 
ATOM   1188 C CA  . TYR A 1 152 ? -5.424  -10.305 10.463  1.00 19.09 ? 152 TYR A CA  1 
ATOM   1189 C C   . TYR A 1 152 ? -4.708  -9.527  11.568  1.00 25.11 ? 152 TYR A C   1 
ATOM   1190 O O   . TYR A 1 152 ? -3.569  -9.837  11.904  1.00 30.16 ? 152 TYR A O   1 
ATOM   1191 C CB  . TYR A 1 152 ? -5.144  -9.718  9.068   1.00 21.48 ? 152 TYR A CB  1 
ATOM   1192 C CG  . TYR A 1 152 ? -5.100  -10.787 8.001   1.00 18.47 ? 152 TYR A CG  1 
ATOM   1193 C CD1 . TYR A 1 152 ? -6.264  -11.268 7.429   1.00 22.02 ? 152 TYR A CD1 1 
ATOM   1194 C CD2 . TYR A 1 152 ? -3.892  -11.343 7.596   1.00 27.77 ? 152 TYR A CD2 1 
ATOM   1195 C CE1 . TYR A 1 152 ? -6.234  -12.258 6.464   1.00 25.28 ? 152 TYR A CE1 1 
ATOM   1196 C CE2 . TYR A 1 152 ? -3.853  -12.337 6.631   1.00 24.47 ? 152 TYR A CE2 1 
ATOM   1197 C CZ  . TYR A 1 152 ? -5.029  -12.784 6.071   1.00 23.01 ? 152 TYR A CZ  1 
ATOM   1198 O OH  . TYR A 1 152 ? -5.005  -13.781 5.114   1.00 35.80 ? 152 TYR A OH  1 
ATOM   1199 N N   . ARG A 1 153 ? -5.379  -8.542  12.154  1.00 21.29 ? 153 ARG A N   1 
ATOM   1200 C CA  . ARG A 1 153 ? -4.773  -7.786  13.250  1.00 25.79 ? 153 ARG A CA  1 
ATOM   1201 C C   . ARG A 1 153 ? -4.542  -8.705  14.448  1.00 28.29 ? 153 ARG A C   1 
ATOM   1202 O O   . ARG A 1 153 ? -3.530  -8.600  15.139  1.00 28.14 ? 153 ARG A O   1 
ATOM   1203 C CB  . ARG A 1 153 ? -5.639  -6.590  13.644  1.00 25.27 ? 153 ARG A CB  1 
ATOM   1204 C CG  . ARG A 1 153 ? -5.217  -5.921  14.950  1.00 30.27 ? 153 ARG A CG  1 
ATOM   1205 C CD  . ARG A 1 153 ? -3.754  -5.517  14.924  1.00 33.84 ? 153 ARG A CD  1 
ATOM   1206 N NE  . ARG A 1 153 ? -3.522  -4.454  13.957  1.00 28.41 ? 153 ARG A NE  1 
ATOM   1207 C CZ  . ARG A 1 153 ? -2.366  -4.240  13.336  1.00 30.90 ? 153 ARG A CZ  1 
ATOM   1208 N NH1 . ARG A 1 153 ? -1.323  -5.027  13.568  1.00 27.59 ? 153 ARG A NH1 1 
ATOM   1209 N NH2 . ARG A 1 153 ? -2.266  -3.244  12.470  1.00 21.53 ? 153 ARG A NH2 1 
ATOM   1210 N N   . ARG A 1 154 ? -5.498  -9.598  14.685  1.00 26.81 ? 154 ARG A N   1 
ATOM   1211 C CA  . ARG A 1 154 ? -5.390  -10.602 15.741  1.00 30.97 ? 154 ARG A CA  1 
ATOM   1212 C C   . ARG A 1 154 ? -4.234  -11.559 15.460  1.00 29.71 ? 154 ARG A C   1 
ATOM   1213 O O   . ARG A 1 154 ? -3.432  -11.859 16.349  1.00 35.92 ? 154 ARG A O   1 
ATOM   1214 C CB  . ARG A 1 154 ? -6.702  -11.395 15.835  1.00 30.69 ? 154 ARG A CB  1 
ATOM   1215 C CG  . ARG A 1 154 ? -6.566  -12.762 16.509  1.00 37.80 ? 154 ARG A CG  1 
ATOM   1216 C CD  . ARG A 1 154 ? -7.736  -13.681 16.170  1.00 42.38 ? 154 ARG A CD  1 
ATOM   1217 N NE  . ARG A 1 154 ? -7.636  -14.271 14.834  1.00 40.46 ? 154 ARG A NE  1 
ATOM   1218 C CZ  . ARG A 1 154 ? -8.677  -14.746 14.152  1.00 40.23 ? 154 ARG A CZ  1 
ATOM   1219 N NH1 . ARG A 1 154 ? -9.894  -14.683 14.682  1.00 39.71 ? 154 ARG A NH1 1 
ATOM   1220 N NH2 . ARG A 1 154 ? -8.508  -15.273 12.941  1.00 35.93 ? 154 ARG A NH2 1 
ATOM   1221 N N   . ASP A 1 155 ? -4.159  -12.035 14.218  1.00 28.70 ? 155 ASP A N   1 
ATOM   1222 C CA  . ASP A 1 155 ? -3.178  -13.043 13.829  1.00 23.22 ? 155 ASP A CA  1 
ATOM   1223 C C   . ASP A 1 155 ? -1.769  -12.475 13.691  1.00 29.43 ? 155 ASP A C   1 
ATOM   1224 O O   . ASP A 1 155 ? -0.791  -13.206 13.767  1.00 29.26 ? 155 ASP A O   1 
ATOM   1225 C CB  . ASP A 1 155 ? -3.585  -13.705 12.510  1.00 25.77 ? 155 ASP A CB  1 
ATOM   1226 C CG  . ASP A 1 155 ? -4.890  -14.478 12.615  1.00 36.87 ? 155 ASP A CG  1 
ATOM   1227 O OD1 . ASP A 1 155 ? -5.335  -14.787 13.749  1.00 31.72 ? 155 ASP A OD1 1 
ATOM   1228 O OD2 . ASP A 1 155 ? -5.472  -14.782 11.549  1.00 33.95 ? 155 ASP A OD2 1 
ATOM   1229 N N   . PHE A 1 156 ? -1.670  -11.170 13.481  1.00 27.32 ? 156 PHE A N   1 
ATOM   1230 C CA  . PHE A 1 156 ? -0.380  -10.535 13.242  1.00 29.37 ? 156 PHE A CA  1 
ATOM   1231 C C   . PHE A 1 156 ? -0.304  -9.203  13.985  1.00 22.18 ? 156 PHE A C   1 
ATOM   1232 O O   . PHE A 1 156 ? -0.274  -8.135  13.377  1.00 27.66 ? 156 PHE A O   1 
ATOM   1233 C CB  . PHE A 1 156 ? -0.138  -10.363 11.729  1.00 30.26 ? 156 PHE A CB  1 
ATOM   1234 C CG  . PHE A 1 156 ? -0.185  -11.665 10.952  1.00 20.16 ? 156 PHE A CG  1 
ATOM   1235 C CD1 . PHE A 1 156 ? 0.956   -12.452 10.811  1.00 21.60 ? 156 PHE A CD1 1 
ATOM   1236 C CD2 . PHE A 1 156 ? -1.364  -12.104 10.368  1.00 22.62 ? 156 PHE A CD2 1 
ATOM   1237 C CE1 . PHE A 1 156 ? 0.914   -13.649 10.107  1.00 24.12 ? 156 PHE A CE1 1 
ATOM   1238 C CE2 . PHE A 1 156 ? -1.416  -13.306 9.661   1.00 29.94 ? 156 PHE A CE2 1 
ATOM   1239 C CZ  . PHE A 1 156 ? -0.273  -14.084 9.535   1.00 27.37 ? 156 PHE A CZ  1 
ATOM   1240 N N   . GLU A 1 157 ? -0.269  -9.277  15.311  1.00 29.20 ? 157 GLU A N   1 
ATOM   1241 C CA  . GLU A 1 157 ? -0.351  -8.084  16.148  1.00 33.70 ? 157 GLU A CA  1 
ATOM   1242 C C   . GLU A 1 157 ? 0.720   -7.016  15.869  1.00 29.58 ? 157 GLU A C   1 
ATOM   1243 O O   . GLU A 1 157 ? 0.457   -5.826  16.023  1.00 36.83 ? 157 GLU A O   1 
ATOM   1244 C CB  . GLU A 1 157 ? -0.340  -8.465  17.635  1.00 39.24 ? 157 GLU A CB  1 
ATOM   1245 C CG  . GLU A 1 157 ? 1.018   -8.920  18.149  1.00 53.04 ? 157 GLU A CG  1 
ATOM   1246 C CD  . GLU A 1 157 ? 1.175   -8.723  19.651  1.00 69.43 ? 157 GLU A CD  1 
ATOM   1247 O OE1 . GLU A 1 157 ? 0.372   -7.967  20.250  1.00 65.18 ? 157 GLU A OE1 1 
ATOM   1248 O OE2 . GLU A 1 157 ? 2.108   -9.323  20.232  1.00 68.93 ? 157 GLU A OE2 1 
ATOM   1249 N N   . LYS A 1 158 ? 1.923   -7.429  15.468  1.00 33.72 ? 158 LYS A N   1 
ATOM   1250 C CA  . LYS A 1 158 ? 3.024   -6.474  15.290  1.00 33.68 ? 158 LYS A CA  1 
ATOM   1251 C C   . LYS A 1 158 ? 3.178   -5.933  13.864  1.00 36.23 ? 158 LYS A C   1 
ATOM   1252 O O   . LYS A 1 158 ? 3.905   -4.961  13.633  1.00 40.29 ? 158 LYS A O   1 
ATOM   1253 C CB  . LYS A 1 158 ? 4.356   -7.089  15.744  1.00 43.85 ? 158 LYS A CB  1 
ATOM   1254 C CG  . LYS A 1 158 ? 4.526   -7.195  17.249  1.00 48.67 ? 158 LYS A CG  1 
ATOM   1255 C CD  . LYS A 1 158 ? 5.959   -7.561  17.599  1.00 54.22 ? 158 LYS A CD  1 
ATOM   1256 C CE  . LYS A 1 158 ? 6.153   -7.672  19.102  1.00 65.58 ? 158 LYS A CE  1 
ATOM   1257 N NZ  . LYS A 1 158 ? 5.281   -8.726  19.691  1.00 64.70 ? 158 LYS A NZ  1 
ATOM   1258 N N   . MET A 1 159 ? 2.498   -6.566  12.917  1.00 28.73 ? 159 MET A N   1 
ATOM   1259 C CA  . MET A 1 159 ? 2.591   -6.207  11.512  1.00 27.93 ? 159 MET A CA  1 
ATOM   1260 C C   . MET A 1 159 ? 1.952   -4.852  11.228  1.00 29.60 ? 159 MET A C   1 
ATOM   1261 O O   . MET A 1 159 ? 0.946   -4.499  11.853  1.00 22.78 ? 159 MET A O   1 
ATOM   1262 C CB  . MET A 1 159 ? 1.841   -7.263  10.705  1.00 32.18 ? 159 MET A CB  1 
ATOM   1263 C CG  . MET A 1 159 ? 2.174   -7.250  9.248   1.00 35.23 ? 159 MET A CG  1 
ATOM   1264 S SD  . MET A 1 159 ? 3.678   -8.182  9.029   1.00 51.44 ? 159 MET A SD  1 
ATOM   1265 C CE  . MET A 1 159 ? 3.084   -9.821  9.383   1.00 26.50 ? 159 MET A CE  1 
ATOM   1266 N N   . THR A 1 160 ? 2.525   -4.085  10.295  1.00 20.09 ? 160 THR A N   1 
ATOM   1267 C CA  . THR A 1 160 ? 1.811   -2.931  9.743   1.00 26.42 ? 160 THR A CA  1 
ATOM   1268 C C   . THR A 1 160 ? 0.714   -3.422  8.800   1.00 23.56 ? 160 THR A C   1 
ATOM   1269 O O   . THR A 1 160 ? 0.975   -4.177  7.864   1.00 22.51 ? 160 THR A O   1 
ATOM   1270 C CB  . THR A 1 160 ? 2.750   -1.968  8.986   1.00 23.42 ? 160 THR A CB  1 
ATOM   1271 O OG1 . THR A 1 160 ? 3.783   -1.528  9.874   1.00 29.08 ? 160 THR A OG1 1 
ATOM   1272 C CG2 . THR A 1 160 ? 1.987   -0.751  8.457   1.00 25.50 ? 160 THR A CG2 1 
ATOM   1273 N N   . ILE A 1 161 ? -0.514  -2.988  9.046   1.00 24.58 ? 161 ILE A N   1 
ATOM   1274 C CA  . ILE A 1 161 ? -1.634  -3.360  8.193   1.00 20.11 ? 161 ILE A CA  1 
ATOM   1275 C C   . ILE A 1 161 ? -2.082  -2.135  7.418   1.00 17.19 ? 161 ILE A C   1 
ATOM   1276 O O   . ILE A 1 161 ? -2.348  -1.090  7.997   1.00 19.63 ? 161 ILE A O   1 
ATOM   1277 C CB  . ILE A 1 161 ? -2.790  -3.977  9.022   1.00 23.82 ? 161 ILE A CB  1 
ATOM   1278 C CG1 . ILE A 1 161 ? -2.301  -5.261  9.701   1.00 23.09 ? 161 ILE A CG1 1 
ATOM   1279 C CG2 . ILE A 1 161 ? -4.026  -4.228  8.155   1.00 17.93 ? 161 ILE A CG2 1 
ATOM   1280 C CD1 . ILE A 1 161 ? -3.389  -6.084  10.402  1.00 27.86 ? 161 ILE A CD1 1 
ATOM   1281 N N   . VAL A 1 162 ? -2.123  -2.262  6.095   1.00 17.67 ? 162 VAL A N   1 
ATOM   1282 C CA  . VAL A 1 162 ? -2.535  -1.163  5.222   1.00 16.72 ? 162 VAL A CA  1 
ATOM   1283 C C   . VAL A 1 162 ? -3.744  -1.627  4.429   1.00 16.79 ? 162 VAL A C   1 
ATOM   1284 O O   . VAL A 1 162 ? -3.826  -2.799  4.020   1.00 17.46 ? 162 VAL A O   1 
ATOM   1285 C CB  . VAL A 1 162 ? -1.398  -0.703  4.281   1.00 24.68 ? 162 VAL A CB  1 
ATOM   1286 C CG1 . VAL A 1 162 ? -0.244  -0.127  5.099   1.00 16.90 ? 162 VAL A CG1 1 
ATOM   1287 C CG2 . VAL A 1 162 ? -0.935  -1.856  3.389   1.00 16.94 ? 162 VAL A CG2 1 
ATOM   1288 N N   . SER A 1 163 ? -4.706  -0.724  4.256   1.00 16.97 ? 163 SER A N   1 
ATOM   1289 C CA  . SER A 1 163 ? -6.008  -1.115  3.725   1.00 17.83 ? 163 SER A CA  1 
ATOM   1290 C C   . SER A 1 163 ? -6.507  -0.177  2.648   1.00 21.54 ? 163 SER A C   1 
ATOM   1291 O O   . SER A 1 163 ? -6.892  0.952   2.931   1.00 21.04 ? 163 SER A O   1 
ATOM   1292 C CB  . SER A 1 163 ? -7.048  -1.163  4.850   1.00 18.83 ? 163 SER A CB  1 
ATOM   1293 O OG  . SER A 1 163 ? -6.749  -2.180  5.780   1.00 23.64 ? 163 SER A OG  1 
ATOM   1294 N N   . PRO A 1 164 ? -6.522  -0.663  1.403   1.00 21.27 ? 164 PRO A N   1 
ATOM   1295 C CA  . PRO A 1 164 ? -7.056  0.103   0.277   1.00 26.64 ? 164 PRO A CA  1 
ATOM   1296 C C   . PRO A 1 164 ? -8.548  -0.145  0.162   1.00 27.17 ? 164 PRO A C   1 
ATOM   1297 O O   . PRO A 1 164 ? -9.117  -0.800  1.031   1.00 31.34 ? 164 PRO A O   1 
ATOM   1298 C CB  . PRO A 1 164 ? -6.305  -0.481  -0.927  1.00 28.01 ? 164 PRO A CB  1 
ATOM   1299 C CG  . PRO A 1 164 ? -5.989  -1.891  -0.531  1.00 33.49 ? 164 PRO A CG  1 
ATOM   1300 C CD  . PRO A 1 164 ? -5.932  -1.949  0.982   1.00 24.21 ? 164 PRO A CD  1 
ATOM   1301 N N   . GLY A 1 165 ? -9.175  0.391   -0.879  1.00 32.31 ? 165 GLY A N   1 
ATOM   1302 C CA  . GLY A 1 165 ? -10.600 0.208   -1.069  1.00 35.73 ? 165 GLY A CA  1 
ATOM   1303 C C   . GLY A 1 165 ? -11.464 1.193   -0.298  1.00 33.89 ? 165 GLY A C   1 
ATOM   1304 O O   . GLY A 1 165 ? -12.672 0.989   -0.192  1.00 34.76 ? 165 GLY A O   1 
ATOM   1305 N N   . MET A 1 166 ? -10.853 2.253   0.237   1.00 29.80 ? 166 MET A N   1 
ATOM   1306 C CA  . MET A 1 166 ? -11.609 3.310   0.917   1.00 31.31 ? 166 MET A CA  1 
ATOM   1307 C C   . MET A 1 166 ? -12.051 4.371   -0.093  1.00 29.62 ? 166 MET A C   1 
ATOM   1308 O O   . MET A 1 166 ? -11.260 4.791   -0.957  1.00 32.49 ? 166 MET A O   1 
ATOM   1309 C CB  . MET A 1 166 ? -10.788 3.963   2.044   1.00 26.77 ? 166 MET A CB  1 
ATOM   1310 C CG  . MET A 1 166 ? -10.051 2.995   2.949   1.00 37.99 ? 166 MET A CG  1 
ATOM   1311 S SD  . MET A 1 166 ? -11.066 1.613   3.511   1.00 39.89 ? 166 MET A SD  1 
ATOM   1312 C CE  . MET A 1 166 ? -12.133 2.370   4.751   1.00 28.70 ? 166 MET A CE  1 
ATOM   1313 N N   . GLY A 1 167 ? -13.314 4.784   0.015   1.00 30.15 ? 167 GLY A N   1 
ATOM   1314 C CA  . GLY A 1 167 ? -13.882 5.768   -0.883  1.00 25.49 ? 167 GLY A CA  1 
ATOM   1315 C C   . GLY A 1 167 ? -14.681 5.182   -2.038  1.00 35.96 ? 167 GLY A C   1 
ATOM   1316 O O   . GLY A 1 167 ? -15.848 4.807   -1.877  1.00 44.71 ? 167 GLY A O   1 
ATOM   1317 N N   A SER A 1 168 ? -14.050 5.102   -3.210  0.69 34.36 ? 168 SER A N   1 
ATOM   1318 N N   B SER A 1 168 ? -14.049 5.094   -3.203  0.31 34.34 ? 168 SER A N   1 
ATOM   1319 C CA  A SER A 1 168 ? -14.728 4.665   -4.434  0.69 37.11 ? 168 SER A CA  1 
ATOM   1320 C CA  B SER A 1 168 ? -14.733 4.666   -4.418  0.31 36.96 ? 168 SER A CA  1 
ATOM   1321 C C   A SER A 1 168 ? -15.147 3.194   -4.392  0.69 36.21 ? 168 SER A C   1 
ATOM   1322 C C   B SER A 1 168 ? -15.155 3.197   -4.369  0.31 36.16 ? 168 SER A C   1 
ATOM   1323 O O   A SER A 1 168 ? -16.253 2.847   -4.790  0.69 36.47 ? 168 SER A O   1 
ATOM   1324 O O   B SER A 1 168 ? -16.277 2.854   -4.737  0.31 36.39 ? 168 SER A O   1 
ATOM   1325 C CB  A SER A 1 168 ? -13.839 4.929   -5.659  0.69 32.08 ? 168 SER A CB  1 
ATOM   1326 C CB  B SER A 1 168 ? -13.839 4.926   -5.632  0.31 32.09 ? 168 SER A CB  1 
ATOM   1327 O OG  A SER A 1 168 ? -14.467 4.518   -6.863  0.69 32.68 ? 168 SER A OG  1 
ATOM   1328 O OG  B SER A 1 168 ? -13.123 6.140   -5.478  0.31 29.28 ? 168 SER A OG  1 
ATOM   1329 N N   . GLN A 1 169 ? -14.256 2.331   -3.913  1.00 35.18 ? 169 GLN A N   1 
ATOM   1330 C CA  . GLN A 1 169 ? -14.530 0.894   -3.888  1.00 38.76 ? 169 GLN A CA  1 
ATOM   1331 C C   . GLN A 1 169 ? -15.506 0.492   -2.787  1.00 35.81 ? 169 GLN A C   1 
ATOM   1332 O O   . GLN A 1 169 ? -15.875 -0.683  -2.686  1.00 35.46 ? 169 GLN A O   1 
ATOM   1333 C CB  . GLN A 1 169 ? -13.234 0.093   -3.738  1.00 33.79 ? 169 GLN A CB  1 
ATOM   1334 C CG  . GLN A 1 169 ? -12.276 0.216   -4.909  1.00 36.19 ? 169 GLN A CG  1 
ATOM   1335 C CD  . GLN A 1 169 ? -11.010 -0.587  -4.701  1.00 36.29 ? 169 GLN A CD  1 
ATOM   1336 O OE1 . GLN A 1 169 ? -11.052 -1.816  -4.585  1.00 29.26 ? 169 GLN A OE1 1 
ATOM   1337 N NE2 . GLN A 1 169 ? -9.869  0.107   -4.643  1.00 30.34 ? 169 GLN A NE2 1 
ATOM   1338 N N   . GLY A 1 170 ? -15.907 1.463   -1.963  1.00 41.41 ? 170 GLY A N   1 
ATOM   1339 C CA  . GLY A 1 170 ? -16.903 1.230   -0.925  1.00 34.75 ? 170 GLY A CA  1 
ATOM   1340 C C   . GLY A 1 170 ? -16.496 1.607   0.495   1.00 33.49 ? 170 GLY A C   1 
ATOM   1341 O O   . GLY A 1 170 ? -17.334 2.032   1.301   1.00 25.36 ? 170 GLY A O   1 
ATOM   1342 N N   . GLY A 1 171 ? -15.217 1.445   0.816   1.00 33.13 ? 171 GLY A N   1 
ATOM   1343 C CA  . GLY A 1 171 ? -14.748 1.726   2.165   1.00 37.91 ? 171 GLY A CA  1 
ATOM   1344 C C   . GLY A 1 171 ? -15.104 3.123   2.662   1.00 31.85 ? 171 GLY A C   1 
ATOM   1345 O O   . GLY A 1 171 ? -14.698 4.135   2.059   1.00 30.94 ? 171 GLY A O   1 
ATOM   1346 N N   . SER A 1 172 ? -15.869 3.173   3.758   1.00 32.94 ? 172 SER A N   1 
ATOM   1347 C CA  . SER A 1 172 ? -16.198 4.432   4.437   1.00 29.37 ? 172 SER A CA  1 
ATOM   1348 C C   . SER A 1 172 ? -15.005 4.891   5.272   1.00 22.97 ? 172 SER A C   1 
ATOM   1349 O O   . SER A 1 172 ? -14.530 4.150   6.120   1.00 23.15 ? 172 SER A O   1 
ATOM   1350 C CB  . SER A 1 172 ? -17.412 4.246   5.338   1.00 28.51 ? 172 SER A CB  1 
ATOM   1351 O OG  . SER A 1 172 ? -17.704 5.437   6.053   1.00 39.48 ? 172 SER A OG  1 
ATOM   1352 N N   . TYR A 1 173 ? -14.532 6.118   5.039   1.00 22.06 ? 173 TYR A N   1 
ATOM   1353 C CA  . TYR A 1 173 ? -13.245 6.555   5.589   1.00 20.16 ? 173 TYR A CA  1 
ATOM   1354 C C   . TYR A 1 173 ? -13.119 6.354   7.087   1.00 18.23 ? 173 TYR A C   1 
ATOM   1355 O O   . TYR A 1 173 ? -13.954 6.839   7.861   1.00 18.33 ? 173 TYR A O   1 
ATOM   1356 C CB  . TYR A 1 173 ? -12.962 8.021   5.243   1.00 17.66 ? 173 TYR A CB  1 
ATOM   1357 C CG  . TYR A 1 173 ? -13.254 8.331   3.806   1.00 17.36 ? 173 TYR A CG  1 
ATOM   1358 C CD1 . TYR A 1 173 ? -12.428 7.857   2.793   1.00 20.63 ? 173 TYR A CD1 1 
ATOM   1359 C CD2 . TYR A 1 173 ? -14.363 9.080   3.455   1.00 21.03 ? 173 TYR A CD2 1 
ATOM   1360 C CE1 . TYR A 1 173 ? -12.700 8.132   1.471   1.00 26.42 ? 173 TYR A CE1 1 
ATOM   1361 C CE2 . TYR A 1 173 ? -14.641 9.366   2.134   1.00 21.44 ? 173 TYR A CE2 1 
ATOM   1362 C CZ  . TYR A 1 173 ? -13.817 8.892   1.150   1.00 20.36 ? 173 TYR A CZ  1 
ATOM   1363 O OH  . TYR A 1 173 ? -14.097 9.172   -0.167  1.00 29.26 ? 173 TYR A OH  1 
ATOM   1364 N N   . GLY A 1 174 ? -12.059 5.657   7.487   1.00 16.79 ? 174 GLY A N   1 
ATOM   1365 C CA  . GLY A 1 174 ? -11.754 5.438   8.887   1.00 20.69 ? 174 GLY A CA  1 
ATOM   1366 C C   . GLY A 1 174 ? -12.216 4.090   9.400   1.00 18.81 ? 174 GLY A C   1 
ATOM   1367 O O   . GLY A 1 174 ? -11.798 3.658   10.474  1.00 20.95 ? 174 GLY A O   1 
ATOM   1368 N N   . ASP A 1 175 ? -13.072 3.417   8.635   1.00 20.07 ? 175 ASP A N   1 
ATOM   1369 C CA  . ASP A 1 175 ? -13.612 2.127   9.077   1.00 24.40 ? 175 ASP A CA  1 
ATOM   1370 C C   . ASP A 1 175 ? -12.550 1.043   9.133   1.00 25.12 ? 175 ASP A C   1 
ATOM   1371 O O   . ASP A 1 175 ? -12.634 0.123   9.957   1.00 20.32 ? 175 ASP A O   1 
ATOM   1372 C CB  . ASP A 1 175 ? -14.761 1.647   8.176   1.00 19.41 ? 175 ASP A CB  1 
ATOM   1373 C CG  . ASP A 1 175 ? -16.061 2.401   8.415   1.00 28.80 ? 175 ASP A CG  1 
ATOM   1374 O OD1 . ASP A 1 175 ? -16.114 3.288   9.295   1.00 25.47 ? 175 ASP A OD1 1 
ATOM   1375 O OD2 . ASP A 1 175 ? -17.042 2.087   7.717   1.00 26.25 ? 175 ASP A OD2 1 
ATOM   1376 N N   . ALA A 1 176 ? -11.568 1.128   8.240   1.00 22.11 ? 176 ALA A N   1 
ATOM   1377 C CA  . ALA A 1 176 ? -10.508 0.133   8.209   1.00 20.40 ? 176 ALA A CA  1 
ATOM   1378 C C   . ALA A 1 176 ? -9.580  0.327   9.398   1.00 20.53 ? 176 ALA A C   1 
ATOM   1379 O O   . ALA A 1 176 ? -9.257  -0.631  10.103  1.00 16.73 ? 176 ALA A O   1 
ATOM   1380 C CB  . ALA A 1 176 ? -9.741  0.201   6.905   1.00 16.85 ? 176 ALA A CB  1 
ATOM   1381 N N   . VAL A 1 177 ? -9.167  1.569   9.630   1.00 18.17 ? 177 VAL A N   1 
ATOM   1382 C CA  . VAL A 1 177 ? -8.391  1.869   10.820  1.00 20.46 ? 177 VAL A CA  1 
ATOM   1383 C C   . VAL A 1 177 ? -9.130  1.412   12.081  1.00 20.20 ? 177 VAL A C   1 
ATOM   1384 O O   . VAL A 1 177 ? -8.540  0.769   12.940  1.00 22.34 ? 177 VAL A O   1 
ATOM   1385 C CB  . VAL A 1 177 ? -8.021  3.351   10.914  1.00 26.62 ? 177 VAL A CB  1 
ATOM   1386 C CG1 . VAL A 1 177 ? -7.281  3.624   12.215  1.00 26.93 ? 177 VAL A CG1 1 
ATOM   1387 C CG2 . VAL A 1 177 ? -7.151  3.734   9.721   1.00 23.72 ? 177 VAL A CG2 1 
ATOM   1388 N N   . CYS A 1 178 ? -10.424 1.711   12.184  1.00 20.92 ? 178 CYS A N   1 
ATOM   1389 C CA  . CYS A 1 178 ? -11.158 1.301   13.381  1.00 24.82 ? 178 CYS A CA  1 
ATOM   1390 C C   . CYS A 1 178 ? -11.215 -0.225  13.525  1.00 22.01 ? 178 CYS A C   1 
ATOM   1391 O O   . CYS A 1 178 ? -11.186 -0.741  14.640  1.00 26.17 ? 178 CYS A O   1 
ATOM   1392 C CB  . CYS A 1 178 ? -12.551 1.942   13.445  1.00 24.00 ? 178 CYS A CB  1 
ATOM   1393 S SG  . CYS A 1 178 ? -12.508 3.731   13.767  1.00 34.54 ? 178 CYS A SG  1 
ATOM   1394 N N   . ALA A 1 179 ? -11.238 -0.945  12.403  1.00 23.94 ? 179 ALA A N   1 
ATOM   1395 C CA  . ALA A 1 179 ? -11.228 -2.409  12.433  1.00 22.14 ? 179 ALA A CA  1 
ATOM   1396 C C   . ALA A 1 179 ? -9.865  -3.012  12.791  1.00 26.21 ? 179 ALA A C   1 
ATOM   1397 O O   . ALA A 1 179 ? -9.771  -4.205  13.085  1.00 20.68 ? 179 ALA A O   1 
ATOM   1398 C CB  . ALA A 1 179 ? -11.718 -2.979  11.105  1.00 18.99 ? 179 ALA A CB  1 
ATOM   1399 N N   . GLY A 1 180 ? -8.806  -2.205  12.741  1.00 20.37 ? 180 GLY A N   1 
ATOM   1400 C CA  . GLY A 1 180 ? -7.502  -2.685  13.159  1.00 25.68 ? 180 GLY A CA  1 
ATOM   1401 C C   . GLY A 1 180 ? -6.361  -2.364  12.216  1.00 17.87 ? 180 GLY A C   1 
ATOM   1402 O O   . GLY A 1 180 ? -5.213  -2.716  12.496  1.00 21.21 ? 180 GLY A O   1 
ATOM   1403 N N   . ALA A 1 181 ? -6.661  -1.689  11.111  1.00 22.73 ? 181 ALA A N   1 
ATOM   1404 C CA  . ALA A 1 181 ? -5.614  -1.301  10.164  1.00 20.59 ? 181 ALA A CA  1 
ATOM   1405 C C   . ALA A 1 181 ? -4.791  -0.134  10.713  1.00 19.65 ? 181 ALA A C   1 
ATOM   1406 O O   . ALA A 1 181 ? -5.277  0.670   11.504  1.00 22.91 ? 181 ALA A O   1 
ATOM   1407 C CB  . ALA A 1 181 ? -6.221  -0.947  8.812   1.00 20.27 ? 181 ALA A CB  1 
ATOM   1408 N N   . ASP A 1 182 ? -3.540  -0.033  10.280  1.00 22.02 ? 182 ASP A N   1 
ATOM   1409 C CA  . ASP A 1 182 ? -2.713  1.101   10.658  1.00 19.47 ? 182 ASP A CA  1 
ATOM   1410 C C   . ASP A 1 182 ? -2.954  2.318   9.763   1.00 20.52 ? 182 ASP A C   1 
ATOM   1411 O O   . ASP A 1 182 ? -3.087  3.437   10.247  1.00 22.26 ? 182 ASP A O   1 
ATOM   1412 C CB  . ASP A 1 182 ? -1.237  0.707   10.631  1.00 22.74 ? 182 ASP A CB  1 
ATOM   1413 C CG  . ASP A 1 182 ? -0.905  -0.306  11.691  1.00 24.79 ? 182 ASP A CG  1 
ATOM   1414 O OD1 . ASP A 1 182 ? -0.893  0.081   12.879  1.00 31.95 ? 182 ASP A OD1 1 
ATOM   1415 O OD2 . ASP A 1 182 ? -0.685  -1.487  11.353  1.00 24.57 ? 182 ASP A OD2 1 
ATOM   1416 N N   . TYR A 1 183 ? -3.024  2.074   8.460   1.00 18.67 ? 183 TYR A N   1 
ATOM   1417 C CA  . TYR A 1 183 ? -3.167  3.125   7.476   1.00 21.04 ? 183 TYR A CA  1 
ATOM   1418 C C   . TYR A 1 183 ? -4.210  2.750   6.441   1.00 18.51 ? 183 TYR A C   1 
ATOM   1419 O O   . TYR A 1 183 ? -4.411  1.565   6.147   1.00 17.84 ? 183 TYR A O   1 
ATOM   1420 C CB  . TYR A 1 183 ? -1.815  3.379   6.797   1.00 18.00 ? 183 TYR A CB  1 
ATOM   1421 C CG  . TYR A 1 183 ? -0.751  3.698   7.803   1.00 19.46 ? 183 TYR A CG  1 
ATOM   1422 C CD1 . TYR A 1 183 ? -0.685  4.951   8.404   1.00 19.81 ? 183 TYR A CD1 1 
ATOM   1423 C CD2 . TYR A 1 183 ? 0.188   2.741   8.164   1.00 24.49 ? 183 TYR A CD2 1 
ATOM   1424 C CE1 . TYR A 1 183 ? 0.298   5.237   9.343   1.00 27.74 ? 183 TYR A CE1 1 
ATOM   1425 C CE2 . TYR A 1 183 ? 1.163   3.009   9.097   1.00 25.26 ? 183 TYR A CE2 1 
ATOM   1426 C CZ  . TYR A 1 183 ? 1.215   4.257   9.685   1.00 25.65 ? 183 TYR A CZ  1 
ATOM   1427 O OH  . TYR A 1 183 ? 2.197   4.511   10.618  1.00 33.27 ? 183 TYR A OH  1 
ATOM   1428 N N   . GLU A 1 184 ? -4.883  3.765   5.910   1.00 20.46 ? 184 GLU A N   1 
ATOM   1429 C CA  . GLU A 1 184 ? -5.814  3.579   4.805   1.00 17.61 ? 184 GLU A CA  1 
ATOM   1430 C C   . GLU A 1 184 ? -5.254  4.109   3.498   1.00 20.61 ? 184 GLU A C   1 
ATOM   1431 O O   . GLU A 1 184 ? -4.753  5.239   3.420   1.00 20.30 ? 184 GLU A O   1 
ATOM   1432 C CB  . GLU A 1 184 ? -7.181  4.214   5.120   1.00 24.27 ? 184 GLU A CB  1 
ATOM   1433 C CG  . GLU A 1 184 ? -8.048  3.295   5.958   1.00 22.29 ? 184 GLU A CG  1 
ATOM   1434 C CD  . GLU A 1 184 ? -9.359  3.933   6.416   1.00 24.14 ? 184 GLU A CD  1 
ATOM   1435 O OE1 . GLU A 1 184 ? -9.923  4.808   5.716   1.00 21.84 ? 184 GLU A OE1 1 
ATOM   1436 O OE2 . GLU A 1 184 ? -9.820  3.543   7.499   1.00 18.71 ? 184 GLU A OE2 1 
ATOM   1437 N N   . ILE A 1 185 ? -5.327  3.268   2.472   1.00 18.58 ? 185 ILE A N   1 
ATOM   1438 C CA  . ILE A 1 185 ? -4.872  3.637   1.142   1.00 18.81 ? 185 ILE A CA  1 
ATOM   1439 C C   . ILE A 1 185 ? -6.036  4.199   0.357   1.00 21.87 ? 185 ILE A C   1 
ATOM   1440 O O   . ILE A 1 185 ? -7.055  3.534   0.173   1.00 19.50 ? 185 ILE A O   1 
ATOM   1441 C CB  . ILE A 1 185 ? -4.321  2.425   0.410   1.00 14.79 ? 185 ILE A CB  1 
ATOM   1442 C CG1 . ILE A 1 185 ? -3.061  1.938   1.128   1.00 17.70 ? 185 ILE A CG1 1 
ATOM   1443 C CG2 . ILE A 1 185 ? -4.029  2.775   -1.053  1.00 21.29 ? 185 ILE A CG2 1 
ATOM   1444 C CD1 . ILE A 1 185 ? -2.669  0.522   0.813   1.00 20.11 ? 185 ILE A CD1 1 
ATOM   1445 N N   . ILE A 1 186 ? -5.870  5.427   -0.107  1.00 16.46 ? 186 ILE A N   1 
ATOM   1446 C CA  . ILE A 1 186 ? -6.935  6.169   -0.757  1.00 17.39 ? 186 ILE A CA  1 
ATOM   1447 C C   . ILE A 1 186 ? -6.421  6.779   -2.051  1.00 20.99 ? 186 ILE A C   1 
ATOM   1448 O O   . ILE A 1 186 ? -5.387  7.461   -2.070  1.00 17.05 ? 186 ILE A O   1 
ATOM   1449 C CB  . ILE A 1 186 ? -7.483  7.258   0.189   1.00 19.20 ? 186 ILE A CB  1 
ATOM   1450 C CG1 . ILE A 1 186 ? -7.852  6.623   1.532   1.00 21.07 ? 186 ILE A CG1 1 
ATOM   1451 C CG2 . ILE A 1 186 ? -8.686  7.961   -0.435  1.00 23.48 ? 186 ILE A CG2 1 
ATOM   1452 C CD1 . ILE A 1 186 ? -8.270  7.602   2.601   1.00 24.33 ? 186 ILE A CD1 1 
ATOM   1453 N N   . GLY A 1 187 ? -7.132  6.504   -3.136  1.00 17.09 ? 187 GLY A N   1 
ATOM   1454 C CA  . GLY A 1 187 ? -6.733  6.965   -4.450  1.00 16.77 ? 187 GLY A CA  1 
ATOM   1455 C C   . GLY A 1 187 ? -7.702  7.982   -5.010  1.00 17.57 ? 187 GLY A C   1 
ATOM   1456 O O   . GLY A 1 187 ? -7.581  9.174   -4.738  1.00 17.19 ? 187 GLY A O   1 
ATOM   1457 N N   . ARG A 1 188 ? -8.687  7.501   -5.767  1.00 15.09 ? 188 ARG A N   1 
ATOM   1458 C CA  . ARG A 1 188 ? -9.589  8.375   -6.525  1.00 20.01 ? 188 ARG A CA  1 
ATOM   1459 C C   . ARG A 1 188 ? -10.278 9.442   -5.679  1.00 19.39 ? 188 ARG A C   1 
ATOM   1460 O O   . ARG A 1 188 ? -10.467 10.571  -6.139  1.00 21.20 ? 188 ARG A O   1 
ATOM   1461 C CB  . ARG A 1 188 ? -10.645 7.543   -7.268  1.00 21.02 ? 188 ARG A CB  1 
ATOM   1462 C CG  . ARG A 1 188 ? -10.133 6.946   -8.574  1.00 27.29 ? 188 ARG A CG  1 
ATOM   1463 C CD  . ARG A 1 188 ? -11.076 5.902   -9.108  1.00 27.15 ? 188 ARG A CD  1 
ATOM   1464 N NE  . ARG A 1 188 ? -10.906 4.632   -8.409  1.00 28.27 ? 188 ARG A NE  1 
ATOM   1465 C CZ  . ARG A 1 188 ? -11.552 3.517   -8.731  1.00 29.92 ? 188 ARG A CZ  1 
ATOM   1466 N NH1 . ARG A 1 188 ? -12.412 3.531   -9.743  1.00 26.62 ? 188 ARG A NH1 1 
ATOM   1467 N NH2 . ARG A 1 188 ? -11.329 2.396   -8.048  1.00 25.10 ? 188 ARG A NH2 1 
ATOM   1468 N N   . SER A 1 189 ? -10.671 9.078   -4.464  1.00 19.98 ? 189 SER A N   1 
ATOM   1469 C CA  . SER A 1 189 ? -11.311 10.020  -3.546  1.00 21.87 ? 189 SER A CA  1 
ATOM   1470 C C   . SER A 1 189 ? -10.499 11.316  -3.415  1.00 23.70 ? 189 SER A C   1 
ATOM   1471 O O   . SER A 1 189 ? -11.054 12.387  -3.191  1.00 24.19 ? 189 SER A O   1 
ATOM   1472 C CB  . SER A 1 189 ? -11.499 9.376   -2.176  1.00 19.29 ? 189 SER A CB  1 
ATOM   1473 O OG  . SER A 1 189 ? -12.488 8.361   -2.227  1.00 37.70 ? 189 SER A OG  1 
ATOM   1474 N N   . ILE A 1 190 ? -9.181  11.216  -3.567  1.00 21.45 ? 190 ILE A N   1 
ATOM   1475 C CA  . ILE A 1 190 ? -8.316  12.390  -3.465  1.00 16.23 ? 190 ILE A CA  1 
ATOM   1476 C C   . ILE A 1 190 ? -7.906  12.925  -4.832  1.00 21.80 ? 190 ILE A C   1 
ATOM   1477 O O   . ILE A 1 190 ? -8.155  14.099  -5.146  1.00 22.51 ? 190 ILE A O   1 
ATOM   1478 C CB  . ILE A 1 190 ? -7.049  12.065  -2.632  1.00 15.78 ? 190 ILE A CB  1 
ATOM   1479 C CG1 . ILE A 1 190 ? -7.443  11.802  -1.163  1.00 19.22 ? 190 ILE A CG1 1 
ATOM   1480 C CG2 . ILE A 1 190 ? -6.003  13.181  -2.769  1.00 15.66 ? 190 ILE A CG2 1 
ATOM   1481 C CD1 . ILE A 1 190 ? -6.461  10.974  -0.378  1.00 19.55 ? 190 ILE A CD1 1 
ATOM   1482 N N   . TYR A 1 191 ? -7.282  12.084  -5.658  1.00 21.39 ? 191 TYR A N   1 
ATOM   1483 C CA  . TYR A 1 191 ? -6.681  12.600  -6.885  1.00 21.48 ? 191 TYR A CA  1 
ATOM   1484 C C   . TYR A 1 191 ? -7.675  12.983  -7.984  1.00 21.55 ? 191 TYR A C   1 
ATOM   1485 O O   . TYR A 1 191 ? -7.310  13.714  -8.918  1.00 23.63 ? 191 TYR A O   1 
ATOM   1486 C CB  . TYR A 1 191 ? -5.528  11.706  -7.401  1.00 21.49 ? 191 TYR A CB  1 
ATOM   1487 C CG  . TYR A 1 191 ? -5.902  10.323  -7.907  1.00 20.30 ? 191 TYR A CG  1 
ATOM   1488 C CD1 . TYR A 1 191 ? -6.614  10.166  -9.085  1.00 24.68 ? 191 TYR A CD1 1 
ATOM   1489 C CD2 . TYR A 1 191 ? -5.495  9.173   -7.223  1.00 20.09 ? 191 TYR A CD2 1 
ATOM   1490 C CE1 . TYR A 1 191 ? -6.941  8.901   -9.566  1.00 24.29 ? 191 TYR A CE1 1 
ATOM   1491 C CE2 . TYR A 1 191 ? -5.817  7.894   -7.700  1.00 16.09 ? 191 TYR A CE2 1 
ATOM   1492 C CZ  . TYR A 1 191 ? -6.537  7.775   -8.876  1.00 18.17 ? 191 TYR A CZ  1 
ATOM   1493 O OH  . TYR A 1 191 ? -6.871  6.529   -9.380  1.00 21.53 ? 191 TYR A OH  1 
ATOM   1494 N N   . ASN A 1 192 ? -8.918  12.511  -7.868  1.00 21.79 ? 192 ASN A N   1 
ATOM   1495 C CA  . ASN A 1 192 ? -9.991  12.909  -8.780  1.00 23.20 ? 192 ASN A CA  1 
ATOM   1496 C C   . ASN A 1 192 ? -10.924 13.969  -8.176  1.00 35.09 ? 192 ASN A C   1 
ATOM   1497 O O   . ASN A 1 192 ? -11.955 14.313  -8.770  1.00 27.30 ? 192 ASN A O   1 
ATOM   1498 C CB  . ASN A 1 192 ? -10.819 11.701  -9.235  1.00 26.15 ? 192 ASN A CB  1 
ATOM   1499 C CG  . ASN A 1 192 ? -10.180 10.941  -10.393 1.00 22.28 ? 192 ASN A CG  1 
ATOM   1500 O OD1 . ASN A 1 192 ? -9.252  11.423  -11.041 1.00 22.76 ? 192 ASN A OD1 1 
ATOM   1501 N ND2 . ASN A 1 192 ? -10.699 9.746   -10.667 1.00 27.07 ? 192 ASN A ND2 1 
ATOM   1502 N N   . ALA A 1 193 ? -10.585 14.470  -6.990  1.00 33.37 ? 193 ALA A N   1 
ATOM   1503 C CA  . ALA A 1 193 ? -11.402 15.509  -6.361  1.00 30.09 ? 193 ALA A CA  1 
ATOM   1504 C C   . ALA A 1 193 ? -11.119 16.861  -7.014  1.00 31.13 ? 193 ALA A C   1 
ATOM   1505 O O   . ALA A 1 193 ? -10.055 17.063  -7.610  1.00 34.37 ? 193 ALA A O   1 
ATOM   1506 C CB  . ALA A 1 193 ? -11.148 15.565  -4.863  1.00 24.72 ? 193 ALA A CB  1 
ATOM   1507 N N   . GLY A 1 194 ? -12.077 17.783  -6.919  1.00 39.38 ? 194 GLY A N   1 
ATOM   1508 C CA  . GLY A 1 194 ? -11.875 19.130  -7.426  1.00 44.75 ? 194 GLY A CA  1 
ATOM   1509 C C   . GLY A 1 194 ? -10.603 19.699  -6.837  1.00 39.08 ? 194 GLY A C   1 
ATOM   1510 O O   . GLY A 1 194 ? -9.688  20.109  -7.563  1.00 41.71 ? 194 GLY A O   1 
ATOM   1511 N N   . ASN A 1 195 ? -10.534 19.705  -5.510  1.00 32.64 ? 195 ASN A N   1 
ATOM   1512 C CA  . ASN A 1 195 ? -9.304  20.101  -4.836  1.00 34.62 ? 195 ASN A CA  1 
ATOM   1513 C C   . ASN A 1 195 ? -8.754  18.941  -4.020  1.00 23.18 ? 195 ASN A C   1 
ATOM   1514 O O   . ASN A 1 195 ? -9.246  18.662  -2.927  1.00 25.14 ? 195 ASN A O   1 
ATOM   1515 C CB  . ASN A 1 195 ? -9.534  21.332  -3.948  1.00 28.50 ? 195 ASN A CB  1 
ATOM   1516 C CG  . ASN A 1 195 ? -8.237  22.010  -3.550  1.00 33.48 ? 195 ASN A CG  1 
ATOM   1517 O OD1 . ASN A 1 195 ? -7.269  21.351  -3.170  1.00 29.80 ? 195 ASN A OD1 1 
ATOM   1518 N ND2 . ASN A 1 195 ? -8.204  23.333  -3.657  1.00 26.90 ? 195 ASN A ND2 1 
ATOM   1519 N N   . PRO A 1 196 ? -7.735  18.250  -4.561  1.00 29.17 ? 196 PRO A N   1 
ATOM   1520 C CA  . PRO A 1 196 ? -7.161  17.086  -3.878  1.00 19.60 ? 196 PRO A CA  1 
ATOM   1521 C C   . PRO A 1 196 ? -6.661  17.392  -2.471  1.00 26.55 ? 196 PRO A C   1 
ATOM   1522 O O   . PRO A 1 196 ? -6.795  16.536  -1.594  1.00 20.70 ? 196 PRO A O   1 
ATOM   1523 C CB  . PRO A 1 196 ? -5.972  16.712  -4.771  1.00 20.13 ? 196 PRO A CB  1 
ATOM   1524 C CG  . PRO A 1 196 ? -6.362  17.177  -6.123  1.00 32.01 ? 196 PRO A CG  1 
ATOM   1525 C CD  . PRO A 1 196 ? -7.130  18.460  -5.892  1.00 26.77 ? 196 PRO A CD  1 
ATOM   1526 N N   . LEU A 1 197 ? -6.072  18.568  -2.251  1.00 20.41 ? 197 LEU A N   1 
ATOM   1527 C CA  . LEU A 1 197 ? -5.619  18.896  -0.901  1.00 23.74 ? 197 LEU A CA  1 
ATOM   1528 C C   . LEU A 1 197 ? -6.809  19.053  0.048   1.00 19.92 ? 197 LEU A C   1 
ATOM   1529 O O   . LEU A 1 197 ? -6.774  18.594  1.187   1.00 18.97 ? 197 LEU A O   1 
ATOM   1530 C CB  . LEU A 1 197 ? -4.759  20.165  -0.892  1.00 20.06 ? 197 LEU A CB  1 
ATOM   1531 C CG  . LEU A 1 197 ? -4.259  20.626  0.483   1.00 28.29 ? 197 LEU A CG  1 
ATOM   1532 C CD1 . LEU A 1 197 ? -3.654  19.485  1.318   1.00 27.91 ? 197 LEU A CD1 1 
ATOM   1533 C CD2 . LEU A 1 197 ? -3.248  21.771  0.313   1.00 28.29 ? 197 LEU A CD2 1 
ATOM   1534 N N   . THR A 1 198 ? -7.852  19.728  -0.418  1.00 23.80 ? 198 THR A N   1 
ATOM   1535 C CA  . THR A 1 198 ? -9.041  19.913  0.410   1.00 24.79 ? 198 THR A CA  1 
ATOM   1536 C C   . THR A 1 198 ? -9.675  18.576  0.780   1.00 24.30 ? 198 THR A C   1 
ATOM   1537 O O   . THR A 1 198 ? -10.053 18.358  1.929   1.00 17.86 ? 198 THR A O   1 
ATOM   1538 C CB  . THR A 1 198 ? -10.082 20.809  -0.280  1.00 28.82 ? 198 THR A CB  1 
ATOM   1539 O OG1 . THR A 1 198 ? -9.482  22.068  -0.604  1.00 24.30 ? 198 THR A OG1 1 
ATOM   1540 C CG2 . THR A 1 198 ? -11.273 21.046  0.638   1.00 24.37 ? 198 THR A CG2 1 
ATOM   1541 N N   . ALA A 1 199 ? -9.787  17.682  -0.195  1.00 23.41 ? 199 ALA A N   1 
ATOM   1542 C CA  . ALA A 1 199 ? -10.348 16.358  0.073   1.00 23.07 ? 199 ALA A CA  1 
ATOM   1543 C C   . ALA A 1 199 ? -9.481  15.565  1.051   1.00 23.94 ? 199 ALA A C   1 
ATOM   1544 O O   . ALA A 1 199 ? -9.993  14.956  1.988   1.00 18.83 ? 199 ALA A O   1 
ATOM   1545 C CB  . ALA A 1 199 ? -10.560 15.594  -1.216  1.00 24.21 ? 199 ALA A CB  1 
ATOM   1546 N N   . LEU A 1 200 ? -8.164  15.581  0.860   1.00 23.10 ? 200 LEU A N   1 
ATOM   1547 C CA  . LEU A 1 200 ? -7.303  14.942  1.843   1.00 18.16 ? 200 LEU A CA  1 
ATOM   1548 C C   . LEU A 1 200 ? -7.528  15.519  3.244   1.00 18.42 ? 200 LEU A C   1 
ATOM   1549 O O   . LEU A 1 200 ? -7.613  14.778  4.213   1.00 18.13 ? 200 LEU A O   1 
ATOM   1550 C CB  . LEU A 1 200 ? -5.820  15.024  1.439   1.00 21.96 ? 200 LEU A CB  1 
ATOM   1551 C CG  . LEU A 1 200 ? -4.808  14.582  2.509   1.00 22.20 ? 200 LEU A CG  1 
ATOM   1552 C CD1 . LEU A 1 200 ? -4.995  13.120  2.946   1.00 20.90 ? 200 LEU A CD1 1 
ATOM   1553 C CD2 . LEU A 1 200 ? -3.375  14.818  2.014   1.00 21.09 ? 200 LEU A CD2 1 
ATOM   1554 N N   . ARG A 1 201 ? -7.638  16.840  3.367   1.00 23.01 ? 201 ARG A N   1 
ATOM   1555 C CA  . ARG A 1 201 ? -7.840  17.423  4.694   1.00 22.12 ? 201 ARG A CA  1 
ATOM   1556 C C   . ARG A 1 201 ? -9.185  16.995  5.309   1.00 22.56 ? 201 ARG A C   1 
ATOM   1557 O O   . ARG A 1 201 ? -9.271  16.681  6.494   1.00 23.58 ? 201 ARG A O   1 
ATOM   1558 C CB  . ARG A 1 201 ? -7.686  18.953  4.650   1.00 25.71 ? 201 ARG A CB  1 
ATOM   1559 C CG  . ARG A 1 201 ? -6.302  19.392  4.163   1.00 26.19 ? 201 ARG A CG  1 
ATOM   1560 C CD  . ARG A 1 201 ? -5.962  20.868  4.424   1.00 31.77 ? 201 ARG A CD  1 
ATOM   1561 N NE  . ARG A 1 201 ? -4.516  21.002  4.641   1.00 37.13 ? 201 ARG A NE  1 
ATOM   1562 C CZ  . ARG A 1 201 ? -3.744  21.988  4.180   1.00 38.16 ? 201 ARG A CZ  1 
ATOM   1563 N NH1 . ARG A 1 201 ? -4.249  22.981  3.456   1.00 30.18 ? 201 ARG A NH1 1 
ATOM   1564 N NH2 . ARG A 1 201 ? -2.445  21.973  4.453   1.00 36.27 ? 201 ARG A NH2 1 
ATOM   1565 N N   . THR A 1 202 ? -10.228 16.966  4.489   1.00 19.92 ? 202 THR A N   1 
ATOM   1566 C CA  . THR A 1 202 ? -11.552 16.553  4.938   1.00 27.28 ? 202 THR A CA  1 
ATOM   1567 C C   . THR A 1 202 ? -11.543 15.087  5.389   1.00 18.43 ? 202 THR A C   1 
ATOM   1568 O O   . THR A 1 202 ? -12.058 14.740  6.459   1.00 23.25 ? 202 THR A O   1 
ATOM   1569 C CB  . THR A 1 202 ? -12.572 16.750  3.811   1.00 27.21 ? 202 THR A CB  1 
ATOM   1570 O OG1 . THR A 1 202 ? -12.611 18.138  3.428   1.00 27.50 ? 202 THR A OG1 1 
ATOM   1571 C CG2 . THR A 1 202 ? -13.954 16.288  4.244   1.00 24.85 ? 202 THR A CG2 1 
ATOM   1572 N N   . ILE A 1 203 ? -10.934 14.230  4.571   1.00 23.44 ? 203 ILE A N   1 
ATOM   1573 C CA  . ILE A 1 203 ? -10.802 12.807  4.890   1.00 20.10 ? 203 ILE A CA  1 
ATOM   1574 C C   . ILE A 1 203 ? -9.973  12.590  6.155   1.00 19.08 ? 203 ILE A C   1 
ATOM   1575 O O   . ILE A 1 203 ? -10.313 11.754  6.995   1.00 22.68 ? 203 ILE A O   1 
ATOM   1576 C CB  . ILE A 1 203 ? -10.161 12.044  3.715   1.00 23.71 ? 203 ILE A CB  1 
ATOM   1577 C CG1 . ILE A 1 203 ? -11.132 12.006  2.526   1.00 16.82 ? 203 ILE A CG1 1 
ATOM   1578 C CG2 . ILE A 1 203 ? -9.716  10.646  4.155   1.00 21.13 ? 203 ILE A CG2 1 
ATOM   1579 C CD1 . ILE A 1 203 ? -10.487 11.601  1.218   1.00 18.89 ? 203 ILE A CD1 1 
ATOM   1580 N N   . ASN A 1 204 ? -8.878  13.329  6.287   1.00 20.66 ? 204 ASN A N   1 
ATOM   1581 C CA  . ASN A 1 204 ? -8.097  13.272  7.511   1.00 23.05 ? 204 ASN A CA  1 
ATOM   1582 C C   . ASN A 1 204 ? -8.961  13.607  8.722   1.00 21.33 ? 204 ASN A C   1 
ATOM   1583 O O   . ASN A 1 204 ? -8.890  12.922  9.749   1.00 24.07 ? 204 ASN A O   1 
ATOM   1584 C CB  . ASN A 1 204 ? -6.878  14.202  7.443   1.00 18.60 ? 204 ASN A CB  1 
ATOM   1585 C CG  . ASN A 1 204 ? -5.705  13.580  6.705   1.00 24.68 ? 204 ASN A CG  1 
ATOM   1586 O OD1 . ASN A 1 204 ? -5.589  12.355  6.615   1.00 25.18 ? 204 ASN A OD1 1 
ATOM   1587 N ND2 . ASN A 1 204 ? -4.821  14.426  6.178   1.00 26.56 ? 204 ASN A ND2 1 
ATOM   1588 N N   . LYS A 1 205 ? -9.781  14.649  8.602   1.00 20.30 ? 205 LYS A N   1 
ATOM   1589 C CA  . LYS A 1 205 ? -10.667 15.026  9.707   1.00 28.97 ? 205 LYS A CA  1 
ATOM   1590 C C   . LYS A 1 205 ? -11.647 13.905  10.040  1.00 30.51 ? 205 LYS A C   1 
ATOM   1591 O O   . LYS A 1 205 ? -11.844 13.570  11.205  1.00 32.37 ? 205 LYS A O   1 
ATOM   1592 C CB  . LYS A 1 205 ? -11.440 16.315  9.391   1.00 30.62 ? 205 LYS A CB  1 
ATOM   1593 C CG  . LYS A 1 205 ? -10.577 17.568  9.307   1.00 32.40 ? 205 LYS A CG  1 
ATOM   1594 C CD  . LYS A 1 205 ? -11.455 18.793  9.090   1.00 44.62 ? 205 LYS A CD  1 
ATOM   1595 C CE  . LYS A 1 205 ? -10.670 19.955  8.502   1.00 48.56 ? 205 LYS A CE  1 
ATOM   1596 N NZ  . LYS A 1 205 ? -11.445 20.591  7.400   1.00 45.78 ? 205 LYS A NZ  1 
ATOM   1597 N N   . ILE A 1 206 ? -12.270 13.336  9.011   1.00 20.95 ? 206 ILE A N   1 
ATOM   1598 C CA  . ILE A 1 206 ? -13.198 12.222  9.198   1.00 24.39 ? 206 ILE A CA  1 
ATOM   1599 C C   . ILE A 1 206 ? -12.537 11.072  9.943   1.00 27.37 ? 206 ILE A C   1 
ATOM   1600 O O   . ILE A 1 206 ? -13.115 10.474  10.860  1.00 23.50 ? 206 ILE A O   1 
ATOM   1601 C CB  . ILE A 1 206 ? -13.732 11.702  7.846   1.00 23.57 ? 206 ILE A CB  1 
ATOM   1602 C CG1 . ILE A 1 206 ? -14.672 12.735  7.214   1.00 20.63 ? 206 ILE A CG1 1 
ATOM   1603 C CG2 . ILE A 1 206 ? -14.462 10.374  8.027   1.00 22.77 ? 206 ILE A CG2 1 
ATOM   1604 C CD1 . ILE A 1 206 ? -14.947 12.497  5.731   1.00 22.56 ? 206 ILE A CD1 1 
ATOM   1605 N N   . ILE A 1 207 ? -11.312 10.759  9.550   1.00 28.93 ? 207 ILE A N   1 
ATOM   1606 C CA  . ILE A 1 207 ? -10.616 9.633   10.142  1.00 21.85 ? 207 ILE A CA  1 
ATOM   1607 C C   . ILE A 1 207 ? -10.243 9.883   11.601  1.00 35.53 ? 207 ILE A C   1 
ATOM   1608 O O   . ILE A 1 207 ? -10.443 9.011   12.443  1.00 35.84 ? 207 ILE A O   1 
ATOM   1609 C CB  . ILE A 1 207 ? -9.369  9.254   9.317   1.00 21.62 ? 207 ILE A CB  1 
ATOM   1610 C CG1 . ILE A 1 207 ? -9.810  8.688   7.967   1.00 18.59 ? 207 ILE A CG1 1 
ATOM   1611 C CG2 . ILE A 1 207 ? -8.510  8.243   10.076  1.00 27.56 ? 207 ILE A CG2 1 
ATOM   1612 C CD1 . ILE A 1 207 ? -8.680  8.352   7.021   1.00 20.44 ? 207 ILE A CD1 1 
ATOM   1613 N N   . GLU A 1 208 ? -9.717  11.069  11.906  1.00 35.58 ? 208 GLU A N   1 
ATOM   1614 C CA  . GLU A 1 208 ? -9.305  11.364  13.277  1.00 40.03 ? 208 GLU A CA  1 
ATOM   1615 C C   . GLU A 1 208 ? -10.503 11.485  14.222  1.00 44.60 ? 208 GLU A C   1 
ATOM   1616 O O   . GLU A 1 208 ? -10.352 11.357  15.440  1.00 49.86 ? 208 GLU A O   1 
ATOM   1617 C CB  . GLU A 1 208 ? -8.407  12.608  13.349  1.00 43.63 ? 208 GLU A CB  1 
ATOM   1618 C CG  . GLU A 1 208 ? -9.048  13.901  12.864  1.00 44.33 ? 208 GLU A CG  1 
ATOM   1619 C CD  . GLU A 1 208 ? -8.482  15.136  13.560  1.00 51.36 ? 208 GLU A CD  1 
ATOM   1620 O OE1 . GLU A 1 208 ? -7.550  14.987  14.381  1.00 58.46 ? 208 GLU A OE1 1 
ATOM   1621 O OE2 . GLU A 1 208 ? -8.975  16.258  13.296  1.00 45.13 ? 208 GLU A OE2 1 
ATOM   1622 N N   . ASP A 1 209 ? -11.688 11.726  13.661  1.00 42.78 ? 209 ASP A N   1 
ATOM   1623 C CA  . ASP A 1 209 ? -12.922 11.694  14.448  1.00 44.42 ? 209 ASP A CA  1 
ATOM   1624 C C   . ASP A 1 209 ? -13.322 10.252  14.763  1.00 47.02 ? 209 ASP A C   1 
ATOM   1625 O O   . ASP A 1 209 ? -13.574 9.905   15.918  1.00 48.25 ? 209 ASP A O   1 
ATOM   1626 C CB  . ASP A 1 209 ? -14.065 12.396  13.712  1.00 44.81 ? 209 ASP A CB  1 
ATOM   1627 C CG  . ASP A 1 209 ? -13.913 13.914  13.684  1.00 52.19 ? 209 ASP A CG  1 
ATOM   1628 O OD1 . ASP A 1 209 ? -13.147 14.465  14.506  1.00 54.62 ? 209 ASP A OD1 1 
ATOM   1629 O OD2 . ASP A 1 209 ? -14.572 14.561  12.837  1.00 53.95 ? 209 ASP A OD2 1 
ATOM   1630 N N   . LYS A 1 210 ? -13.383 9.424   13.722  1.00 43.94 ? 210 LYS A N   1 
ATOM   1631 C CA  . LYS A 1 210 ? -13.690 8.002   13.860  1.00 43.33 ? 210 LYS A CA  1 
ATOM   1632 C C   . LYS A 1 210 ? -12.713 7.280   14.784  1.00 47.59 ? 210 LYS A C   1 
ATOM   1633 O O   . LYS A 1 210 ? -13.122 6.602   15.728  1.00 50.98 ? 210 LYS A O   1 
ATOM   1634 C CB  . LYS A 1 210 ? -13.683 7.320   12.491  1.00 36.99 ? 210 LYS A CB  1 
ATOM   1635 C CG  . LYS A 1 210 ? -14.933 7.545   11.656  1.00 34.62 ? 210 LYS A CG  1 
ATOM   1636 C CD  . LYS A 1 210 ? -15.286 6.274   10.881  1.00 36.78 ? 210 LYS A CD  1 
ATOM   1637 C CE  . LYS A 1 210 ? -16.366 6.538   9.844   1.00 44.70 ? 210 LYS A CE  1 
ATOM   1638 N NZ  . LYS A 1 210 ? -16.021 7.674   8.930   1.00 41.14 ? 210 LYS A NZ  1 
ATOM   1639 N N   . VAL A 1 211 ? -11.422 7.415   14.495  1.00 44.94 ? 211 VAL A N   1 
ATOM   1640 C CA  . VAL A 1 211 ? -10.377 6.835   15.329  1.00 47.26 ? 211 VAL A CA  1 
ATOM   1641 C C   . VAL A 1 211 ? -10.656 7.124   16.797  1.00 51.62 ? 211 VAL A C   1 
ATOM   1642 O O   . VAL A 1 211 ? -10.346 6.318   17.672  1.00 52.20 ? 211 VAL A O   1 
ATOM   1643 C CB  . VAL A 1 211 ? -8.987  7.402   14.957  1.00 45.61 ? 211 VAL A CB  1 
ATOM   1644 C CG1 . VAL A 1 211 ? -8.047  7.365   16.153  1.00 45.69 ? 211 VAL A CG1 1 
ATOM   1645 C CG2 . VAL A 1 211 ? -8.396  6.644   13.777  1.00 42.75 ? 211 VAL A CG2 1 
ATOM   1646 N N   . MET A 1 212 ? -11.252 8.283   17.053  1.00 60.10 ? 212 MET A N   1 
ATOM   1647 C CA  . MET A 1 212 ? -11.568 8.698   18.413  1.00 63.94 ? 212 MET A CA  1 
ATOM   1648 C C   . MET A 1 212 ? -13.064 8.575   18.696  1.00 56.72 ? 212 MET A C   1 
ATOM   1649 O O   . MET A 1 212 ? -13.478 7.839   19.592  1.00 56.09 ? 212 MET A O   1 
ATOM   1650 C CB  . MET A 1 212 ? -11.103 10.137  18.640  1.00 65.83 ? 212 MET A CB  1 
ATOM   1651 C CG  . MET A 1 212 ? -9.631  10.370  18.334  1.00 65.34 ? 212 MET A CG  1 
ATOM   1652 S SD  . MET A 1 212 ? -8.545  9.214   19.198  1.00 94.84 ? 212 MET A SD  1 
ATOM   1653 C CE  . MET A 1 212 ? -7.911  10.247  20.521  1.00 68.72 ? 212 MET A CE  1 
HETATM 1654 S S   . SO4 B 2 .   ? -8.853  3.834   -5.283  0.69 23.19 ? 301 SO4 A S   1 
HETATM 1655 O O1  . SO4 B 2 .   ? -7.589  3.097   -5.357  0.69 25.35 ? 301 SO4 A O1  1 
HETATM 1656 O O2  . SO4 B 2 .   ? -8.934  4.785   -6.381  0.69 18.71 ? 301 SO4 A O2  1 
HETATM 1657 O O3  . SO4 B 2 .   ? -9.977  2.897   -5.394  0.69 25.33 ? 301 SO4 A O3  1 
HETATM 1658 O O4  . SO4 B 2 .   ? -8.928  4.534   -4.001  0.69 25.20 ? 301 SO4 A O4  1 
HETATM 1659 S S   . SO4 C 2 .   ? -15.635 -12.972 2.121   1.00 61.61 ? 302 SO4 A S   1 
HETATM 1660 O O1  . SO4 C 2 .   ? -15.593 -11.609 2.654   1.00 51.09 ? 302 SO4 A O1  1 
HETATM 1661 O O2  . SO4 C 2 .   ? -15.261 -12.949 0.707   1.00 60.55 ? 302 SO4 A O2  1 
HETATM 1662 O O3  . SO4 C 2 .   ? -14.704 -13.819 2.867   1.00 57.12 ? 302 SO4 A O3  1 
HETATM 1663 O O4  . SO4 C 2 .   ? -16.984 -13.509 2.252   1.00 72.77 ? 302 SO4 A O4  1 
HETATM 1664 S S   . SO4 D 2 .   ? 10.632  7.152   -19.942 0.35 29.93 ? 303 SO4 A S   1 
HETATM 1665 O O1  . SO4 D 2 .   ? 10.779  8.495   -19.387 0.35 42.72 ? 303 SO4 A O1  1 
HETATM 1666 O O2  . SO4 D 2 .   ? 11.242  7.111   -21.268 0.35 42.72 ? 303 SO4 A O2  1 
HETATM 1667 O O3  . SO4 D 2 .   ? 11.304  6.210   -19.056 0.35 35.68 ? 303 SO4 A O3  1 
HETATM 1668 O O4  . SO4 D 2 .   ? 9.219   6.820   -20.073 0.35 35.68 ? 303 SO4 A O4  1 
HETATM 1669 O O   . HOH E 3 .   ? 5.640   -3.448  -5.881  1.00 12.09 ? 401 HOH A O   1 
HETATM 1670 O O   . HOH E 3 .   ? -1.666  -12.348 -2.661  1.00 14.17 ? 402 HOH A O   1 
HETATM 1671 O O   . HOH E 3 .   ? 6.587   -9.773  -13.386 1.00 16.02 ? 403 HOH A O   1 
HETATM 1672 O O   . HOH E 3 .   ? 0.036   -0.771  -9.988  1.00 20.34 ? 404 HOH A O   1 
HETATM 1673 O O   . HOH E 3 .   ? 5.313   -9.038  -11.103 1.00 17.13 ? 405 HOH A O   1 
HETATM 1674 O O   . HOH E 3 .   ? 10.207  -6.226  5.089   1.00 20.34 ? 406 HOH A O   1 
HETATM 1675 O O   . HOH E 3 .   ? -10.945 5.760   -3.063  1.00 31.06 ? 407 HOH A O   1 
HETATM 1676 O O   . HOH E 3 .   ? 14.283  -16.905 -9.441  1.00 19.27 ? 408 HOH A O   1 
HETATM 1677 O O   . HOH E 3 .   ? 7.455   -22.597 -0.808  1.00 21.80 ? 409 HOH A O   1 
HETATM 1678 O O   . HOH E 3 .   ? -0.849  3.239   -6.173  1.00 19.31 ? 410 HOH A O   1 
HETATM 1679 O O   . HOH E 3 .   ? 8.429   -12.749 -16.411 1.00 27.77 ? 411 HOH A O   1 
HETATM 1680 O O   . HOH E 3 .   ? -4.069  1.647   -6.084  1.00 20.36 ? 412 HOH A O   1 
HETATM 1681 O O   . HOH E 3 .   ? 14.887  -3.615  5.253   1.00 27.99 ? 413 HOH A O   1 
HETATM 1682 O O   . HOH E 3 .   ? 17.846  -12.937 -3.528  1.00 22.10 ? 414 HOH A O   1 
HETATM 1683 O O   . HOH E 3 .   ? -15.100 9.329   -3.587  1.00 21.53 ? 415 HOH A O   1 
HETATM 1684 O O   . HOH E 3 .   ? -13.050 -3.475  -5.921  1.00 23.98 ? 416 HOH A O   1 
HETATM 1685 O O   . HOH E 3 .   ? 17.808  -10.155 -10.546 1.00 26.84 ? 417 HOH A O   1 
HETATM 1686 O O   . HOH E 3 .   ? -13.829 -16.065 -5.684  1.00 26.56 ? 418 HOH A O   1 
HETATM 1687 O O   . HOH E 3 .   ? -6.385  4.494   -7.553  1.00 24.41 ? 419 HOH A O   1 
HETATM 1688 O O   . HOH E 3 .   ? -16.014 -6.163  -7.085  1.00 24.64 ? 420 HOH A O   1 
HETATM 1689 O O   . HOH E 3 .   ? 12.737  -19.136 -9.164  1.00 21.91 ? 421 HOH A O   1 
HETATM 1690 O O   . HOH E 3 .   ? -5.788  10.434  8.642   1.00 27.47 ? 422 HOH A O   1 
HETATM 1691 O O   . HOH E 3 .   ? -4.596  17.149  7.125   1.00 31.88 ? 423 HOH A O   1 
HETATM 1692 O O   . HOH E 3 .   ? 12.483  -6.583  3.526   1.00 21.20 ? 424 HOH A O   1 
HETATM 1693 O O   . HOH E 3 .   ? 5.033   -21.265 -0.556  1.00 23.49 ? 425 HOH A O   1 
HETATM 1694 O O   . HOH E 3 .   ? 12.277  -13.336 6.203   1.00 31.90 ? 426 HOH A O   1 
HETATM 1695 O O   . HOH E 3 .   ? 17.359  -4.268  5.900   1.00 28.85 ? 427 HOH A O   1 
HETATM 1696 O O   . HOH E 3 .   ? -4.594  -3.304  -3.117  1.00 26.37 ? 428 HOH A O   1 
HETATM 1697 O O   . HOH E 3 .   ? -4.483  -19.114 10.840  1.00 32.66 ? 429 HOH A O   1 
HETATM 1698 O O   . HOH E 3 .   ? 1.962   -20.333 -4.334  1.00 25.61 ? 430 HOH A O   1 
HETATM 1699 O O   . HOH E 3 .   ? -11.446 2.859   -3.423  1.00 30.85 ? 431 HOH A O   1 
HETATM 1700 O O   . HOH E 3 .   ? 14.625  -20.968 -2.875  1.00 32.02 ? 432 HOH A O   1 
HETATM 1701 O O   . HOH E 3 .   ? -15.866 -1.379  4.371   1.00 32.51 ? 433 HOH A O   1 
HETATM 1702 O O   . HOH E 3 .   ? -14.821 -0.174  11.469  1.00 28.16 ? 434 HOH A O   1 
HETATM 1703 O O   . HOH E 3 .   ? 13.785  -22.488 -4.932  1.00 33.38 ? 435 HOH A O   1 
HETATM 1704 O O   . HOH E 3 .   ? 20.602  -12.399 -15.962 1.00 29.92 ? 436 HOH A O   1 
HETATM 1705 O O   . HOH E 3 .   ? -13.509 12.697  -3.852  1.00 28.63 ? 437 HOH A O   1 
HETATM 1706 O O   . HOH E 3 .   ? 9.476   10.095  -17.908 1.00 34.84 ? 438 HOH A O   1 
HETATM 1707 O O   . HOH E 3 .   ? -7.203  17.754  7.939   1.00 28.14 ? 439 HOH A O   1 
HETATM 1708 O O   . HOH E 3 .   ? -6.149  0.203   14.212  1.00 31.88 ? 440 HOH A O   1 
HETATM 1709 O O   . HOH E 3 .   ? 11.731  -9.785  8.980   1.00 36.43 ? 441 HOH A O   1 
HETATM 1710 O O   . HOH E 3 .   ? 4.333   -21.482 2.191   1.00 32.50 ? 442 HOH A O   1 
HETATM 1711 O O   . HOH E 3 .   ? -11.323 20.357  4.823   1.00 35.55 ? 443 HOH A O   1 
HETATM 1712 O O   . HOH E 3 .   ? -16.676 0.926   5.410   1.00 30.97 ? 444 HOH A O   1 
HETATM 1713 O O   . HOH E 3 .   ? 16.875  2.152   -9.083  1.00 30.78 ? 445 HOH A O   1 
HETATM 1714 O O   . HOH E 3 .   ? -14.209 8.557   -6.508  1.00 33.51 ? 446 HOH A O   1 
HETATM 1715 O O   . HOH E 3 .   ? 15.523  12.302  -1.552  1.00 36.48 ? 447 HOH A O   1 
HETATM 1716 O O   . HOH E 3 .   ? 10.355  8.534   2.206   1.00 30.68 ? 448 HOH A O   1 
HETATM 1717 O O   . HOH E 3 .   ? 16.656  -7.742  -16.301 1.00 38.92 ? 449 HOH A O   1 
HETATM 1718 O O   . HOH E 3 .   ? -15.664 10.676  11.641  1.00 35.08 ? 450 HOH A O   1 
HETATM 1719 O O   . HOH E 3 .   ? -7.908  2.699   -2.062  1.00 35.20 ? 451 HOH A O   1 
HETATM 1720 O O   . HOH E 3 .   ? 14.959  -20.259 -7.884  1.00 31.04 ? 452 HOH A O   1 
HETATM 1721 O O   . HOH E 3 .   ? -7.221  -16.395 -0.622  1.00 36.86 ? 453 HOH A O   1 
HETATM 1722 O O   . HOH E 3 .   ? 18.835  -8.652  -12.898 1.00 37.63 ? 454 HOH A O   1 
HETATM 1723 O O   . HOH E 3 .   ? -1.575  0.907   -8.929  1.00 26.33 ? 455 HOH A O   1 
HETATM 1724 O O   . HOH E 3 .   ? -12.913 12.137  -6.595  1.00 29.17 ? 456 HOH A O   1 
HETATM 1725 O O   . HOH E 3 .   ? -2.107  18.373  -9.511  1.00 28.29 ? 457 HOH A O   1 
HETATM 1726 O O   . HOH E 3 .   ? 5.989   -24.041 6.548   1.00 34.24 ? 458 HOH A O   1 
HETATM 1727 O O   . HOH E 3 .   ? 8.817   -15.878 -15.099 1.00 31.15 ? 459 HOH A O   1 
HETATM 1728 O O   . HOH E 3 .   ? -0.584  -16.196 12.995  1.00 31.55 ? 460 HOH A O   1 
HETATM 1729 O O   . HOH E 3 .   ? 12.927  1.447   3.907   1.00 37.25 ? 461 HOH A O   1 
HETATM 1730 O O   . HOH E 3 .   ? 4.156   -6.757  -11.817 1.00 28.64 ? 462 HOH A O   1 
HETATM 1731 O O   . HOH E 3 .   ? -7.495  -14.098 1.081   1.00 33.33 ? 463 HOH A O   1 
HETATM 1732 O O   . HOH E 3 .   ? -16.884 8.515   5.283   1.00 32.71 ? 464 HOH A O   1 
HETATM 1733 O O   . HOH E 3 .   ? -13.168 0.079   -9.061  1.00 32.06 ? 465 HOH A O   1 
HETATM 1734 O O   . HOH E 3 .   ? 16.519  -19.510 -4.175  1.00 36.90 ? 466 HOH A O   1 
HETATM 1735 O O   . HOH E 3 .   ? -8.272  -2.220  -4.186  1.00 36.96 ? 467 HOH A O   1 
HETATM 1736 O O   . HOH E 3 .   ? 10.267  -16.332 9.449   1.00 35.01 ? 468 HOH A O   1 
HETATM 1737 O O   . HOH E 3 .   ? 2.903   -10.285 14.129  1.00 36.68 ? 469 HOH A O   1 
HETATM 1738 O O   . HOH E 3 .   ? -13.403 9.130   -9.050  1.00 36.26 ? 470 HOH A O   1 
HETATM 1739 O O   . HOH E 3 .   ? -4.421  -0.645  -3.939  1.00 36.03 ? 471 HOH A O   1 
HETATM 1740 O O   . HOH E 3 .   ? 12.127  18.492  -15.680 1.00 37.23 ? 472 HOH A O   1 
HETATM 1741 O O   . HOH E 3 .   ? 0.509   -11.960 16.159  1.00 37.87 ? 473 HOH A O   1 
HETATM 1742 O O   . HOH E 3 .   ? -14.057 17.847  -9.299  1.00 34.58 ? 474 HOH A O   1 
HETATM 1743 O O   . HOH E 3 .   ? 1.109   21.717  4.832   1.00 41.08 ? 475 HOH A O   1 
HETATM 1744 O O   . HOH E 3 .   ? -5.081  14.230  10.660  1.00 40.20 ? 476 HOH A O   1 
HETATM 1745 O O   . HOH E 3 .   ? 2.278   -12.559 14.173  1.00 39.43 ? 477 HOH A O   1 
HETATM 1746 O O   . HOH E 3 .   ? 18.650  -21.226 -5.603  1.00 38.37 ? 478 HOH A O   1 
HETATM 1747 O O   . HOH E 3 .   ? 16.993  -14.415 -7.813  1.00 30.46 ? 479 HOH A O   1 
HETATM 1748 O O   . HOH E 3 .   ? -6.289  11.965  10.959  1.00 39.71 ? 480 HOH A O   1 
HETATM 1749 O O   . HOH E 3 .   ? -7.723  -4.396  -2.781  1.00 32.98 ? 481 HOH A O   1 
HETATM 1750 O O   . HOH E 3 .   ? -5.736  -22.128 2.568   1.00 31.51 ? 482 HOH A O   1 
# 
loop_
_pdbx_poly_seq_scheme.asym_id 
_pdbx_poly_seq_scheme.entity_id 
_pdbx_poly_seq_scheme.seq_id 
_pdbx_poly_seq_scheme.mon_id 
_pdbx_poly_seq_scheme.ndb_seq_num 
_pdbx_poly_seq_scheme.pdb_seq_num 
_pdbx_poly_seq_scheme.auth_seq_num 
_pdbx_poly_seq_scheme.pdb_mon_id 
_pdbx_poly_seq_scheme.auth_mon_id 
_pdbx_poly_seq_scheme.pdb_strand_id 
_pdbx_poly_seq_scheme.pdb_ins_code 
_pdbx_poly_seq_scheme.hetero 
A 1 1   MET 1   1   ?   ?   ?   A . n 
A 1 2   LEU 2   2   ?   ?   ?   A . n 
A 1 3   LYS 3   3   3   LYS LYS A . n 
A 1 4   SER 4   4   4   SER SER A . n 
A 1 5   ARG 5   5   5   ARG ARG A . n 
A 1 6   VAL 6   6   6   VAL VAL A . n 
A 1 7   ILE 7   7   7   ILE ILE A . n 
A 1 8   LEU 8   8   8   LEU LEU A . n 
A 1 9   ALA 9   9   9   ALA ALA A . n 
A 1 10  MET 10  10  10  MET MET A . n 
A 1 11  ASP 11  11  11  ASP ASP A . n 
A 1 12  LYS 12  12  12  LYS LYS A . n 
A 1 13  PRO 13  13  13  PRO PRO A . n 
A 1 14  LEU 14  14  14  LEU LEU A . n 
A 1 15  SER 15  15  15  SER SER A . n 
A 1 16  TYR 16  16  16  TYR TYR A . n 
A 1 17  GLN 17  17  17  GLN GLN A . n 
A 1 18  VAL 18  18  18  VAL VAL A . n 
A 1 19  LEU 19  19  19  LEU LEU A . n 
A 1 20  LYS 20  20  20  LYS LYS A . n 
A 1 21  GLU 21  21  21  GLU GLU A . n 
A 1 22  MET 22  22  22  MET MET A . n 
A 1 23  GLU 23  23  23  GLU GLU A . n 
A 1 24  ASN 24  24  24  ASN ASN A . n 
A 1 25  GLU 25  25  25  GLU GLU A . n 
A 1 26  LEU 26  26  26  LEU LEU A . n 
A 1 27  TYR 27  27  27  TYR TYR A . n 
A 1 28  GLY 28  28  28  GLY GLY A . n 
A 1 29  ILE 29  29  29  ILE ILE A . n 
A 1 30  LYS 30  30  30  LYS LYS A . n 
A 1 31  VAL 31  31  31  VAL VAL A . n 
A 1 32  GLY 32  32  32  GLY GLY A . n 
A 1 33  LEU 33  33  33  LEU LEU A . n 
A 1 34  PRO 34  34  34  PRO PRO A . n 
A 1 35  LEU 35  35  35  LEU LEU A . n 
A 1 36  VAL 36  36  36  VAL VAL A . n 
A 1 37  LEU 37  37  37  LEU LEU A . n 
A 1 38  ASP 38  38  38  ASP ASP A . n 
A 1 39  LEU 39  39  39  LEU LEU A . n 
A 1 40  GLY 40  40  40  GLY GLY A . n 
A 1 41  VAL 41  41  41  VAL VAL A . n 
A 1 42  ASP 42  42  42  ASP ASP A . n 
A 1 43  LYS 43  43  43  LYS LYS A . n 
A 1 44  THR 44  44  44  THR THR A . n 
A 1 45  ARG 45  45  45  ARG ARG A . n 
A 1 46  GLU 46  46  46  GLU GLU A . n 
A 1 47  LEU 47  47  47  LEU LEU A . n 
A 1 48  LEU 48  48  48  LEU LEU A . n 
A 1 49  ILE 49  49  49  ILE ILE A . n 
A 1 50  GLY 50  50  50  GLY GLY A . n 
A 1 51  LEU 51  51  51  LEU LEU A . n 
A 1 52  ASP 52  52  52  ASP ASP A . n 
A 1 53  VAL 53  53  53  VAL VAL A . n 
A 1 54  GLU 54  54  54  GLU GLU A . n 
A 1 55  GLU 55  55  55  GLU GLU A . n 
A 1 56  ILE 56  56  56  ILE ILE A . n 
A 1 57  ILE 57  57  57  ILE ILE A . n 
A 1 58  VAL 58  58  58  VAL VAL A . n 
A 1 59  ASP 59  59  59  ASP ASP A . n 
A 1 60  PHE 60  60  60  PHE PHE A . n 
A 1 61  LYS 61  61  61  LYS LYS A . n 
A 1 62  LEU 62  62  62  LEU LEU A . n 
A 1 63  ALA 63  63  63  ALA ALA A . n 
A 1 64  ASP 64  64  64  ASP ASP A . n 
A 1 65  ILE 65  65  65  ILE ILE A . n 
A 1 66  GLY 66  66  66  GLY GLY A . n 
A 1 67  TYR 67  67  67  TYR TYR A . n 
A 1 68  ILE 68  68  68  ILE ILE A . n 
A 1 69  MET 69  69  69  MET MET A . n 
A 1 70  LYS 70  70  70  LYS LYS A . n 
A 1 71  SER 71  71  71  SER SER A . n 
A 1 72  ILE 72  72  72  ILE ILE A . n 
A 1 73  VAL 73  73  73  VAL VAL A . n 
A 1 74  GLU 74  74  74  GLU GLU A . n 
A 1 75  ARG 75  75  75  ARG ARG A . n 
A 1 76  LEU 76  76  76  LEU LEU A . n 
A 1 77  SER 77  77  77  SER SER A . n 
A 1 78  PHE 78  78  78  PHE PHE A . n 
A 1 79  ALA 79  79  79  ALA ALA A . n 
A 1 80  ASN 80  80  80  ASN ASN A . n 
A 1 81  SER 81  81  81  SER SER A . n 
A 1 82  PHE 82  82  82  PHE PHE A . n 
A 1 83  ILE 83  83  83  ILE ILE A . n 
A 1 84  ALA 84  84  84  ALA ALA A . n 
A 1 85  HIS 85  85  85  HIS HIS A . n 
A 1 86  SER 86  86  86  SER SER A . n 
A 1 87  PHE 87  87  87  PHE PHE A . n 
A 1 88  ILE 88  88  88  ILE ILE A . n 
A 1 89  GLY 89  89  89  GLY GLY A . n 
A 1 90  VAL 90  90  90  VAL VAL A . n 
A 1 91  LYS 91  91  91  LYS LYS A . n 
A 1 92  GLY 92  92  92  GLY GLY A . n 
A 1 93  SER 93  93  93  SER SER A . n 
A 1 94  LEU 94  94  94  LEU LEU A . n 
A 1 95  ASP 95  95  95  ASP ASP A . n 
A 1 96  GLU 96  96  96  GLU GLU A . n 
A 1 97  LEU 97  97  97  LEU LEU A . n 
A 1 98  LYS 98  98  98  LYS LYS A . n 
A 1 99  ARG 99  99  99  ARG ARG A . n 
A 1 100 TYR 100 100 100 TYR TYR A . n 
A 1 101 LEU 101 101 101 LEU LEU A . n 
A 1 102 ASP 102 102 102 ASP ASP A . n 
A 1 103 ALA 103 103 103 ALA ALA A . n 
A 1 104 ASN 104 104 104 ASN ASN A . n 
A 1 105 SER 105 105 105 SER SER A . n 
A 1 106 LYS 106 106 106 LYS LYS A . n 
A 1 107 ASN 107 107 107 ASN ASN A . n 
A 1 108 LEU 108 108 108 LEU LEU A . n 
A 1 109 TYR 109 109 109 TYR TYR A . n 
A 1 110 LEU 110 110 110 LEU LEU A . n 
A 1 111 VAL 111 111 111 VAL VAL A . n 
A 1 112 ALA 112 112 112 ALA ALA A . n 
A 1 113 VAL 113 113 113 VAL VAL A . n 
A 1 114 MET 114 114 114 MET MET A . n 
A 1 115 SER 115 115 115 SER SER A . n 
A 1 116 HIS 116 116 116 HIS HIS A . n 
A 1 117 GLU 117 117 117 GLU GLU A . n 
A 1 118 GLY 118 118 118 GLY GLY A . n 
A 1 119 TRP 119 119 119 TRP TRP A . n 
A 1 120 SER 120 120 120 SER SER A . n 
A 1 121 THR 121 121 121 THR THR A . n 
A 1 122 LEU 122 122 122 LEU LEU A . n 
A 1 123 PHE 123 123 123 PHE PHE A . n 
A 1 124 ALA 124 124 124 ALA ALA A . n 
A 1 125 ASP 125 125 125 ASP ASP A . n 
A 1 126 TYR 126 126 126 TYR TYR A . n 
A 1 127 ILE 127 127 127 ILE ILE A . n 
A 1 128 LYS 128 128 128 LYS LYS A . n 
A 1 129 ASN 129 129 129 ASN ASN A . n 
A 1 130 VAL 130 130 130 VAL VAL A . n 
A 1 131 ILE 131 131 131 ILE ILE A . n 
A 1 132 ARG 132 132 132 ARG ARG A . n 
A 1 133 GLU 133 133 133 GLU GLU A . n 
A 1 134 ILE 134 134 134 ILE ILE A . n 
A 1 135 SER 135 135 135 SER SER A . n 
A 1 136 PRO 136 136 136 PRO PRO A . n 
A 1 137 LYS 137 137 137 LYS LYS A . n 
A 1 138 GLY 138 138 138 GLY GLY A . n 
A 1 139 ILE 139 139 139 ILE ILE A . n 
A 1 140 VAL 140 140 140 VAL VAL A . n 
A 1 141 VAL 141 141 141 VAL VAL A . n 
A 1 142 GLY 142 142 142 GLY GLY A . n 
A 1 143 GLY 143 143 143 GLY GLY A . n 
A 1 144 THR 144 144 144 THR THR A . n 
A 1 145 LYS 145 145 145 LYS LYS A . n 
A 1 146 LEU 146 146 146 LEU LEU A . n 
A 1 147 ASP 147 147 147 ASP ASP A . n 
A 1 148 HIS 148 148 148 HIS HIS A . n 
A 1 149 ILE 149 149 149 ILE ILE A . n 
A 1 150 THR 150 150 150 THR THR A . n 
A 1 151 GLN 151 151 151 GLN GLN A . n 
A 1 152 TYR 152 152 152 TYR TYR A . n 
A 1 153 ARG 153 153 153 ARG ARG A . n 
A 1 154 ARG 154 154 154 ARG ARG A . n 
A 1 155 ASP 155 155 155 ASP ASP A . n 
A 1 156 PHE 156 156 156 PHE PHE A . n 
A 1 157 GLU 157 157 157 GLU GLU A . n 
A 1 158 LYS 158 158 158 LYS LYS A . n 
A 1 159 MET 159 159 159 MET MET A . n 
A 1 160 THR 160 160 160 THR THR A . n 
A 1 161 ILE 161 161 161 ILE ILE A . n 
A 1 162 VAL 162 162 162 VAL VAL A . n 
A 1 163 SER 163 163 163 SER SER A . n 
A 1 164 PRO 164 164 164 PRO PRO A . n 
A 1 165 GLY 165 165 165 GLY GLY A . n 
A 1 166 MET 166 166 166 MET MET A . n 
A 1 167 GLY 167 167 167 GLY GLY A . n 
A 1 168 SER 168 168 168 SER SER A . n 
A 1 169 GLN 169 169 169 GLN GLN A . n 
A 1 170 GLY 170 170 170 GLY GLY A . n 
A 1 171 GLY 171 171 171 GLY GLY A . n 
A 1 172 SER 172 172 172 SER SER A . n 
A 1 173 TYR 173 173 173 TYR TYR A . n 
A 1 174 GLY 174 174 174 GLY GLY A . n 
A 1 175 ASP 175 175 175 ASP ASP A . n 
A 1 176 ALA 176 176 176 ALA ALA A . n 
A 1 177 VAL 177 177 177 VAL VAL A . n 
A 1 178 CYS 178 178 178 CYS CYS A . n 
A 1 179 ALA 179 179 179 ALA ALA A . n 
A 1 180 GLY 180 180 180 GLY GLY A . n 
A 1 181 ALA 181 181 181 ALA ALA A . n 
A 1 182 ASP 182 182 182 ASP ASP A . n 
A 1 183 TYR 183 183 183 TYR TYR A . n 
A 1 184 GLU 184 184 184 GLU GLU A . n 
A 1 185 ILE 185 185 185 ILE ILE A . n 
A 1 186 ILE 186 186 186 ILE ILE A . n 
A 1 187 GLY 187 187 187 GLY GLY A . n 
A 1 188 ARG 188 188 188 ARG ARG A . n 
A 1 189 SER 189 189 189 SER SER A . n 
A 1 190 ILE 190 190 190 ILE ILE A . n 
A 1 191 TYR 191 191 191 TYR TYR A . n 
A 1 192 ASN 192 192 192 ASN ASN A . n 
A 1 193 ALA 193 193 193 ALA ALA A . n 
A 1 194 GLY 194 194 194 GLY GLY A . n 
A 1 195 ASN 195 195 195 ASN ASN A . n 
A 1 196 PRO 196 196 196 PRO PRO A . n 
A 1 197 LEU 197 197 197 LEU LEU A . n 
A 1 198 THR 198 198 198 THR THR A . n 
A 1 199 ALA 199 199 199 ALA ALA A . n 
A 1 200 LEU 200 200 200 LEU LEU A . n 
A 1 201 ARG 201 201 201 ARG ARG A . n 
A 1 202 THR 202 202 202 THR THR A . n 
A 1 203 ILE 203 203 203 ILE ILE A . n 
A 1 204 ASN 204 204 204 ASN ASN A . n 
A 1 205 LYS 205 205 205 LYS LYS A . n 
A 1 206 ILE 206 206 206 ILE ILE A . n 
A 1 207 ILE 207 207 207 ILE ILE A . n 
A 1 208 GLU 208 208 208 GLU GLU A . n 
A 1 209 ASP 209 209 209 ASP ASP A . n 
A 1 210 LYS 210 210 210 LYS LYS A . n 
A 1 211 VAL 211 211 211 VAL VAL A . n 
A 1 212 MET 212 212 212 MET MET A . n 
A 1 213 LYS 213 213 ?   ?   ?   A . n 
A 1 214 CYS 214 214 ?   ?   ?   A . n 
A 1 215 LYS 215 215 ?   ?   ?   A . n 
A 1 216 GLY 216 216 ?   ?   ?   A . n 
A 1 217 ALA 217 217 ?   ?   ?   A . n 
A 1 218 ILE 218 218 ?   ?   ?   A . n 
A 1 219 PHE 219 219 ?   ?   ?   A . n 
A 1 220 ARG 220 220 ?   ?   ?   A . n 
A 1 221 LYS 221 221 ?   ?   ?   A . n 
A 1 222 LYS 222 222 ?   ?   ?   A . n 
# 
loop_
_pdbx_nonpoly_scheme.asym_id 
_pdbx_nonpoly_scheme.entity_id 
_pdbx_nonpoly_scheme.mon_id 
_pdbx_nonpoly_scheme.ndb_seq_num 
_pdbx_nonpoly_scheme.pdb_seq_num 
_pdbx_nonpoly_scheme.auth_seq_num 
_pdbx_nonpoly_scheme.pdb_mon_id 
_pdbx_nonpoly_scheme.auth_mon_id 
_pdbx_nonpoly_scheme.pdb_strand_id 
_pdbx_nonpoly_scheme.pdb_ins_code 
B 2 SO4 1  301 1  SO4 SO4 A . 
C 2 SO4 1  302 2  SO4 SO4 A . 
D 2 SO4 1  303 1  SO4 SO4 A . 
E 3 HOH 1  401 1  HOH HOH A . 
E 3 HOH 2  402 2  HOH HOH A . 
E 3 HOH 3  403 3  HOH HOH A . 
E 3 HOH 4  404 4  HOH HOH A . 
E 3 HOH 5  405 5  HOH HOH A . 
E 3 HOH 6  406 6  HOH HOH A . 
E 3 HOH 7  407 7  HOH HOH A . 
E 3 HOH 8  408 8  HOH HOH A . 
E 3 HOH 9  409 9  HOH HOH A . 
E 3 HOH 10 410 10 HOH HOH A . 
E 3 HOH 11 411 11 HOH HOH A . 
E 3 HOH 12 412 12 HOH HOH A . 
E 3 HOH 13 413 13 HOH HOH A . 
E 3 HOH 14 414 14 HOH HOH A . 
E 3 HOH 15 415 15 HOH HOH A . 
E 3 HOH 16 416 16 HOH HOH A . 
E 3 HOH 17 417 17 HOH HOH A . 
E 3 HOH 18 418 18 HOH HOH A . 
E 3 HOH 19 419 19 HOH HOH A . 
E 3 HOH 20 420 20 HOH HOH A . 
E 3 HOH 21 421 21 HOH HOH A . 
E 3 HOH 22 422 22 HOH HOH A . 
E 3 HOH 23 423 23 HOH HOH A . 
E 3 HOH 24 424 24 HOH HOH A . 
E 3 HOH 25 425 25 HOH HOH A . 
E 3 HOH 26 426 26 HOH HOH A . 
E 3 HOH 27 427 27 HOH HOH A . 
E 3 HOH 28 428 28 HOH HOH A . 
E 3 HOH 29 429 29 HOH HOH A . 
E 3 HOH 30 430 30 HOH HOH A . 
E 3 HOH 31 431 31 HOH HOH A . 
E 3 HOH 32 432 32 HOH HOH A . 
E 3 HOH 33 433 33 HOH HOH A . 
E 3 HOH 34 434 34 HOH HOH A . 
E 3 HOH 35 435 35 HOH HOH A . 
E 3 HOH 36 436 36 HOH HOH A . 
E 3 HOH 37 437 37 HOH HOH A . 
E 3 HOH 38 438 38 HOH HOH A . 
E 3 HOH 39 439 39 HOH HOH A . 
E 3 HOH 40 440 40 HOH HOH A . 
E 3 HOH 41 441 41 HOH HOH A . 
E 3 HOH 42 442 42 HOH HOH A . 
E 3 HOH 43 443 43 HOH HOH A . 
E 3 HOH 44 444 44 HOH HOH A . 
E 3 HOH 45 445 45 HOH HOH A . 
E 3 HOH 46 446 47 HOH HOH A . 
E 3 HOH 47 447 48 HOH HOH A . 
E 3 HOH 48 448 49 HOH HOH A . 
E 3 HOH 49 449 50 HOH HOH A . 
E 3 HOH 50 450 51 HOH HOH A . 
E 3 HOH 51 451 52 HOH HOH A . 
E 3 HOH 52 452 53 HOH HOH A . 
E 3 HOH 53 453 54 HOH HOH A . 
E 3 HOH 54 454 55 HOH HOH A . 
E 3 HOH 55 455 56 HOH HOH A . 
E 3 HOH 56 456 57 HOH HOH A . 
E 3 HOH 57 457 58 HOH HOH A . 
E 3 HOH 58 458 59 HOH HOH A . 
E 3 HOH 59 459 60 HOH HOH A . 
E 3 HOH 60 460 61 HOH HOH A . 
E 3 HOH 61 461 63 HOH HOH A . 
E 3 HOH 62 462 64 HOH HOH A . 
E 3 HOH 63 463 65 HOH HOH A . 
E 3 HOH 64 464 66 HOH HOH A . 
E 3 HOH 65 465 67 HOH HOH A . 
E 3 HOH 66 466 68 HOH HOH A . 
E 3 HOH 67 467 69 HOH HOH A . 
E 3 HOH 68 468 70 HOH HOH A . 
E 3 HOH 69 469 71 HOH HOH A . 
E 3 HOH 70 470 72 HOH HOH A . 
E 3 HOH 71 471 73 HOH HOH A . 
E 3 HOH 72 472 74 HOH HOH A . 
E 3 HOH 73 473 75 HOH HOH A . 
E 3 HOH 74 474 76 HOH HOH A . 
E 3 HOH 75 475 77 HOH HOH A . 
E 3 HOH 76 476 78 HOH HOH A . 
E 3 HOH 77 477 79 HOH HOH A . 
E 3 HOH 78 478 80 HOH HOH A . 
E 3 HOH 79 479 81 HOH HOH A . 
E 3 HOH 80 480 82 HOH HOH A . 
E 3 HOH 81 481 83 HOH HOH A . 
E 3 HOH 82 482 84 HOH HOH A . 
# 
_pdbx_struct_assembly.id                   1 
_pdbx_struct_assembly.details              author_and_software_defined_assembly 
_pdbx_struct_assembly.method_details       PISA 
_pdbx_struct_assembly.oligomeric_details   dimeric 
_pdbx_struct_assembly.oligomeric_count     2 
# 
_pdbx_struct_assembly_gen.assembly_id       1 
_pdbx_struct_assembly_gen.oper_expression   1,2 
_pdbx_struct_assembly_gen.asym_id_list      A,B,C,D,E 
# 
loop_
_pdbx_struct_assembly_prop.biol_id 
_pdbx_struct_assembly_prop.type 
_pdbx_struct_assembly_prop.value 
_pdbx_struct_assembly_prop.details 
1 'ABSA (A^2)' 4780  ? 
1 MORE         -129  ? 
1 'SSA (A^2)'  15860 ? 
# 
loop_
_pdbx_struct_oper_list.id 
_pdbx_struct_oper_list.type 
_pdbx_struct_oper_list.name 
_pdbx_struct_oper_list.symmetry_operation 
_pdbx_struct_oper_list.matrix[1][1] 
_pdbx_struct_oper_list.matrix[1][2] 
_pdbx_struct_oper_list.matrix[1][3] 
_pdbx_struct_oper_list.vector[1] 
_pdbx_struct_oper_list.matrix[2][1] 
_pdbx_struct_oper_list.matrix[2][2] 
_pdbx_struct_oper_list.matrix[2][3] 
_pdbx_struct_oper_list.vector[2] 
_pdbx_struct_oper_list.matrix[3][1] 
_pdbx_struct_oper_list.matrix[3][2] 
_pdbx_struct_oper_list.matrix[3][3] 
_pdbx_struct_oper_list.vector[3] 
1 'identity operation'         1_555 x,y,z   1.0000000000  0.0000000000 0.0000000000  0.0000000000 0.0000000000 1.0000000000 0.0000000000  0.0000000000   0.0000000000  0.0000000000  1.0000000000  0.0000000000   
2 'crystal symmetry operation' 2_555 -x,-y,z -0.5995683805 0.6884470916 -0.4081156199 3.9443017505 0.6884470916 0.1836213096 -0.7016579058 -15.4732381282 -0.4081156199 -0.7016579058 -0.5840529291 -22.2316476160 
# 
_pdbx_struct_special_symmetry.id              1 
_pdbx_struct_special_symmetry.PDB_model_num   1 
_pdbx_struct_special_symmetry.auth_asym_id    A 
_pdbx_struct_special_symmetry.auth_comp_id    SO4 
_pdbx_struct_special_symmetry.auth_seq_id     303 
_pdbx_struct_special_symmetry.PDB_ins_code    ? 
_pdbx_struct_special_symmetry.label_asym_id   D 
_pdbx_struct_special_symmetry.label_comp_id   SO4 
_pdbx_struct_special_symmetry.label_seq_id    . 
# 
loop_
_pdbx_audit_revision_history.ordinal 
_pdbx_audit_revision_history.data_content_type 
_pdbx_audit_revision_history.major_revision 
_pdbx_audit_revision_history.minor_revision 
_pdbx_audit_revision_history.revision_date 
1 'Structure model' 1 0 2013-02-13 
2 'Structure model' 1 1 2023-09-13 
# 
_pdbx_audit_revision_details.ordinal             1 
_pdbx_audit_revision_details.revision_ordinal    1 
_pdbx_audit_revision_details.data_content_type   'Structure model' 
_pdbx_audit_revision_details.provider            repository 
_pdbx_audit_revision_details.type                'Initial release' 
_pdbx_audit_revision_details.description         ? 
_pdbx_audit_revision_details.details             ? 
# 
loop_
_pdbx_audit_revision_group.ordinal 
_pdbx_audit_revision_group.revision_ordinal 
_pdbx_audit_revision_group.data_content_type 
_pdbx_audit_revision_group.group 
1 2 'Structure model' 'Data collection'        
2 2 'Structure model' 'Database references'    
3 2 'Structure model' 'Derived calculations'   
4 2 'Structure model' 'Refinement description' 
# 
loop_
_pdbx_audit_revision_category.ordinal 
_pdbx_audit_revision_category.revision_ordinal 
_pdbx_audit_revision_category.data_content_type 
_pdbx_audit_revision_category.category 
1 2 'Structure model' chem_comp_atom                
2 2 'Structure model' chem_comp_bond                
3 2 'Structure model' database_2                    
4 2 'Structure model' pdbx_initial_refinement_model 
5 2 'Structure model' struct_site                   
# 
loop_
_pdbx_audit_revision_item.ordinal 
_pdbx_audit_revision_item.revision_ordinal 
_pdbx_audit_revision_item.data_content_type 
_pdbx_audit_revision_item.item 
1 2 'Structure model' '_database_2.pdbx_DOI'                
2 2 'Structure model' '_database_2.pdbx_database_accession' 
3 2 'Structure model' '_struct_site.pdbx_auth_asym_id'      
4 2 'Structure model' '_struct_site.pdbx_auth_comp_id'      
5 2 'Structure model' '_struct_site.pdbx_auth_seq_id'       
# 
loop_
_software.name 
_software.classification 
_software.version 
_software.citation_id 
_software.pdbx_ordinal 
CBASS    'data collection' .                            ? 1 
PHENIX   'model building'  .                            ? 2 
PHENIX   refinement        '(phenix.refine: 1.7.1_743)' ? 3 
HKL-2000 'data reduction'  .                            ? 4 
HKL-2000 'data scaling'    .                            ? 5 
PHENIX   phasing           .                            ? 6 
# 
loop_
_pdbx_validate_torsion.id 
_pdbx_validate_torsion.PDB_model_num 
_pdbx_validate_torsion.auth_comp_id 
_pdbx_validate_torsion.auth_asym_id 
_pdbx_validate_torsion.auth_seq_id 
_pdbx_validate_torsion.PDB_ins_code 
_pdbx_validate_torsion.label_alt_id 
_pdbx_validate_torsion.phi 
_pdbx_validate_torsion.psi 
1 1 ALA A 63  ? ? -156.98 62.42  
2 1 VAL A 90  ? ? -97.73  -66.40 
3 1 SER A 93  ? ? -138.56 -91.54 
4 1 LYS A 145 ? ? -108.24 65.85  
# 
loop_
_pdbx_unobs_or_zero_occ_residues.id 
_pdbx_unobs_or_zero_occ_residues.PDB_model_num 
_pdbx_unobs_or_zero_occ_residues.polymer_flag 
_pdbx_unobs_or_zero_occ_residues.occupancy_flag 
_pdbx_unobs_or_zero_occ_residues.auth_asym_id 
_pdbx_unobs_or_zero_occ_residues.auth_comp_id 
_pdbx_unobs_or_zero_occ_residues.auth_seq_id 
_pdbx_unobs_or_zero_occ_residues.PDB_ins_code 
_pdbx_unobs_or_zero_occ_residues.label_asym_id 
_pdbx_unobs_or_zero_occ_residues.label_comp_id 
_pdbx_unobs_or_zero_occ_residues.label_seq_id 
1  1 Y 1 A MET 1   ? A MET 1   
2  1 Y 1 A LEU 2   ? A LEU 2   
3  1 Y 1 A LYS 213 ? A LYS 213 
4  1 Y 1 A CYS 214 ? A CYS 214 
5  1 Y 1 A LYS 215 ? A LYS 215 
6  1 Y 1 A GLY 216 ? A GLY 216 
7  1 Y 1 A ALA 217 ? A ALA 217 
8  1 Y 1 A ILE 218 ? A ILE 218 
9  1 Y 1 A PHE 219 ? A PHE 219 
10 1 Y 1 A ARG 220 ? A ARG 220 
11 1 Y 1 A LYS 221 ? A LYS 221 
12 1 Y 1 A LYS 222 ? A LYS 222 
# 
loop_
_chem_comp_atom.comp_id 
_chem_comp_atom.atom_id 
_chem_comp_atom.type_symbol 
_chem_comp_atom.pdbx_aromatic_flag 
_chem_comp_atom.pdbx_stereo_config 
_chem_comp_atom.pdbx_ordinal 
ALA N    N N N 1   
ALA CA   C N S 2   
ALA C    C N N 3   
ALA O    O N N 4   
ALA CB   C N N 5   
ALA OXT  O N N 6   
ALA H    H N N 7   
ALA H2   H N N 8   
ALA HA   H N N 9   
ALA HB1  H N N 10  
ALA HB2  H N N 11  
ALA HB3  H N N 12  
ALA HXT  H N N 13  
ARG N    N N N 14  
ARG CA   C N S 15  
ARG C    C N N 16  
ARG O    O N N 17  
ARG CB   C N N 18  
ARG CG   C N N 19  
ARG CD   C N N 20  
ARG NE   N N N 21  
ARG CZ   C N N 22  
ARG NH1  N N N 23  
ARG NH2  N N N 24  
ARG OXT  O N N 25  
ARG H    H N N 26  
ARG H2   H N N 27  
ARG HA   H N N 28  
ARG HB2  H N N 29  
ARG HB3  H N N 30  
ARG HG2  H N N 31  
ARG HG3  H N N 32  
ARG HD2  H N N 33  
ARG HD3  H N N 34  
ARG HE   H N N 35  
ARG HH11 H N N 36  
ARG HH12 H N N 37  
ARG HH21 H N N 38  
ARG HH22 H N N 39  
ARG HXT  H N N 40  
ASN N    N N N 41  
ASN CA   C N S 42  
ASN C    C N N 43  
ASN O    O N N 44  
ASN CB   C N N 45  
ASN CG   C N N 46  
ASN OD1  O N N 47  
ASN ND2  N N N 48  
ASN OXT  O N N 49  
ASN H    H N N 50  
ASN H2   H N N 51  
ASN HA   H N N 52  
ASN HB2  H N N 53  
ASN HB3  H N N 54  
ASN HD21 H N N 55  
ASN HD22 H N N 56  
ASN HXT  H N N 57  
ASP N    N N N 58  
ASP CA   C N S 59  
ASP C    C N N 60  
ASP O    O N N 61  
ASP CB   C N N 62  
ASP CG   C N N 63  
ASP OD1  O N N 64  
ASP OD2  O N N 65  
ASP OXT  O N N 66  
ASP H    H N N 67  
ASP H2   H N N 68  
ASP HA   H N N 69  
ASP HB2  H N N 70  
ASP HB3  H N N 71  
ASP HD2  H N N 72  
ASP HXT  H N N 73  
CYS N    N N N 74  
CYS CA   C N R 75  
CYS C    C N N 76  
CYS O    O N N 77  
CYS CB   C N N 78  
CYS SG   S N N 79  
CYS OXT  O N N 80  
CYS H    H N N 81  
CYS H2   H N N 82  
CYS HA   H N N 83  
CYS HB2  H N N 84  
CYS HB3  H N N 85  
CYS HG   H N N 86  
CYS HXT  H N N 87  
GLN N    N N N 88  
GLN CA   C N S 89  
GLN C    C N N 90  
GLN O    O N N 91  
GLN CB   C N N 92  
GLN CG   C N N 93  
GLN CD   C N N 94  
GLN OE1  O N N 95  
GLN NE2  N N N 96  
GLN OXT  O N N 97  
GLN H    H N N 98  
GLN H2   H N N 99  
GLN HA   H N N 100 
GLN HB2  H N N 101 
GLN HB3  H N N 102 
GLN HG2  H N N 103 
GLN HG3  H N N 104 
GLN HE21 H N N 105 
GLN HE22 H N N 106 
GLN HXT  H N N 107 
GLU N    N N N 108 
GLU CA   C N S 109 
GLU C    C N N 110 
GLU O    O N N 111 
GLU CB   C N N 112 
GLU CG   C N N 113 
GLU CD   C N N 114 
GLU OE1  O N N 115 
GLU OE2  O N N 116 
GLU OXT  O N N 117 
GLU H    H N N 118 
GLU H2   H N N 119 
GLU HA   H N N 120 
GLU HB2  H N N 121 
GLU HB3  H N N 122 
GLU HG2  H N N 123 
GLU HG3  H N N 124 
GLU HE2  H N N 125 
GLU HXT  H N N 126 
GLY N    N N N 127 
GLY CA   C N N 128 
GLY C    C N N 129 
GLY O    O N N 130 
GLY OXT  O N N 131 
GLY H    H N N 132 
GLY H2   H N N 133 
GLY HA2  H N N 134 
GLY HA3  H N N 135 
GLY HXT  H N N 136 
HIS N    N N N 137 
HIS CA   C N S 138 
HIS C    C N N 139 
HIS O    O N N 140 
HIS CB   C N N 141 
HIS CG   C Y N 142 
HIS ND1  N Y N 143 
HIS CD2  C Y N 144 
HIS CE1  C Y N 145 
HIS NE2  N Y N 146 
HIS OXT  O N N 147 
HIS H    H N N 148 
HIS H2   H N N 149 
HIS HA   H N N 150 
HIS HB2  H N N 151 
HIS HB3  H N N 152 
HIS HD1  H N N 153 
HIS HD2  H N N 154 
HIS HE1  H N N 155 
HIS HE2  H N N 156 
HIS HXT  H N N 157 
HOH O    O N N 158 
HOH H1   H N N 159 
HOH H2   H N N 160 
ILE N    N N N 161 
ILE CA   C N S 162 
ILE C    C N N 163 
ILE O    O N N 164 
ILE CB   C N S 165 
ILE CG1  C N N 166 
ILE CG2  C N N 167 
ILE CD1  C N N 168 
ILE OXT  O N N 169 
ILE H    H N N 170 
ILE H2   H N N 171 
ILE HA   H N N 172 
ILE HB   H N N 173 
ILE HG12 H N N 174 
ILE HG13 H N N 175 
ILE HG21 H N N 176 
ILE HG22 H N N 177 
ILE HG23 H N N 178 
ILE HD11 H N N 179 
ILE HD12 H N N 180 
ILE HD13 H N N 181 
ILE HXT  H N N 182 
LEU N    N N N 183 
LEU CA   C N S 184 
LEU C    C N N 185 
LEU O    O N N 186 
LEU CB   C N N 187 
LEU CG   C N N 188 
LEU CD1  C N N 189 
LEU CD2  C N N 190 
LEU OXT  O N N 191 
LEU H    H N N 192 
LEU H2   H N N 193 
LEU HA   H N N 194 
LEU HB2  H N N 195 
LEU HB3  H N N 196 
LEU HG   H N N 197 
LEU HD11 H N N 198 
LEU HD12 H N N 199 
LEU HD13 H N N 200 
LEU HD21 H N N 201 
LEU HD22 H N N 202 
LEU HD23 H N N 203 
LEU HXT  H N N 204 
LYS N    N N N 205 
LYS CA   C N S 206 
LYS C    C N N 207 
LYS O    O N N 208 
LYS CB   C N N 209 
LYS CG   C N N 210 
LYS CD   C N N 211 
LYS CE   C N N 212 
LYS NZ   N N N 213 
LYS OXT  O N N 214 
LYS H    H N N 215 
LYS H2   H N N 216 
LYS HA   H N N 217 
LYS HB2  H N N 218 
LYS HB3  H N N 219 
LYS HG2  H N N 220 
LYS HG3  H N N 221 
LYS HD2  H N N 222 
LYS HD3  H N N 223 
LYS HE2  H N N 224 
LYS HE3  H N N 225 
LYS HZ1  H N N 226 
LYS HZ2  H N N 227 
LYS HZ3  H N N 228 
LYS HXT  H N N 229 
MET N    N N N 230 
MET CA   C N S 231 
MET C    C N N 232 
MET O    O N N 233 
MET CB   C N N 234 
MET CG   C N N 235 
MET SD   S N N 236 
MET CE   C N N 237 
MET OXT  O N N 238 
MET H    H N N 239 
MET H2   H N N 240 
MET HA   H N N 241 
MET HB2  H N N 242 
MET HB3  H N N 243 
MET HG2  H N N 244 
MET HG3  H N N 245 
MET HE1  H N N 246 
MET HE2  H N N 247 
MET HE3  H N N 248 
MET HXT  H N N 249 
PHE N    N N N 250 
PHE CA   C N S 251 
PHE C    C N N 252 
PHE O    O N N 253 
PHE CB   C N N 254 
PHE CG   C Y N 255 
PHE CD1  C Y N 256 
PHE CD2  C Y N 257 
PHE CE1  C Y N 258 
PHE CE2  C Y N 259 
PHE CZ   C Y N 260 
PHE OXT  O N N 261 
PHE H    H N N 262 
PHE H2   H N N 263 
PHE HA   H N N 264 
PHE HB2  H N N 265 
PHE HB3  H N N 266 
PHE HD1  H N N 267 
PHE HD2  H N N 268 
PHE HE1  H N N 269 
PHE HE2  H N N 270 
PHE HZ   H N N 271 
PHE HXT  H N N 272 
PRO N    N N N 273 
PRO CA   C N S 274 
PRO C    C N N 275 
PRO O    O N N 276 
PRO CB   C N N 277 
PRO CG   C N N 278 
PRO CD   C N N 279 
PRO OXT  O N N 280 
PRO H    H N N 281 
PRO HA   H N N 282 
PRO HB2  H N N 283 
PRO HB3  H N N 284 
PRO HG2  H N N 285 
PRO HG3  H N N 286 
PRO HD2  H N N 287 
PRO HD3  H N N 288 
PRO HXT  H N N 289 
SER N    N N N 290 
SER CA   C N S 291 
SER C    C N N 292 
SER O    O N N 293 
SER CB   C N N 294 
SER OG   O N N 295 
SER OXT  O N N 296 
SER H    H N N 297 
SER H2   H N N 298 
SER HA   H N N 299 
SER HB2  H N N 300 
SER HB3  H N N 301 
SER HG   H N N 302 
SER HXT  H N N 303 
SO4 S    S N N 304 
SO4 O1   O N N 305 
SO4 O2   O N N 306 
SO4 O3   O N N 307 
SO4 O4   O N N 308 
THR N    N N N 309 
THR CA   C N S 310 
THR C    C N N 311 
THR O    O N N 312 
THR CB   C N R 313 
THR OG1  O N N 314 
THR CG2  C N N 315 
THR OXT  O N N 316 
THR H    H N N 317 
THR H2   H N N 318 
THR HA   H N N 319 
THR HB   H N N 320 
THR HG1  H N N 321 
THR HG21 H N N 322 
THR HG22 H N N 323 
THR HG23 H N N 324 
THR HXT  H N N 325 
TRP N    N N N 326 
TRP CA   C N S 327 
TRP C    C N N 328 
TRP O    O N N 329 
TRP CB   C N N 330 
TRP CG   C Y N 331 
TRP CD1  C Y N 332 
TRP CD2  C Y N 333 
TRP NE1  N Y N 334 
TRP CE2  C Y N 335 
TRP CE3  C Y N 336 
TRP CZ2  C Y N 337 
TRP CZ3  C Y N 338 
TRP CH2  C Y N 339 
TRP OXT  O N N 340 
TRP H    H N N 341 
TRP H2   H N N 342 
TRP HA   H N N 343 
TRP HB2  H N N 344 
TRP HB3  H N N 345 
TRP HD1  H N N 346 
TRP HE1  H N N 347 
TRP HE3  H N N 348 
TRP HZ2  H N N 349 
TRP HZ3  H N N 350 
TRP HH2  H N N 351 
TRP HXT  H N N 352 
TYR N    N N N 353 
TYR CA   C N S 354 
TYR C    C N N 355 
TYR O    O N N 356 
TYR CB   C N N 357 
TYR CG   C Y N 358 
TYR CD1  C Y N 359 
TYR CD2  C Y N 360 
TYR CE1  C Y N 361 
TYR CE2  C Y N 362 
TYR CZ   C Y N 363 
TYR OH   O N N 364 
TYR OXT  O N N 365 
TYR H    H N N 366 
TYR H2   H N N 367 
TYR HA   H N N 368 
TYR HB2  H N N 369 
TYR HB3  H N N 370 
TYR HD1  H N N 371 
TYR HD2  H N N 372 
TYR HE1  H N N 373 
TYR HE2  H N N 374 
TYR HH   H N N 375 
TYR HXT  H N N 376 
VAL N    N N N 377 
VAL CA   C N S 378 
VAL C    C N N 379 
VAL O    O N N 380 
VAL CB   C N N 381 
VAL CG1  C N N 382 
VAL CG2  C N N 383 
VAL OXT  O N N 384 
VAL H    H N N 385 
VAL H2   H N N 386 
VAL HA   H N N 387 
VAL HB   H N N 388 
VAL HG11 H N N 389 
VAL HG12 H N N 390 
VAL HG13 H N N 391 
VAL HG21 H N N 392 
VAL HG22 H N N 393 
VAL HG23 H N N 394 
VAL HXT  H N N 395 
# 
loop_
_chem_comp_bond.comp_id 
_chem_comp_bond.atom_id_1 
_chem_comp_bond.atom_id_2 
_chem_comp_bond.value_order 
_chem_comp_bond.pdbx_aromatic_flag 
_chem_comp_bond.pdbx_stereo_config 
_chem_comp_bond.pdbx_ordinal 
ALA N   CA   sing N N 1   
ALA N   H    sing N N 2   
ALA N   H2   sing N N 3   
ALA CA  C    sing N N 4   
ALA CA  CB   sing N N 5   
ALA CA  HA   sing N N 6   
ALA C   O    doub N N 7   
ALA C   OXT  sing N N 8   
ALA CB  HB1  sing N N 9   
ALA CB  HB2  sing N N 10  
ALA CB  HB3  sing N N 11  
ALA OXT HXT  sing N N 12  
ARG N   CA   sing N N 13  
ARG N   H    sing N N 14  
ARG N   H2   sing N N 15  
ARG CA  C    sing N N 16  
ARG CA  CB   sing N N 17  
ARG CA  HA   sing N N 18  
ARG C   O    doub N N 19  
ARG C   OXT  sing N N 20  
ARG CB  CG   sing N N 21  
ARG CB  HB2  sing N N 22  
ARG CB  HB3  sing N N 23  
ARG CG  CD   sing N N 24  
ARG CG  HG2  sing N N 25  
ARG CG  HG3  sing N N 26  
ARG CD  NE   sing N N 27  
ARG CD  HD2  sing N N 28  
ARG CD  HD3  sing N N 29  
ARG NE  CZ   sing N N 30  
ARG NE  HE   sing N N 31  
ARG CZ  NH1  sing N N 32  
ARG CZ  NH2  doub N N 33  
ARG NH1 HH11 sing N N 34  
ARG NH1 HH12 sing N N 35  
ARG NH2 HH21 sing N N 36  
ARG NH2 HH22 sing N N 37  
ARG OXT HXT  sing N N 38  
ASN N   CA   sing N N 39  
ASN N   H    sing N N 40  
ASN N   H2   sing N N 41  
ASN CA  C    sing N N 42  
ASN CA  CB   sing N N 43  
ASN CA  HA   sing N N 44  
ASN C   O    doub N N 45  
ASN C   OXT  sing N N 46  
ASN CB  CG   sing N N 47  
ASN CB  HB2  sing N N 48  
ASN CB  HB3  sing N N 49  
ASN CG  OD1  doub N N 50  
ASN CG  ND2  sing N N 51  
ASN ND2 HD21 sing N N 52  
ASN ND2 HD22 sing N N 53  
ASN OXT HXT  sing N N 54  
ASP N   CA   sing N N 55  
ASP N   H    sing N N 56  
ASP N   H2   sing N N 57  
ASP CA  C    sing N N 58  
ASP CA  CB   sing N N 59  
ASP CA  HA   sing N N 60  
ASP C   O    doub N N 61  
ASP C   OXT  sing N N 62  
ASP CB  CG   sing N N 63  
ASP CB  HB2  sing N N 64  
ASP CB  HB3  sing N N 65  
ASP CG  OD1  doub N N 66  
ASP CG  OD2  sing N N 67  
ASP OD2 HD2  sing N N 68  
ASP OXT HXT  sing N N 69  
CYS N   CA   sing N N 70  
CYS N   H    sing N N 71  
CYS N   H2   sing N N 72  
CYS CA  C    sing N N 73  
CYS CA  CB   sing N N 74  
CYS CA  HA   sing N N 75  
CYS C   O    doub N N 76  
CYS C   OXT  sing N N 77  
CYS CB  SG   sing N N 78  
CYS CB  HB2  sing N N 79  
CYS CB  HB3  sing N N 80  
CYS SG  HG   sing N N 81  
CYS OXT HXT  sing N N 82  
GLN N   CA   sing N N 83  
GLN N   H    sing N N 84  
GLN N   H2   sing N N 85  
GLN CA  C    sing N N 86  
GLN CA  CB   sing N N 87  
GLN CA  HA   sing N N 88  
GLN C   O    doub N N 89  
GLN C   OXT  sing N N 90  
GLN CB  CG   sing N N 91  
GLN CB  HB2  sing N N 92  
GLN CB  HB3  sing N N 93  
GLN CG  CD   sing N N 94  
GLN CG  HG2  sing N N 95  
GLN CG  HG3  sing N N 96  
GLN CD  OE1  doub N N 97  
GLN CD  NE2  sing N N 98  
GLN NE2 HE21 sing N N 99  
GLN NE2 HE22 sing N N 100 
GLN OXT HXT  sing N N 101 
GLU N   CA   sing N N 102 
GLU N   H    sing N N 103 
GLU N   H2   sing N N 104 
GLU CA  C    sing N N 105 
GLU CA  CB   sing N N 106 
GLU CA  HA   sing N N 107 
GLU C   O    doub N N 108 
GLU C   OXT  sing N N 109 
GLU CB  CG   sing N N 110 
GLU CB  HB2  sing N N 111 
GLU CB  HB3  sing N N 112 
GLU CG  CD   sing N N 113 
GLU CG  HG2  sing N N 114 
GLU CG  HG3  sing N N 115 
GLU CD  OE1  doub N N 116 
GLU CD  OE2  sing N N 117 
GLU OE2 HE2  sing N N 118 
GLU OXT HXT  sing N N 119 
GLY N   CA   sing N N 120 
GLY N   H    sing N N 121 
GLY N   H2   sing N N 122 
GLY CA  C    sing N N 123 
GLY CA  HA2  sing N N 124 
GLY CA  HA3  sing N N 125 
GLY C   O    doub N N 126 
GLY C   OXT  sing N N 127 
GLY OXT HXT  sing N N 128 
HIS N   CA   sing N N 129 
HIS N   H    sing N N 130 
HIS N   H2   sing N N 131 
HIS CA  C    sing N N 132 
HIS CA  CB   sing N N 133 
HIS CA  HA   sing N N 134 
HIS C   O    doub N N 135 
HIS C   OXT  sing N N 136 
HIS CB  CG   sing N N 137 
HIS CB  HB2  sing N N 138 
HIS CB  HB3  sing N N 139 
HIS CG  ND1  sing Y N 140 
HIS CG  CD2  doub Y N 141 
HIS ND1 CE1  doub Y N 142 
HIS ND1 HD1  sing N N 143 
HIS CD2 NE2  sing Y N 144 
HIS CD2 HD2  sing N N 145 
HIS CE1 NE2  sing Y N 146 
HIS CE1 HE1  sing N N 147 
HIS NE2 HE2  sing N N 148 
HIS OXT HXT  sing N N 149 
HOH O   H1   sing N N 150 
HOH O   H2   sing N N 151 
ILE N   CA   sing N N 152 
ILE N   H    sing N N 153 
ILE N   H2   sing N N 154 
ILE CA  C    sing N N 155 
ILE CA  CB   sing N N 156 
ILE CA  HA   sing N N 157 
ILE C   O    doub N N 158 
ILE C   OXT  sing N N 159 
ILE CB  CG1  sing N N 160 
ILE CB  CG2  sing N N 161 
ILE CB  HB   sing N N 162 
ILE CG1 CD1  sing N N 163 
ILE CG1 HG12 sing N N 164 
ILE CG1 HG13 sing N N 165 
ILE CG2 HG21 sing N N 166 
ILE CG2 HG22 sing N N 167 
ILE CG2 HG23 sing N N 168 
ILE CD1 HD11 sing N N 169 
ILE CD1 HD12 sing N N 170 
ILE CD1 HD13 sing N N 171 
ILE OXT HXT  sing N N 172 
LEU N   CA   sing N N 173 
LEU N   H    sing N N 174 
LEU N   H2   sing N N 175 
LEU CA  C    sing N N 176 
LEU CA  CB   sing N N 177 
LEU CA  HA   sing N N 178 
LEU C   O    doub N N 179 
LEU C   OXT  sing N N 180 
LEU CB  CG   sing N N 181 
LEU CB  HB2  sing N N 182 
LEU CB  HB3  sing N N 183 
LEU CG  CD1  sing N N 184 
LEU CG  CD2  sing N N 185 
LEU CG  HG   sing N N 186 
LEU CD1 HD11 sing N N 187 
LEU CD1 HD12 sing N N 188 
LEU CD1 HD13 sing N N 189 
LEU CD2 HD21 sing N N 190 
LEU CD2 HD22 sing N N 191 
LEU CD2 HD23 sing N N 192 
LEU OXT HXT  sing N N 193 
LYS N   CA   sing N N 194 
LYS N   H    sing N N 195 
LYS N   H2   sing N N 196 
LYS CA  C    sing N N 197 
LYS CA  CB   sing N N 198 
LYS CA  HA   sing N N 199 
LYS C   O    doub N N 200 
LYS C   OXT  sing N N 201 
LYS CB  CG   sing N N 202 
LYS CB  HB2  sing N N 203 
LYS CB  HB3  sing N N 204 
LYS CG  CD   sing N N 205 
LYS CG  HG2  sing N N 206 
LYS CG  HG3  sing N N 207 
LYS CD  CE   sing N N 208 
LYS CD  HD2  sing N N 209 
LYS CD  HD3  sing N N 210 
LYS CE  NZ   sing N N 211 
LYS CE  HE2  sing N N 212 
LYS CE  HE3  sing N N 213 
LYS NZ  HZ1  sing N N 214 
LYS NZ  HZ2  sing N N 215 
LYS NZ  HZ3  sing N N 216 
LYS OXT HXT  sing N N 217 
MET N   CA   sing N N 218 
MET N   H    sing N N 219 
MET N   H2   sing N N 220 
MET CA  C    sing N N 221 
MET CA  CB   sing N N 222 
MET CA  HA   sing N N 223 
MET C   O    doub N N 224 
MET C   OXT  sing N N 225 
MET CB  CG   sing N N 226 
MET CB  HB2  sing N N 227 
MET CB  HB3  sing N N 228 
MET CG  SD   sing N N 229 
MET CG  HG2  sing N N 230 
MET CG  HG3  sing N N 231 
MET SD  CE   sing N N 232 
MET CE  HE1  sing N N 233 
MET CE  HE2  sing N N 234 
MET CE  HE3  sing N N 235 
MET OXT HXT  sing N N 236 
PHE N   CA   sing N N 237 
PHE N   H    sing N N 238 
PHE N   H2   sing N N 239 
PHE CA  C    sing N N 240 
PHE CA  CB   sing N N 241 
PHE CA  HA   sing N N 242 
PHE C   O    doub N N 243 
PHE C   OXT  sing N N 244 
PHE CB  CG   sing N N 245 
PHE CB  HB2  sing N N 246 
PHE CB  HB3  sing N N 247 
PHE CG  CD1  doub Y N 248 
PHE CG  CD2  sing Y N 249 
PHE CD1 CE1  sing Y N 250 
PHE CD1 HD1  sing N N 251 
PHE CD2 CE2  doub Y N 252 
PHE CD2 HD2  sing N N 253 
PHE CE1 CZ   doub Y N 254 
PHE CE1 HE1  sing N N 255 
PHE CE2 CZ   sing Y N 256 
PHE CE2 HE2  sing N N 257 
PHE CZ  HZ   sing N N 258 
PHE OXT HXT  sing N N 259 
PRO N   CA   sing N N 260 
PRO N   CD   sing N N 261 
PRO N   H    sing N N 262 
PRO CA  C    sing N N 263 
PRO CA  CB   sing N N 264 
PRO CA  HA   sing N N 265 
PRO C   O    doub N N 266 
PRO C   OXT  sing N N 267 
PRO CB  CG   sing N N 268 
PRO CB  HB2  sing N N 269 
PRO CB  HB3  sing N N 270 
PRO CG  CD   sing N N 271 
PRO CG  HG2  sing N N 272 
PRO CG  HG3  sing N N 273 
PRO CD  HD2  sing N N 274 
PRO CD  HD3  sing N N 275 
PRO OXT HXT  sing N N 276 
SER N   CA   sing N N 277 
SER N   H    sing N N 278 
SER N   H2   sing N N 279 
SER CA  C    sing N N 280 
SER CA  CB   sing N N 281 
SER CA  HA   sing N N 282 
SER C   O    doub N N 283 
SER C   OXT  sing N N 284 
SER CB  OG   sing N N 285 
SER CB  HB2  sing N N 286 
SER CB  HB3  sing N N 287 
SER OG  HG   sing N N 288 
SER OXT HXT  sing N N 289 
SO4 S   O1   doub N N 290 
SO4 S   O2   doub N N 291 
SO4 S   O3   sing N N 292 
SO4 S   O4   sing N N 293 
THR N   CA   sing N N 294 
THR N   H    sing N N 295 
THR N   H2   sing N N 296 
THR CA  C    sing N N 297 
THR CA  CB   sing N N 298 
THR CA  HA   sing N N 299 
THR C   O    doub N N 300 
THR C   OXT  sing N N 301 
THR CB  OG1  sing N N 302 
THR CB  CG2  sing N N 303 
THR CB  HB   sing N N 304 
THR OG1 HG1  sing N N 305 
THR CG2 HG21 sing N N 306 
THR CG2 HG22 sing N N 307 
THR CG2 HG23 sing N N 308 
THR OXT HXT  sing N N 309 
TRP N   CA   sing N N 310 
TRP N   H    sing N N 311 
TRP N   H2   sing N N 312 
TRP CA  C    sing N N 313 
TRP CA  CB   sing N N 314 
TRP CA  HA   sing N N 315 
TRP C   O    doub N N 316 
TRP C   OXT  sing N N 317 
TRP CB  CG   sing N N 318 
TRP CB  HB2  sing N N 319 
TRP CB  HB3  sing N N 320 
TRP CG  CD1  doub Y N 321 
TRP CG  CD2  sing Y N 322 
TRP CD1 NE1  sing Y N 323 
TRP CD1 HD1  sing N N 324 
TRP CD2 CE2  doub Y N 325 
TRP CD2 CE3  sing Y N 326 
TRP NE1 CE2  sing Y N 327 
TRP NE1 HE1  sing N N 328 
TRP CE2 CZ2  sing Y N 329 
TRP CE3 CZ3  doub Y N 330 
TRP CE3 HE3  sing N N 331 
TRP CZ2 CH2  doub Y N 332 
TRP CZ2 HZ2  sing N N 333 
TRP CZ3 CH2  sing Y N 334 
TRP CZ3 HZ3  sing N N 335 
TRP CH2 HH2  sing N N 336 
TRP OXT HXT  sing N N 337 
TYR N   CA   sing N N 338 
TYR N   H    sing N N 339 
TYR N   H2   sing N N 340 
TYR CA  C    sing N N 341 
TYR CA  CB   sing N N 342 
TYR CA  HA   sing N N 343 
TYR C   O    doub N N 344 
TYR C   OXT  sing N N 345 
TYR CB  CG   sing N N 346 
TYR CB  HB2  sing N N 347 
TYR CB  HB3  sing N N 348 
TYR CG  CD1  doub Y N 349 
TYR CG  CD2  sing Y N 350 
TYR CD1 CE1  sing Y N 351 
TYR CD1 HD1  sing N N 352 
TYR CD2 CE2  doub Y N 353 
TYR CD2 HD2  sing N N 354 
TYR CE1 CZ   doub Y N 355 
TYR CE1 HE1  sing N N 356 
TYR CE2 CZ   sing Y N 357 
TYR CE2 HE2  sing N N 358 
TYR CZ  OH   sing N N 359 
TYR OH  HH   sing N N 360 
TYR OXT HXT  sing N N 361 
VAL N   CA   sing N N 362 
VAL N   H    sing N N 363 
VAL N   H2   sing N N 364 
VAL CA  C    sing N N 365 
VAL CA  CB   sing N N 366 
VAL CA  HA   sing N N 367 
VAL C   O    doub N N 368 
VAL C   OXT  sing N N 369 
VAL CB  CG1  sing N N 370 
VAL CB  CG2  sing N N 371 
VAL CB  HB   sing N N 372 
VAL CG1 HG11 sing N N 373 
VAL CG1 HG12 sing N N 374 
VAL CG1 HG13 sing N N 375 
VAL CG2 HG21 sing N N 376 
VAL CG2 HG22 sing N N 377 
VAL CG2 HG23 sing N N 378 
VAL OXT HXT  sing N N 379 
# 
loop_
_pdbx_entity_nonpoly.entity_id 
_pdbx_entity_nonpoly.name 
_pdbx_entity_nonpoly.comp_id 
2 'SULFATE ION' SO4 
3 water         HOH 
# 
_pdbx_initial_refinement_model.id               1 
_pdbx_initial_refinement_model.entity_id_list   ? 
_pdbx_initial_refinement_model.type             'experimental model' 
_pdbx_initial_refinement_model.source_name      PDB 
_pdbx_initial_refinement_model.accession_code   3VE9 
_pdbx_initial_refinement_model.details          ? 
# 
